data_4ISK
#
_entry.id   4ISK
#
_cell.length_a   95.900
_cell.length_b   85.500
_cell.length_c   134.300
_cell.angle_alpha   90.00
_cell.angle_beta   109.40
_cell.angle_gamma   90.00
#
_symmetry.space_group_name_H-M   'P 1 21 1'
#
loop_
_entity.id
_entity.type
_entity.pdbx_description
1 polymer 'Thymidylate synthase'
2 non-polymer "2'-DEOXYURIDINE 5'-MONOPHOSPHATE"
3 non-polymer 'MAGNESIUM ION'
4 non-polymer 'N-(4-{[(6S)-2-(hydroxymethyl)-4-oxo-4,6,7,8-tetrahydro-1H-cyclopenta[g]quinazolin-6-yl](prop-2-yn-1-yl)amino}benzoyl)-L-gamma-glutamyl-D-glutamic acid'
5 non-polymer "2'-deoxy-5'-uridylic acid"
6 water water
#
_entity_poly.entity_id   1
_entity_poly.type   'polypeptide(L)'
_entity_poly.pdbx_seq_one_letter_code
;(CXM)KQYLELMQKVLDEGTQKNDRTGTGTLSIFGHQMRFNLQDGFPLVTTKRCHLRSIIHELLWFLQGDTNIAYLHENN
VTIWDEWADENGDLGPVYGKQWRAWPTPDGRHIDQITTVLNQLKNDPDSRRIIVSAWNVGELDKMALAPCHAFFQFYVAD
GKLSCQLYQRSCDVFLGLPFNIASYALLVHMMAQQCDLEVGDFVWTGGDTHLYSNHMDQTHLQLSREPRPLPKLIIKRKP
ESIFDYRFEDFEIEGYDPHPGIKAPVAI
;
_entity_poly.pdbx_strand_id   A,B,C,D,E,F,G,H
#
# COMPACT_ATOMS: atom_id res chain seq x y z
N LYS A 2 12.04 33.29 -10.14
CA LYS A 2 13.01 34.35 -10.02
C LYS A 2 13.80 34.32 -8.69
N GLN A 3 13.11 34.15 -7.56
CA GLN A 3 13.80 34.16 -6.27
C GLN A 3 14.65 32.94 -6.09
N TYR A 4 14.24 31.85 -6.73
CA TYR A 4 14.96 30.62 -6.57
C TYR A 4 16.27 30.71 -7.34
N LEU A 5 16.21 31.18 -8.58
CA LEU A 5 17.38 31.33 -9.38
C LEU A 5 18.31 32.37 -8.77
N GLU A 6 17.73 33.43 -8.23
CA GLU A 6 18.55 34.44 -7.55
C GLU A 6 19.33 33.84 -6.40
N LEU A 7 18.68 32.97 -5.65
CA LEU A 7 19.32 32.28 -4.54
C LEU A 7 20.41 31.37 -5.02
N MET A 8 20.14 30.64 -6.09
CA MET A 8 21.14 29.76 -6.65
C MET A 8 22.38 30.55 -7.05
N GLN A 9 22.16 31.68 -7.70
CA GLN A 9 23.26 32.51 -8.14
C GLN A 9 24.04 33.09 -6.95
N LYS A 10 23.30 33.51 -5.93
CA LYS A 10 23.95 34.05 -4.74
C LYS A 10 24.86 33.00 -4.10
N VAL A 11 24.43 31.73 -4.06
CA VAL A 11 25.26 30.71 -3.44
C VAL A 11 26.55 30.55 -4.24
N LEU A 12 26.43 30.56 -5.57
CA LEU A 12 27.60 30.53 -6.46
C LEU A 12 28.53 31.72 -6.23
N ASP A 13 27.94 32.91 -6.20
CA ASP A 13 28.70 34.16 -6.08
C ASP A 13 29.31 34.38 -4.69
N GLU A 14 28.57 34.03 -3.65
CA GLU A 14 28.94 34.39 -2.29
C GLU A 14 29.17 33.22 -1.35
N GLY A 15 28.90 32.00 -1.81
CA GLY A 15 29.07 30.83 -0.98
C GLY A 15 30.52 30.55 -0.67
N THR A 16 30.75 29.99 0.51
CA THR A 16 32.07 29.54 0.91
C THR A 16 32.15 28.04 0.73
N GLN A 17 33.33 27.56 0.38
CA GLN A 17 33.49 26.10 0.20
C GLN A 17 33.50 25.46 1.58
N LYS A 18 32.75 24.38 1.76
CA LYS A 18 32.53 23.88 3.11
C LYS A 18 32.25 22.39 3.03
N ASN A 19 32.95 21.62 3.87
CA ASN A 19 32.79 20.18 3.87
C ASN A 19 31.46 19.81 4.45
N ASP A 20 31.07 18.55 4.32
CA ASP A 20 29.74 18.20 4.78
C ASP A 20 29.69 16.77 5.28
N ARG A 21 28.65 16.53 6.07
CA ARG A 21 28.37 15.25 6.69
C ARG A 21 28.49 14.10 5.68
N THR A 22 27.98 14.35 4.48
CA THR A 22 27.86 13.34 3.41
C THR A 22 29.18 12.92 2.74
N GLY A 23 30.21 13.76 2.83
CA GLY A 23 31.48 13.52 2.18
C GLY A 23 31.75 14.45 0.99
N THR A 24 30.69 15.01 0.43
CA THR A 24 30.73 15.58 -0.94
C THR A 24 31.30 16.97 -1.14
N GLY A 25 31.00 17.89 -0.22
CA GLY A 25 31.49 19.25 -0.33
C GLY A 25 30.46 20.20 -0.91
N THR A 26 30.41 21.42 -0.39
CA THR A 26 29.37 22.36 -0.79
C THR A 26 29.94 23.75 -0.91
N LEU A 27 29.17 24.60 -1.58
CA LEU A 27 29.27 26.05 -1.44
C LEU A 27 28.09 26.43 -0.58
N SER A 28 28.34 27.25 0.42
CA SER A 28 27.35 27.45 1.45
C SER A 28 27.25 28.92 1.84
N ILE A 29 26.03 29.41 2.04
CA ILE A 29 25.79 30.67 2.69
C ILE A 29 24.96 30.38 3.90
N PHE A 30 24.89 31.36 4.81
CA PHE A 30 24.15 31.18 6.05
C PHE A 30 23.16 32.33 6.18
N GLY A 31 21.87 31.98 6.25
CA GLY A 31 20.85 32.99 6.40
C GLY A 31 20.41 33.50 5.06
N HIS A 32 19.14 33.21 4.75
CA HIS A 32 18.56 33.76 3.56
C HIS A 32 17.04 33.78 3.74
N GLN A 33 16.38 34.67 3.03
CA GLN A 33 14.94 34.70 3.08
C GLN A 33 14.34 35.09 1.73
N MET A 34 13.30 34.36 1.36
CA MET A 34 12.55 34.65 0.16
C MET A 34 11.07 34.63 0.52
N ARG A 35 10.28 35.31 -0.27
CA ARG A 35 8.85 35.41 -0.06
C ARG A 35 8.10 35.09 -1.37
N PHE A 36 7.05 34.28 -1.28
CA PHE A 36 6.24 33.92 -2.43
C PHE A 36 4.83 34.28 -2.10
N ASN A 37 4.31 35.24 -2.84
CA ASN A 37 2.95 35.64 -2.73
C ASN A 37 2.17 34.58 -3.47
N LEU A 38 1.49 33.75 -2.69
CA LEU A 38 0.74 32.63 -3.26
C LEU A 38 -0.43 33.07 -4.12
N GLN A 39 -0.79 34.35 -4.08
CA GLN A 39 -1.78 34.88 -5.00
C GLN A 39 -1.23 35.03 -6.42
N ASP A 40 0.08 35.11 -6.56
CA ASP A 40 0.70 35.21 -7.87
C ASP A 40 0.76 33.88 -8.61
N GLY A 41 0.45 32.79 -7.92
CA GLY A 41 0.63 31.47 -8.50
C GLY A 41 1.36 30.50 -7.57
N PHE A 42 1.27 29.21 -7.87
CA PHE A 42 1.75 28.18 -7.01
C PHE A 42 3.23 28.06 -7.29
N PRO A 43 4.04 28.10 -6.22
CA PRO A 43 5.46 28.27 -6.49
C PRO A 43 6.18 27.00 -6.78
N LEU A 44 5.90 26.42 -7.94
CA LEU A 44 6.56 25.18 -8.29
C LEU A 44 7.60 25.55 -9.34
N VAL A 45 8.87 25.29 -9.04
CA VAL A 45 10.00 25.56 -9.91
C VAL A 45 9.70 25.10 -11.36
N THR A 46 9.86 26.03 -12.28
CA THR A 46 9.63 25.77 -13.68
C THR A 46 10.93 25.60 -14.48
N THR A 47 12.09 25.97 -13.91
CA THR A 47 13.33 25.86 -14.71
C THR A 47 13.87 24.43 -14.75
N LYS A 48 13.18 23.52 -14.07
CA LYS A 48 13.31 22.09 -14.32
C LYS A 48 11.98 21.51 -13.88
N ARG A 49 11.64 20.36 -14.45
CA ARG A 49 10.45 19.70 -14.01
C ARG A 49 10.64 19.08 -12.66
N CYS A 50 9.72 19.39 -11.76
CA CYS A 50 9.75 18.80 -10.43
C CYS A 50 8.73 17.68 -10.33
N HIS A 51 9.08 16.68 -9.54
CA HIS A 51 8.19 15.54 -9.34
C HIS A 51 7.06 15.84 -8.32
N LEU A 52 6.04 16.53 -8.81
CA LEU A 52 4.93 16.98 -7.97
C LEU A 52 4.27 15.81 -7.27
N ARG A 53 4.20 14.66 -7.93
CA ARG A 53 3.49 13.55 -7.30
C ARG A 53 4.20 13.14 -6.00
N SER A 54 5.53 13.23 -6.00
CA SER A 54 6.29 12.92 -4.80
C SER A 54 6.04 13.95 -3.71
N ILE A 55 6.03 15.20 -4.10
CA ILE A 55 5.68 16.30 -3.18
C ILE A 55 4.30 16.15 -2.55
N ILE A 56 3.29 15.88 -3.38
CA ILE A 56 1.94 15.71 -2.84
C ILE A 56 1.87 14.51 -1.90
N HIS A 57 2.37 13.33 -2.31
CA HIS A 57 2.26 12.15 -1.50
C HIS A 57 3.04 12.32 -0.23
N GLU A 58 4.19 12.98 -0.30
CA GLU A 58 4.98 13.15 0.92
C GLU A 58 4.20 14.02 1.95
N LEU A 59 3.54 15.05 1.50
CA LEU A 59 2.83 15.92 2.45
C LEU A 59 1.62 15.14 3.02
N LEU A 60 0.93 14.39 2.18
CA LEU A 60 -0.23 13.64 2.67
C LEU A 60 0.21 12.69 3.73
N TRP A 61 1.41 12.16 3.51
CA TRP A 61 2.02 11.19 4.39
C TRP A 61 2.36 11.83 5.73
N PHE A 62 2.96 13.03 5.70
CA PHE A 62 3.24 13.80 6.95
C PHE A 62 1.95 13.99 7.72
N LEU A 63 0.90 14.36 7.00
CA LEU A 63 -0.36 14.74 7.61
C LEU A 63 -1.00 13.55 8.30
N GLN A 64 -0.74 12.34 7.79
CA GLN A 64 -1.24 11.15 8.47
C GLN A 64 -0.47 10.75 9.74
N GLY A 65 0.68 11.39 9.97
CA GLY A 65 1.47 11.10 11.14
C GLY A 65 2.32 9.86 10.97
N ASP A 66 2.35 9.38 9.74
CA ASP A 66 3.09 8.20 9.31
C ASP A 66 4.57 8.50 9.19
N THR A 67 5.41 7.60 9.70
CA THR A 67 6.84 7.70 9.45
C THR A 67 7.40 6.40 8.88
N ASN A 68 6.53 5.48 8.53
CA ASN A 68 6.96 4.30 7.75
C ASN A 68 6.72 4.57 6.25
N ILE A 69 7.67 4.20 5.42
CA ILE A 69 7.60 4.61 4.02
C ILE A 69 6.66 3.72 3.20
N ALA A 70 6.00 2.76 3.84
CA ALA A 70 5.12 1.85 3.10
C ALA A 70 4.15 2.64 2.21
N TYR A 71 3.47 3.61 2.79
CA TYR A 71 2.60 4.47 2.00
C TYR A 71 3.30 5.08 0.78
N LEU A 72 4.54 5.56 0.90
CA LEU A 72 5.17 6.21 -0.24
C LEU A 72 5.45 5.15 -1.28
N HIS A 73 5.89 3.98 -0.81
CA HIS A 73 6.16 2.91 -1.73
C HIS A 73 4.90 2.46 -2.41
N GLU A 74 3.75 2.42 -1.71
CA GLU A 74 2.47 2.05 -2.34
C GLU A 74 2.11 3.00 -3.50
N ASN A 75 2.59 4.23 -3.40
CA ASN A 75 2.35 5.22 -4.42
C ASN A 75 3.57 5.54 -5.31
N ASN A 76 4.55 4.63 -5.31
CA ASN A 76 5.69 4.75 -6.19
C ASN A 76 6.51 6.01 -5.95
N VAL A 77 6.70 6.37 -4.68
CA VAL A 77 7.51 7.54 -4.30
C VAL A 77 8.69 7.02 -3.53
N THR A 78 9.88 7.37 -3.98
CA THR A 78 11.11 6.77 -3.53
C THR A 78 12.08 7.75 -2.84
N ILE A 79 11.68 9.00 -2.70
CA ILE A 79 12.63 10.00 -2.22
C ILE A 79 13.12 9.69 -0.80
N TRP A 80 12.40 8.88 -0.05
CA TRP A 80 12.81 8.60 1.34
C TRP A 80 13.55 7.27 1.53
N ASP A 81 13.79 6.58 0.41
CA ASP A 81 14.30 5.23 0.44
C ASP A 81 15.63 5.04 1.13
N GLU A 82 16.57 5.95 0.91
CA GLU A 82 17.92 5.81 1.42
C GLU A 82 18.00 5.72 2.96
N TRP A 83 17.03 6.27 3.66
CA TRP A 83 17.12 6.35 5.12
C TRP A 83 16.18 5.41 5.85
N ALA A 84 15.36 4.69 5.10
CA ALA A 84 14.47 3.73 5.73
C ALA A 84 15.26 2.48 6.17
N ASP A 85 14.89 1.93 7.32
CA ASP A 85 15.44 0.64 7.70
C ASP A 85 14.67 -0.48 7.01
N GLU A 86 15.04 -1.71 7.39
CA GLU A 86 14.54 -2.94 6.79
C GLU A 86 13.00 -3.04 6.85
N ASN A 87 12.41 -2.43 7.86
CA ASN A 87 10.96 -2.46 8.05
C ASN A 87 10.25 -1.28 7.42
N GLY A 88 11.04 -0.40 6.80
CA GLY A 88 10.49 0.79 6.17
C GLY A 88 10.38 1.94 7.15
N ASP A 89 10.94 1.79 8.36
CA ASP A 89 10.81 2.87 9.35
C ASP A 89 11.90 3.95 9.25
N LEU A 90 11.55 5.18 9.63
CA LEU A 90 12.50 6.27 9.69
C LEU A 90 12.65 6.84 11.10
N GLY A 91 11.89 6.30 12.05
CA GLY A 91 11.88 6.87 13.37
C GLY A 91 10.93 8.04 13.41
N PRO A 92 10.88 8.73 14.54
CA PRO A 92 9.84 9.73 14.74
C PRO A 92 10.14 11.06 14.03
N VAL A 93 10.19 11.03 12.70
CA VAL A 93 10.43 12.22 11.92
C VAL A 93 9.12 12.98 11.74
N TYR A 94 9.11 13.89 10.77
CA TYR A 94 8.11 14.93 10.70
C TYR A 94 6.69 14.51 11.07
N GLY A 95 6.20 13.44 10.46
CA GLY A 95 4.80 13.07 10.62
C GLY A 95 4.50 12.84 12.07
N LYS A 96 5.40 12.16 12.74
CA LYS A 96 5.18 11.81 14.12
C LYS A 96 5.14 13.09 14.99
N GLN A 97 6.08 14.00 14.76
CA GLN A 97 6.12 15.24 15.53
C GLN A 97 4.94 16.14 15.20
N TRP A 98 4.56 16.19 13.94
CA TRP A 98 3.41 16.99 13.59
C TRP A 98 2.10 16.52 14.25
N ARG A 99 1.86 15.21 14.31
CA ARG A 99 0.55 14.71 14.73
C ARG A 99 0.54 14.17 16.13
N ALA A 100 1.72 13.81 16.62
CA ALA A 100 1.82 13.11 17.89
C ALA A 100 3.14 13.38 18.61
N TRP A 101 3.52 14.65 18.76
CA TRP A 101 4.72 15.01 19.53
C TRP A 101 4.67 14.41 20.92
N PRO A 102 5.65 13.56 21.28
CA PRO A 102 5.57 12.86 22.58
C PRO A 102 6.17 13.62 23.75
N THR A 103 5.55 13.39 24.90
CA THR A 103 5.96 14.03 26.13
C THR A 103 6.07 12.98 27.22
N PRO A 104 6.79 13.31 28.29
CA PRO A 104 6.99 12.37 29.39
C PRO A 104 5.70 11.68 29.85
N ASP A 105 4.60 12.41 29.91
CA ASP A 105 3.37 11.87 30.50
C ASP A 105 2.85 10.62 29.77
N GLY A 106 3.47 10.26 28.65
CA GLY A 106 2.93 9.23 27.79
C GLY A 106 1.91 9.89 26.88
N ARG A 107 1.89 11.21 26.94
CA ARG A 107 0.93 12.03 26.21
C ARG A 107 1.49 12.39 24.83
N HIS A 108 0.61 12.88 23.95
CA HIS A 108 0.97 13.22 22.57
C HIS A 108 0.23 14.49 22.18
N ILE A 109 0.93 15.41 21.49
CA ILE A 109 0.32 16.66 21.05
C ILE A 109 0.20 16.70 19.55
N ASP A 110 -1.01 16.91 19.08
CA ASP A 110 -1.30 17.00 17.67
C ASP A 110 -1.13 18.46 17.29
N GLN A 111 0.03 18.80 16.80
CA GLN A 111 0.30 20.20 16.47
C GLN A 111 -0.50 20.67 15.27
N ILE A 112 -0.75 19.80 14.32
CA ILE A 112 -1.56 20.21 13.21
C ILE A 112 -2.98 20.56 13.64
N THR A 113 -3.65 19.69 14.38
CA THR A 113 -4.96 20.00 14.91
C THR A 113 -4.89 21.31 15.74
N THR A 114 -3.85 21.45 16.55
CA THR A 114 -3.77 22.67 17.35
C THR A 114 -3.73 23.91 16.46
N VAL A 115 -2.86 23.91 15.46
CA VAL A 115 -2.72 25.05 14.59
C VAL A 115 -4.05 25.31 13.85
N LEU A 116 -4.74 24.26 13.42
CA LEU A 116 -6.04 24.50 12.79
C LEU A 116 -6.98 25.23 13.73
N ASN A 117 -7.07 24.75 14.96
CA ASN A 117 -7.90 25.40 15.94
C ASN A 117 -7.52 26.85 16.22
N GLN A 118 -6.23 27.12 16.25
CA GLN A 118 -5.80 28.51 16.44
C GLN A 118 -6.22 29.35 15.26
N LEU A 119 -6.05 28.83 14.05
CA LEU A 119 -6.42 29.59 12.87
C LEU A 119 -7.90 29.89 12.86
N LYS A 120 -8.71 28.93 13.28
CA LYS A 120 -10.15 29.11 13.27
C LYS A 120 -10.60 30.03 14.42
N ASN A 121 -10.01 29.85 15.60
CA ASN A 121 -10.50 30.47 16.83
C ASN A 121 -9.72 31.71 17.25
N ASP A 122 -8.44 31.76 16.91
CA ASP A 122 -7.59 32.81 17.42
C ASP A 122 -6.53 33.19 16.38
N PRO A 123 -6.96 33.61 15.19
CA PRO A 123 -6.00 33.76 14.09
C PRO A 123 -4.94 34.82 14.37
N ASP A 124 -5.23 35.80 15.23
CA ASP A 124 -4.24 36.83 15.56
C ASP A 124 -3.11 36.33 16.44
N SER A 125 -3.27 35.16 17.05
CA SER A 125 -2.24 34.63 17.93
C SER A 125 -0.86 34.70 17.29
N ARG A 126 0.15 35.01 18.08
CA ARG A 126 1.51 35.05 17.54
C ARG A 126 2.32 33.78 17.84
N ARG A 127 1.61 32.71 18.17
CA ARG A 127 2.30 31.47 18.47
C ARG A 127 1.65 30.30 17.71
N ILE A 128 1.30 30.54 16.46
CA ILE A 128 0.68 29.49 15.65
C ILE A 128 1.82 28.78 15.00
N ILE A 129 2.35 27.80 15.73
CA ILE A 129 3.62 27.19 15.45
C ILE A 129 3.58 25.66 15.44
N VAL A 130 4.27 25.10 14.46
CA VAL A 130 4.56 23.66 14.44
C VAL A 130 6.07 23.53 14.44
N SER A 131 6.57 22.70 15.34
CA SER A 131 7.95 22.31 15.30
C SER A 131 8.14 20.78 15.17
N ALA A 132 9.08 20.42 14.33
CA ALA A 132 9.52 19.05 14.20
C ALA A 132 10.77 18.82 15.02
N TRP A 133 11.29 19.90 15.63
CA TRP A 133 12.55 19.81 16.36
C TRP A 133 12.35 19.33 17.81
N ASN A 134 12.01 18.04 17.93
CA ASN A 134 11.78 17.45 19.22
C ASN A 134 13.14 16.93 19.71
N VAL A 135 13.78 17.73 20.53
CA VAL A 135 15.16 17.48 20.92
C VAL A 135 15.30 16.11 21.54
N GLY A 136 14.29 15.70 22.29
CA GLY A 136 14.39 14.44 23.01
C GLY A 136 14.22 13.21 22.13
N GLU A 137 13.94 13.40 20.83
CA GLU A 137 13.64 12.27 19.96
C GLU A 137 14.58 12.23 18.77
N LEU A 138 15.45 13.24 18.67
CA LEU A 138 16.34 13.40 17.52
C LEU A 138 17.19 12.17 17.25
N ASP A 139 17.73 11.57 18.28
CA ASP A 139 18.64 10.44 18.10
C ASP A 139 17.88 9.17 17.60
N LYS A 140 16.55 9.22 17.65
CA LYS A 140 15.76 8.08 17.19
C LYS A 140 15.41 8.25 15.73
N MET A 141 15.68 9.43 15.21
CA MET A 141 15.29 9.75 13.83
C MET A 141 16.35 9.33 12.86
N ALA A 142 15.93 8.81 11.70
CA ALA A 142 16.89 8.42 10.69
C ALA A 142 17.67 9.65 10.20
N LEU A 143 17.05 10.81 10.33
CA LEU A 143 17.61 12.04 9.84
C LEU A 143 17.03 13.18 10.64
N ALA A 144 17.87 14.15 11.00
CA ALA A 144 17.40 15.33 11.75
C ALA A 144 16.49 16.19 10.89
N PRO A 145 15.38 16.68 11.47
CA PRO A 145 14.43 17.48 10.71
C PRO A 145 15.12 18.63 10.02
N CYS A 146 14.83 18.87 8.74
CA CYS A 146 15.43 19.99 8.01
C CYS A 146 14.49 21.15 7.94
N HIS A 147 13.28 20.88 7.48
CA HIS A 147 12.21 21.86 7.60
C HIS A 147 11.65 21.73 9.03
N ALA A 148 12.27 22.51 9.91
CA ALA A 148 12.25 22.28 11.35
C ALA A 148 11.09 22.95 12.08
N PHE A 149 10.72 24.13 11.62
CA PHE A 149 9.93 25.01 12.44
C PHE A 149 9.15 25.90 11.52
N PHE A 150 7.84 25.99 11.71
CA PHE A 150 7.08 26.88 10.87
C PHE A 150 5.97 27.54 11.66
N GLN A 151 5.59 28.69 11.18
CA GLN A 151 4.68 29.55 11.87
C GLN A 151 3.65 30.07 10.88
N PHE A 152 2.40 30.16 11.31
CA PHE A 152 1.40 30.80 10.50
C PHE A 152 1.05 32.16 10.99
N TYR A 153 0.43 32.92 10.12
CA TYR A 153 0.08 34.31 10.36
C TYR A 153 -1.17 34.64 9.54
N VAL A 154 -2.09 35.42 10.11
CA VAL A 154 -3.25 35.80 9.35
C VAL A 154 -3.41 37.30 9.35
N ALA A 155 -3.62 37.90 8.19
CA ALA A 155 -3.98 39.31 8.10
C ALA A 155 -4.78 39.54 6.85
N ASP A 156 -5.80 40.39 6.97
CA ASP A 156 -6.62 40.76 5.83
C ASP A 156 -7.21 39.46 5.23
N GLY A 157 -7.55 38.53 6.12
CA GLY A 157 -8.19 37.27 5.73
C GLY A 157 -7.30 36.33 4.91
N LYS A 158 -6.00 36.56 4.97
CA LYS A 158 -5.05 35.74 4.20
C LYS A 158 -4.08 35.01 5.12
N LEU A 159 -3.85 33.73 4.79
CA LEU A 159 -3.00 32.89 5.59
C LEU A 159 -1.61 32.84 5.01
N SER A 160 -0.64 33.16 5.86
CA SER A 160 0.75 33.18 5.54
C SER A 160 1.42 32.18 6.46
N CYS A 161 2.57 31.71 6.02
CA CYS A 161 3.35 30.71 6.73
C CYS A 161 4.82 31.04 6.50
N GLN A 162 5.62 30.97 7.56
CA GLN A 162 7.04 31.10 7.41
C GLN A 162 7.67 29.83 7.86
N LEU A 163 8.54 29.30 7.01
CA LEU A 163 9.31 28.14 7.34
C LEU A 163 10.74 28.52 7.70
N TYR A 164 11.23 27.94 8.78
CA TYR A 164 12.67 27.96 9.07
C TYR A 164 13.28 26.63 8.73
N GLN A 165 14.10 26.62 7.69
CA GLN A 165 14.77 25.42 7.23
C GLN A 165 16.28 25.49 7.59
N ARG A 166 16.69 24.59 8.44
CA ARG A 166 18.03 24.68 9.02
C ARG A 166 19.12 24.38 8.02
N SER A 167 18.75 23.65 6.97
CA SER A 167 19.72 23.14 6.04
C SER A 167 18.99 22.95 4.77
N CYS A 168 19.59 23.39 3.69
CA CYS A 168 18.90 23.40 2.40
C CYS A 168 19.83 23.08 1.25
N ASP A 169 19.57 21.92 0.64
CA ASP A 169 20.15 21.53 -0.61
C ASP A 169 19.36 22.30 -1.66
N VAL A 170 19.96 23.34 -2.21
CA VAL A 170 19.21 24.29 -3.03
C VAL A 170 18.68 23.66 -4.34
N PHE A 171 19.45 22.73 -4.87
CA PHE A 171 19.15 22.13 -6.14
C PHE A 171 18.07 21.05 -5.98
N LEU A 172 18.31 20.08 -5.11
CA LEU A 172 17.36 18.98 -4.92
C LEU A 172 16.20 19.26 -3.95
N GLY A 173 16.52 19.69 -2.74
CA GLY A 173 15.55 19.81 -1.68
C GLY A 173 14.64 21.00 -1.84
N LEU A 174 15.23 22.16 -2.07
CA LEU A 174 14.45 23.39 -1.92
C LEU A 174 13.19 23.46 -2.81
N PRO A 175 13.28 23.00 -4.07
CA PRO A 175 12.00 23.05 -4.82
C PRO A 175 10.88 22.20 -4.20
N PHE A 176 11.23 21.08 -3.60
CA PHE A 176 10.25 20.25 -2.90
C PHE A 176 9.75 20.99 -1.66
N ASN A 177 10.67 21.58 -0.92
CA ASN A 177 10.34 22.25 0.32
C ASN A 177 9.35 23.41 0.04
N ILE A 178 9.63 24.21 -0.99
CA ILE A 178 8.75 25.33 -1.31
C ILE A 178 7.39 24.88 -1.70
N ALA A 179 7.31 23.87 -2.57
CA ALA A 179 6.01 23.46 -3.06
C ALA A 179 5.19 22.77 -1.96
N SER A 180 5.88 22.03 -1.09
CA SER A 180 5.22 21.26 -0.04
C SER A 180 4.54 22.21 0.94
N TYR A 181 5.27 23.20 1.41
CA TYR A 181 4.67 24.21 2.28
C TYR A 181 3.67 25.09 1.60
N ALA A 182 3.88 25.44 0.31
CA ALA A 182 2.89 26.16 -0.41
C ALA A 182 1.61 25.34 -0.48
N LEU A 183 1.73 24.05 -0.71
CA LEU A 183 0.55 23.20 -0.75
C LEU A 183 -0.15 23.14 0.60
N LEU A 184 0.61 22.98 1.68
CA LEU A 184 0.00 22.96 3.01
C LEU A 184 -0.78 24.26 3.30
N VAL A 185 -0.20 25.41 2.96
CA VAL A 185 -0.92 26.66 3.13
C VAL A 185 -2.27 26.67 2.42
N HIS A 186 -2.32 26.20 1.18
CA HIS A 186 -3.59 26.14 0.46
C HIS A 186 -4.60 25.27 1.15
N MET A 187 -4.13 24.11 1.62
CA MET A 187 -5.00 23.16 2.30
C MET A 187 -5.53 23.74 3.58
N MET A 188 -4.62 24.31 4.36
CA MET A 188 -5.02 24.90 5.62
C MET A 188 -5.96 26.08 5.38
N ALA A 189 -5.66 26.88 4.35
CA ALA A 189 -6.51 28.04 4.07
C ALA A 189 -7.91 27.55 3.64
N GLN A 190 -7.94 26.47 2.87
CA GLN A 190 -9.24 25.91 2.52
C GLN A 190 -10.05 25.48 3.75
N GLN A 191 -9.42 24.77 4.68
CA GLN A 191 -10.07 24.29 5.88
C GLN A 191 -10.49 25.44 6.78
N CYS A 192 -9.77 26.55 6.72
CA CYS A 192 -10.07 27.68 7.61
C CYS A 192 -10.81 28.82 6.95
N ASP A 193 -11.28 28.58 5.73
CA ASP A 193 -11.98 29.59 4.93
C ASP A 193 -11.20 30.89 4.87
N LEU A 194 -9.92 30.76 4.61
CA LEU A 194 -9.05 31.90 4.42
C LEU A 194 -8.53 31.87 2.99
N GLU A 195 -8.08 33.02 2.53
CA GLU A 195 -7.37 33.14 1.29
C GLU A 195 -5.90 32.85 1.53
N VAL A 196 -5.15 32.51 0.50
CA VAL A 196 -3.72 32.32 0.69
C VAL A 196 -2.95 33.64 0.60
N GLY A 197 -1.95 33.75 1.49
CA GLY A 197 -1.10 34.92 1.57
C GLY A 197 0.30 34.57 1.11
N ASP A 198 1.28 34.80 1.97
CA ASP A 198 2.67 34.57 1.59
C ASP A 198 3.18 33.28 2.19
N PHE A 199 4.02 32.59 1.43
CA PHE A 199 4.90 31.65 2.04
C PHE A 199 6.29 32.30 2.12
N VAL A 200 6.79 32.42 3.34
CA VAL A 200 8.11 32.98 3.60
C VAL A 200 9.07 31.85 3.91
N TRP A 201 10.09 31.77 3.11
CA TRP A 201 11.10 30.72 3.28
C TRP A 201 12.32 31.30 3.90
N THR A 202 12.76 30.75 5.02
CA THR A 202 14.01 31.21 5.66
C THR A 202 14.96 30.08 5.82
N GLY A 203 16.18 30.29 5.36
CA GLY A 203 17.19 29.25 5.38
C GLY A 203 18.33 29.53 6.35
N GLY A 204 18.83 28.43 6.91
CA GLY A 204 20.06 28.40 7.65
C GLY A 204 21.22 28.15 6.72
N ASP A 205 21.79 26.96 6.83
CA ASP A 205 22.89 26.56 5.97
C ASP A 205 22.35 26.20 4.61
N THR A 206 22.57 27.11 3.66
CA THR A 206 21.93 27.06 2.38
C THR A 206 23.02 26.85 1.34
N HIS A 207 22.97 25.71 0.64
CA HIS A 207 24.11 25.24 -0.08
C HIS A 207 23.80 24.54 -1.40
N LEU A 208 24.83 24.56 -2.23
CA LEU A 208 24.90 23.73 -3.44
C LEU A 208 26.02 22.74 -3.26
N TYR A 209 25.68 21.49 -3.55
CA TYR A 209 26.65 20.43 -3.55
C TYR A 209 27.59 20.56 -4.73
N SER A 210 28.86 20.26 -4.47
CA SER A 210 29.90 20.36 -5.48
C SER A 210 29.55 19.56 -6.74
N ASN A 211 28.83 18.44 -6.61
CA ASN A 211 28.47 17.65 -7.81
C ASN A 211 27.05 17.94 -8.36
N HIS A 212 26.53 19.09 -8.02
CA HIS A 212 25.31 19.62 -8.63
C HIS A 212 25.66 20.85 -9.45
N MET A 213 26.95 21.13 -9.62
CA MET A 213 27.34 22.38 -10.26
C MET A 213 26.97 22.43 -11.75
N ASP A 214 27.21 21.35 -12.52
CA ASP A 214 26.81 21.33 -13.94
C ASP A 214 25.30 21.59 -14.02
N GLN A 215 24.54 20.91 -13.17
CA GLN A 215 23.10 21.02 -13.17
C GLN A 215 22.70 22.45 -12.87
N THR A 216 23.38 23.05 -11.92
CA THR A 216 23.03 24.37 -11.49
C THR A 216 23.33 25.39 -12.59
N HIS A 217 24.48 25.24 -13.24
CA HIS A 217 24.80 26.16 -14.32
C HIS A 217 23.78 25.98 -15.46
N LEU A 218 23.33 24.75 -15.71
CA LEU A 218 22.33 24.53 -16.75
C LEU A 218 20.99 25.21 -16.38
N GLN A 219 20.55 25.00 -15.14
CA GLN A 219 19.30 25.58 -14.74
C GLN A 219 19.36 27.09 -14.80
N LEU A 220 20.50 27.67 -14.44
CA LEU A 220 20.60 29.13 -14.44
C LEU A 220 20.48 29.76 -15.80
N SER A 221 20.73 28.96 -16.84
CA SER A 221 20.63 29.46 -18.19
C SER A 221 19.20 29.47 -18.68
N ARG A 222 18.27 28.97 -17.86
CA ARG A 222 16.90 28.80 -18.31
C ARG A 222 16.00 29.91 -17.81
N GLU A 223 15.06 30.33 -18.65
CA GLU A 223 14.13 31.39 -18.27
C GLU A 223 12.94 30.81 -17.53
N PRO A 224 12.62 31.36 -16.35
CA PRO A 224 11.38 30.97 -15.66
C PRO A 224 10.12 31.13 -16.50
N ARG A 225 9.29 30.11 -16.41
CA ARG A 225 7.98 30.08 -17.01
C ARG A 225 6.98 30.64 -16.01
N PRO A 226 5.78 31.04 -16.47
CA PRO A 226 4.76 31.52 -15.55
C PRO A 226 4.40 30.48 -14.52
N LEU A 227 4.04 30.91 -13.33
CA LEU A 227 3.70 29.95 -12.29
C LEU A 227 2.41 29.26 -12.64
N PRO A 228 2.33 27.98 -12.32
CA PRO A 228 1.09 27.25 -12.50
C PRO A 228 0.09 27.68 -11.46
N LYS A 229 -1.10 27.12 -11.57
CA LYS A 229 -2.18 27.40 -10.64
C LYS A 229 -2.63 26.12 -9.93
N LEU A 230 -2.81 26.15 -8.62
CA LEU A 230 -3.24 24.95 -7.90
C LEU A 230 -4.73 24.93 -7.83
N ILE A 231 -5.32 23.81 -8.26
CA ILE A 231 -6.75 23.61 -8.08
C ILE A 231 -6.94 22.48 -7.08
N ILE A 232 -7.83 22.71 -6.11
CA ILE A 232 -8.24 21.65 -5.22
C ILE A 232 -9.67 21.31 -5.59
N LYS A 233 -9.87 20.05 -5.93
CA LYS A 233 -11.09 19.67 -6.64
C LYS A 233 -12.28 19.45 -5.72
N ARG A 234 -12.02 19.36 -4.43
CA ARG A 234 -13.11 19.35 -3.49
C ARG A 234 -12.68 19.86 -2.13
N LYS A 235 -13.63 19.99 -1.22
CA LYS A 235 -13.32 20.41 0.12
C LYS A 235 -13.48 19.25 1.07
N PRO A 236 -12.40 18.54 1.34
CA PRO A 236 -12.46 17.48 2.33
C PRO A 236 -12.95 18.04 3.66
N GLU A 237 -13.49 17.13 4.46
CA GLU A 237 -14.07 17.47 5.73
C GLU A 237 -13.03 17.94 6.76
N SER A 238 -11.78 17.52 6.58
CA SER A 238 -10.70 18.08 7.41
C SER A 238 -9.35 18.04 6.70
N ILE A 239 -8.35 18.63 7.35
CA ILE A 239 -7.01 18.70 6.82
C ILE A 239 -6.41 17.31 6.70
N PHE A 240 -7.04 16.34 7.32
CA PHE A 240 -6.51 14.99 7.29
C PHE A 240 -7.18 14.10 6.23
N ASP A 241 -8.15 14.62 5.49
CA ASP A 241 -9.00 13.80 4.63
C ASP A 241 -8.74 14.04 3.15
N TYR A 242 -7.62 14.68 2.86
CA TYR A 242 -7.21 14.89 1.50
C TYR A 242 -6.65 13.61 0.89
N ARG A 243 -6.78 13.55 -0.44
CA ARG A 243 -6.25 12.47 -1.25
C ARG A 243 -5.55 13.09 -2.48
N PHE A 244 -4.59 12.33 -2.97
CA PHE A 244 -3.75 12.78 -4.08
C PHE A 244 -4.61 13.31 -5.24
N GLU A 245 -5.73 12.63 -5.49
CA GLU A 245 -6.61 12.97 -6.58
C GLU A 245 -7.31 14.33 -6.37
N ASP A 246 -7.24 14.89 -5.18
CA ASP A 246 -7.87 16.17 -4.93
C ASP A 246 -7.16 17.35 -5.59
N PHE A 247 -5.93 17.13 -6.01
CA PHE A 247 -5.13 18.24 -6.48
C PHE A 247 -4.89 18.19 -7.95
N GLU A 248 -5.01 19.34 -8.59
CA GLU A 248 -4.56 19.45 -9.95
C GLU A 248 -3.74 20.70 -10.05
N ILE A 249 -2.60 20.56 -10.71
CA ILE A 249 -1.74 21.69 -11.02
C ILE A 249 -2.05 22.09 -12.44
N GLU A 250 -2.51 23.30 -12.64
CA GLU A 250 -2.88 23.77 -13.98
C GLU A 250 -1.81 24.71 -14.56
N GLY A 251 -1.49 24.53 -15.83
CA GLY A 251 -0.54 25.39 -16.51
C GLY A 251 0.87 25.25 -15.97
N TYR A 252 1.28 24.02 -15.71
CA TYR A 252 2.66 23.77 -15.36
C TYR A 252 3.41 23.42 -16.63
N ASP A 253 4.25 24.37 -17.05
CA ASP A 253 5.03 24.30 -18.27
C ASP A 253 6.52 24.30 -18.01
N PRO A 254 7.06 23.26 -17.39
CA PRO A 254 8.46 23.39 -17.00
C PRO A 254 9.45 23.09 -18.10
N HIS A 255 10.68 23.57 -17.93
CA HIS A 255 11.79 23.05 -18.69
C HIS A 255 12.04 21.61 -18.25
N PRO A 256 12.88 20.90 -19.00
CA PRO A 256 13.09 19.48 -18.69
C PRO A 256 13.75 19.19 -17.33
N GLY A 257 13.35 18.08 -16.76
CA GLY A 257 13.98 17.59 -15.56
C GLY A 257 15.50 17.52 -15.68
N ILE A 258 16.17 17.78 -14.57
CA ILE A 258 17.60 17.68 -14.48
C ILE A 258 17.98 16.67 -13.41
N LYS A 259 18.64 15.59 -13.81
CA LYS A 259 19.06 14.56 -12.88
C LYS A 259 20.18 15.03 -11.97
N ALA A 260 20.10 14.68 -10.69
CA ALA A 260 21.21 14.93 -9.78
C ALA A 260 21.18 13.94 -8.62
N PRO A 261 22.36 13.48 -8.19
CA PRO A 261 22.39 12.49 -7.12
C PRO A 261 22.16 13.11 -5.75
N VAL A 262 21.43 12.38 -4.92
CA VAL A 262 21.31 12.76 -3.54
C VAL A 262 22.61 12.38 -2.84
N ALA A 263 23.15 13.30 -2.08
CA ALA A 263 24.27 12.97 -1.20
C ALA A 263 23.74 12.24 0.03
N ILE A 264 24.03 10.94 0.13
CA ILE A 264 23.61 10.20 1.33
C ILE A 264 24.51 10.57 2.51
N LYS B 2 -15.11 -31.88 10.57
CA LYS B 2 -15.27 -33.32 10.49
C LYS B 2 -14.75 -33.84 9.16
N GLN B 3 -15.21 -33.27 8.08
CA GLN B 3 -14.84 -33.75 6.74
C GLN B 3 -13.38 -33.63 6.41
N TYR B 4 -12.79 -32.55 6.91
CA TYR B 4 -11.38 -32.28 6.73
C TYR B 4 -10.52 -33.32 7.45
N LEU B 5 -10.87 -33.61 8.70
CA LEU B 5 -10.16 -34.62 9.46
C LEU B 5 -10.38 -36.02 8.86
N GLU B 6 -11.58 -36.28 8.39
CA GLU B 6 -11.84 -37.53 7.69
C GLU B 6 -10.93 -37.65 6.46
N LEU B 7 -10.73 -36.57 5.73
CA LEU B 7 -9.83 -36.63 4.59
C LEU B 7 -8.39 -36.88 5.04
N MET B 8 -7.97 -36.18 6.08
CA MET B 8 -6.63 -36.38 6.59
C MET B 8 -6.40 -37.83 6.95
N GLN B 9 -7.35 -38.44 7.67
CA GLN B 9 -7.22 -39.82 8.06
C GLN B 9 -7.17 -40.71 6.81
N LYS B 10 -7.99 -40.39 5.83
CA LYS B 10 -8.03 -41.20 4.62
C LYS B 10 -6.70 -41.19 3.84
N VAL B 11 -6.02 -40.05 3.76
CA VAL B 11 -4.71 -40.05 3.13
C VAL B 11 -3.70 -40.89 3.93
N LEU B 12 -3.77 -40.82 5.25
CA LEU B 12 -2.97 -41.70 6.10
C LEU B 12 -3.25 -43.18 5.83
N ASP B 13 -4.53 -43.55 5.81
CA ASP B 13 -4.91 -44.96 5.71
C ASP B 13 -4.61 -45.51 4.33
N GLU B 14 -5.04 -44.77 3.30
CA GLU B 14 -5.17 -45.30 1.96
C GLU B 14 -4.22 -44.65 0.96
N GLY B 15 -3.46 -43.66 1.41
CA GLY B 15 -2.55 -42.95 0.53
C GLY B 15 -1.37 -43.78 0.06
N THR B 16 -0.87 -43.46 -1.12
CA THR B 16 0.28 -44.12 -1.67
C THR B 16 1.51 -43.27 -1.56
N GLN B 17 2.65 -43.88 -1.28
CA GLN B 17 3.87 -43.10 -1.11
C GLN B 17 4.47 -42.75 -2.45
N LYS B 18 4.59 -41.46 -2.69
CA LYS B 18 4.79 -40.93 -4.03
C LYS B 18 5.72 -39.74 -3.92
N ASN B 19 6.75 -39.72 -4.73
CA ASN B 19 7.63 -38.58 -4.76
C ASN B 19 6.93 -37.43 -5.46
N ASP B 20 7.49 -36.22 -5.33
CA ASP B 20 6.86 -35.06 -5.96
C ASP B 20 7.85 -34.02 -6.38
N ARG B 21 7.31 -33.03 -7.09
CA ARG B 21 8.06 -31.93 -7.66
C ARG B 21 9.11 -31.40 -6.71
N THR B 22 8.65 -31.02 -5.52
CA THR B 22 9.45 -30.28 -4.52
C THR B 22 10.59 -31.08 -3.90
N GLY B 23 10.48 -32.41 -3.94
CA GLY B 23 11.53 -33.28 -3.44
C GLY B 23 11.25 -33.86 -2.06
N THR B 24 10.14 -33.45 -1.47
CA THR B 24 9.78 -33.85 -0.11
C THR B 24 9.18 -35.25 0.02
N GLY B 25 8.35 -35.65 -0.92
CA GLY B 25 7.69 -36.94 -0.79
C GLY B 25 6.33 -36.75 -0.15
N THR B 26 5.35 -37.53 -0.61
CA THR B 26 3.99 -37.42 -0.13
C THR B 26 3.33 -38.76 0.08
N LEU B 27 2.27 -38.77 0.88
CA LEU B 27 1.23 -39.77 0.75
C LEU B 27 0.09 -39.13 -0.03
N SER B 28 -0.37 -39.84 -1.06
CA SER B 28 -1.30 -39.26 -2.02
C SER B 28 -2.55 -40.15 -2.22
N ILE B 29 -3.70 -39.53 -2.40
CA ILE B 29 -4.84 -40.24 -2.98
C ILE B 29 -5.28 -39.40 -4.16
N PHE B 30 -6.11 -40.01 -5.02
CA PHE B 30 -6.58 -39.33 -6.18
C PHE B 30 -8.08 -39.38 -6.27
N GLY B 31 -8.69 -38.21 -6.24
CA GLY B 31 -10.14 -38.08 -6.30
C GLY B 31 -10.80 -38.13 -4.94
N HIS B 32 -11.31 -36.98 -4.53
CA HIS B 32 -12.05 -36.89 -3.32
C HIS B 32 -13.06 -35.76 -3.49
N GLN B 33 -14.10 -35.79 -2.67
CA GLN B 33 -15.11 -34.74 -2.70
C GLN B 33 -15.67 -34.52 -1.31
N MET B 34 -15.84 -33.24 -0.96
CA MET B 34 -16.43 -32.87 0.33
C MET B 34 -17.48 -31.81 0.06
N ARG B 35 -18.47 -31.70 0.92
CA ARG B 35 -19.51 -30.70 0.75
C ARG B 35 -19.71 -29.99 2.06
N PHE B 36 -19.70 -28.66 1.99
CA PHE B 36 -19.92 -27.83 3.18
C PHE B 36 -21.18 -27.06 2.95
N ASN B 37 -22.20 -27.34 3.74
CA ASN B 37 -23.40 -26.53 3.72
C ASN B 37 -23.07 -25.24 4.42
N LEU B 38 -23.00 -24.15 3.67
CA LEU B 38 -22.57 -22.88 4.22
C LEU B 38 -23.57 -22.26 5.18
N GLN B 39 -24.79 -22.80 5.24
CA GLN B 39 -25.76 -22.39 6.23
C GLN B 39 -25.40 -22.94 7.60
N ASP B 40 -24.59 -23.99 7.62
CA ASP B 40 -24.21 -24.63 8.87
C ASP B 40 -23.14 -23.80 9.59
N GLY B 41 -22.59 -22.83 8.88
CA GLY B 41 -21.47 -22.07 9.39
C GLY B 41 -20.31 -22.02 8.43
N PHE B 42 -19.39 -21.12 8.73
CA PHE B 42 -18.31 -20.82 7.84
C PHE B 42 -17.20 -21.86 7.99
N PRO B 43 -16.79 -22.49 6.86
CA PRO B 43 -15.94 -23.68 7.01
C PRO B 43 -14.44 -23.37 7.14
N LEU B 44 -14.10 -22.79 8.29
CA LEU B 44 -12.74 -22.47 8.64
C LEU B 44 -12.24 -23.47 9.66
N VAL B 45 -11.21 -24.22 9.29
CA VAL B 45 -10.69 -25.29 10.11
C VAL B 45 -10.47 -24.71 11.54
N THR B 46 -10.94 -25.49 12.52
CA THR B 46 -10.84 -25.13 13.92
C THR B 46 -9.80 -25.95 14.65
N THR B 47 -9.38 -27.08 14.08
CA THR B 47 -8.43 -27.98 14.74
C THR B 47 -7.00 -27.45 14.65
N LYS B 48 -6.82 -26.33 13.98
CA LYS B 48 -5.63 -25.52 14.15
C LYS B 48 -6.07 -24.12 13.79
N ARG B 49 -5.41 -23.12 14.35
CA ARG B 49 -5.76 -21.78 13.95
C ARG B 49 -5.24 -21.50 12.56
N CYS B 50 -6.12 -20.99 11.71
CA CYS B 50 -5.76 -20.57 10.35
C CYS B 50 -5.63 -19.06 10.24
N HIS B 51 -4.80 -18.61 9.31
CA HIS B 51 -4.53 -17.16 9.16
C HIS B 51 -5.54 -16.52 8.24
N LEU B 52 -6.72 -16.27 8.80
CA LEU B 52 -7.83 -15.75 8.07
C LEU B 52 -7.47 -14.42 7.42
N ARG B 53 -6.59 -13.61 8.02
CA ARG B 53 -6.31 -12.35 7.36
C ARG B 53 -5.59 -12.56 6.02
N SER B 54 -4.74 -13.56 5.94
CA SER B 54 -4.12 -13.97 4.68
C SER B 54 -5.14 -14.49 3.64
N ILE B 55 -6.07 -15.32 4.11
CA ILE B 55 -7.16 -15.77 3.29
C ILE B 55 -7.98 -14.66 2.67
N ILE B 56 -8.43 -13.71 3.49
CA ILE B 56 -9.23 -12.63 2.99
C ILE B 56 -8.45 -11.74 2.02
N HIS B 57 -7.26 -11.30 2.44
CA HIS B 57 -6.48 -10.44 1.57
C HIS B 57 -6.15 -11.12 0.24
N GLU B 58 -5.86 -12.42 0.26
CA GLU B 58 -5.56 -13.14 -0.99
C GLU B 58 -6.77 -13.09 -1.93
N LEU B 59 -7.94 -13.32 -1.41
CA LEU B 59 -9.15 -13.32 -2.25
C LEU B 59 -9.42 -11.94 -2.81
N LEU B 60 -9.27 -10.92 -1.98
CA LEU B 60 -9.47 -9.59 -2.46
C LEU B 60 -8.47 -9.26 -3.54
N TRP B 61 -7.24 -9.76 -3.36
CA TRP B 61 -6.18 -9.58 -4.33
C TRP B 61 -6.55 -10.26 -5.65
N PHE B 62 -7.03 -11.48 -5.57
CA PHE B 62 -7.52 -12.19 -6.75
C PHE B 62 -8.58 -11.35 -7.50
N LEU B 63 -9.55 -10.82 -6.78
CA LEU B 63 -10.68 -10.15 -7.41
C LEU B 63 -10.29 -8.84 -8.12
N GLN B 64 -9.18 -8.22 -7.70
CA GLN B 64 -8.67 -7.03 -8.36
C GLN B 64 -7.88 -7.34 -9.63
N GLY B 65 -7.62 -8.62 -9.86
CA GLY B 65 -6.92 -9.04 -11.06
C GLY B 65 -5.43 -8.83 -10.93
N ASP B 66 -5.00 -8.64 -9.68
CA ASP B 66 -3.63 -8.31 -9.31
C ASP B 66 -2.86 -9.59 -9.23
N THR B 67 -1.67 -9.61 -9.79
CA THR B 67 -0.80 -10.73 -9.61
C THR B 67 0.57 -10.30 -9.13
N ASN B 68 0.68 -9.03 -8.74
CA ASN B 68 1.86 -8.57 -8.02
C ASN B 68 1.58 -8.61 -6.52
N ILE B 69 2.53 -9.11 -5.74
CA ILE B 69 2.28 -9.31 -4.32
C ILE B 69 2.45 -8.03 -3.48
N ALA B 70 2.79 -6.90 -4.10
CA ALA B 70 2.86 -5.62 -3.35
C ALA B 70 1.71 -5.50 -2.38
N TYR B 71 0.48 -5.64 -2.91
CA TYR B 71 -0.73 -5.50 -2.12
C TYR B 71 -0.71 -6.43 -0.92
N LEU B 72 -0.30 -7.69 -1.13
CA LEU B 72 -0.21 -8.62 -0.03
C LEU B 72 0.81 -8.19 1.02
N HIS B 73 1.98 -7.73 0.56
CA HIS B 73 3.02 -7.23 1.47
C HIS B 73 2.58 -5.98 2.24
N GLU B 74 1.87 -5.09 1.56
CA GLU B 74 1.30 -3.92 2.20
C GLU B 74 0.36 -4.30 3.34
N ASN B 75 -0.11 -5.54 3.33
CA ASN B 75 -0.97 -6.03 4.39
C ASN B 75 -0.39 -7.19 5.22
N ASN B 76 0.94 -7.35 5.15
CA ASN B 76 1.71 -8.34 5.91
C ASN B 76 1.23 -9.74 5.64
N VAL B 77 0.90 -10.00 4.39
CA VAL B 77 0.52 -11.34 3.96
C VAL B 77 1.67 -11.86 3.11
N THR B 78 2.24 -12.96 3.55
CA THR B 78 3.51 -13.42 3.06
C THR B 78 3.39 -14.81 2.39
N ILE B 79 2.17 -15.29 2.22
CA ILE B 79 1.99 -16.66 1.67
C ILE B 79 2.53 -16.87 0.26
N TRP B 80 2.63 -15.81 -0.53
CA TRP B 80 3.13 -15.94 -1.89
C TRP B 80 4.60 -15.58 -2.05
N ASP B 81 5.32 -15.33 -0.94
CA ASP B 81 6.66 -14.75 -1.06
C ASP B 81 7.63 -15.62 -1.81
N GLU B 82 7.57 -16.92 -1.57
CA GLU B 82 8.51 -17.89 -2.16
C GLU B 82 8.58 -17.91 -3.68
N TRP B 83 7.54 -17.46 -4.36
CA TRP B 83 7.42 -17.61 -5.80
C TRP B 83 7.43 -16.30 -6.52
N ALA B 84 7.40 -15.22 -5.77
CA ALA B 84 7.37 -13.90 -6.39
C ALA B 84 8.77 -13.54 -6.87
N ASP B 85 8.84 -12.76 -7.93
CA ASP B 85 10.15 -12.33 -8.39
C ASP B 85 10.56 -11.05 -7.62
N GLU B 86 11.53 -10.33 -8.19
CA GLU B 86 12.23 -9.22 -7.57
C GLU B 86 11.25 -8.11 -7.35
N ASN B 87 10.47 -7.84 -8.39
CA ASN B 87 9.50 -6.76 -8.37
C ASN B 87 8.17 -7.20 -7.79
N GLY B 88 8.12 -8.42 -7.26
CA GLY B 88 6.90 -8.95 -6.69
C GLY B 88 5.95 -9.63 -7.68
N ASP B 89 6.40 -9.87 -8.91
CA ASP B 89 5.50 -10.41 -9.93
C ASP B 89 5.46 -11.93 -9.91
N LEU B 90 4.27 -12.47 -10.19
CA LEU B 90 4.04 -13.91 -10.20
C LEU B 90 3.69 -14.41 -11.63
N GLY B 91 3.58 -13.49 -12.57
CA GLY B 91 3.06 -13.84 -13.89
C GLY B 91 1.55 -13.95 -13.82
N PRO B 92 0.89 -14.37 -14.92
CA PRO B 92 -0.57 -14.25 -15.01
C PRO B 92 -1.30 -15.39 -14.31
N VAL B 93 -1.10 -15.48 -13.00
CA VAL B 93 -1.75 -16.49 -12.18
C VAL B 93 -3.18 -16.03 -11.93
N TYR B 94 -3.82 -16.61 -10.91
CA TYR B 94 -5.27 -16.54 -10.78
C TYR B 94 -5.94 -15.21 -11.11
N GLY B 95 -5.46 -14.12 -10.53
CA GLY B 95 -6.15 -12.86 -10.66
C GLY B 95 -6.30 -12.47 -12.11
N LYS B 96 -5.24 -12.71 -12.86
CA LYS B 96 -5.17 -12.25 -14.23
C LYS B 96 -6.17 -13.05 -15.07
N GLN B 97 -6.22 -14.36 -14.84
CA GLN B 97 -7.18 -15.20 -15.59
C GLN B 97 -8.59 -14.88 -15.19
N TRP B 98 -8.82 -14.66 -13.91
CA TRP B 98 -10.15 -14.38 -13.45
C TRP B 98 -10.73 -13.10 -14.05
N ARG B 99 -9.91 -12.06 -14.19
CA ARG B 99 -10.42 -10.75 -14.54
C ARG B 99 -10.11 -10.35 -15.95
N ALA B 100 -9.06 -10.95 -16.54
CA ALA B 100 -8.66 -10.56 -17.87
C ALA B 100 -8.01 -11.72 -18.60
N TRP B 101 -8.74 -12.82 -18.73
CA TRP B 101 -8.26 -13.92 -19.58
C TRP B 101 -7.99 -13.43 -21.01
N PRO B 102 -6.74 -13.53 -21.50
CA PRO B 102 -6.49 -12.87 -22.77
C PRO B 102 -7.00 -13.60 -23.99
N THR B 103 -7.41 -12.80 -24.96
CA THR B 103 -7.93 -13.33 -26.20
C THR B 103 -7.26 -12.58 -27.33
N PRO B 104 -7.54 -13.01 -28.55
CA PRO B 104 -6.98 -12.48 -29.78
C PRO B 104 -6.36 -11.12 -29.72
N ASP B 105 -7.14 -10.09 -29.92
CA ASP B 105 -6.55 -8.83 -30.38
C ASP B 105 -6.40 -7.80 -29.30
N GLY B 106 -5.78 -8.21 -28.20
CA GLY B 106 -5.63 -7.36 -27.04
C GLY B 106 -6.94 -7.30 -26.31
N ARG B 107 -7.80 -8.28 -26.59
CA ARG B 107 -9.06 -8.41 -25.88
C ARG B 107 -8.79 -9.26 -24.64
N HIS B 108 -9.70 -9.20 -23.70
CA HIS B 108 -9.59 -9.98 -22.49
C HIS B 108 -11.02 -10.28 -22.09
N ILE B 109 -11.22 -11.36 -21.34
CA ILE B 109 -12.54 -11.70 -20.85
C ILE B 109 -12.45 -11.68 -19.33
N ASP B 110 -13.40 -10.98 -18.72
CA ASP B 110 -13.43 -10.81 -17.28
C ASP B 110 -14.40 -11.87 -16.80
N GLN B 111 -13.85 -12.97 -16.34
CA GLN B 111 -14.67 -14.12 -16.01
C GLN B 111 -15.54 -13.87 -14.81
N ILE B 112 -15.06 -13.05 -13.87
CA ILE B 112 -15.79 -12.82 -12.66
C ILE B 112 -17.04 -11.97 -12.96
N THR B 113 -16.89 -10.95 -13.79
CA THR B 113 -18.03 -10.11 -14.14
C THR B 113 -19.04 -10.93 -14.94
N THR B 114 -18.54 -11.81 -15.78
CA THR B 114 -19.41 -12.71 -16.55
C THR B 114 -20.25 -13.59 -15.62
N VAL B 115 -19.60 -14.20 -14.65
CA VAL B 115 -20.30 -15.06 -13.71
C VAL B 115 -21.37 -14.30 -12.93
N LEU B 116 -21.04 -13.09 -12.48
CA LEU B 116 -22.01 -12.29 -11.73
C LEU B 116 -23.24 -11.99 -12.60
N ASN B 117 -22.97 -11.63 -13.83
CA ASN B 117 -24.02 -11.37 -14.79
C ASN B 117 -24.88 -12.62 -15.02
N GLN B 118 -24.24 -13.78 -15.08
CA GLN B 118 -24.99 -15.01 -15.29
C GLN B 118 -25.83 -15.31 -14.07
N LEU B 119 -25.26 -15.14 -12.89
CA LEU B 119 -25.98 -15.47 -11.69
C LEU B 119 -27.20 -14.57 -11.56
N LYS B 120 -27.04 -13.32 -11.93
CA LYS B 120 -28.12 -12.36 -11.80
C LYS B 120 -29.19 -12.58 -12.87
N ASN B 121 -28.74 -12.91 -14.08
CA ASN B 121 -29.58 -12.83 -15.26
C ASN B 121 -29.97 -14.16 -15.89
N ASP B 122 -29.21 -15.21 -15.59
CA ASP B 122 -29.43 -16.54 -16.15
C ASP B 122 -28.99 -17.57 -15.12
N PRO B 123 -29.59 -17.53 -13.92
CA PRO B 123 -29.16 -18.36 -12.78
C PRO B 123 -29.28 -19.85 -13.05
N ASP B 124 -30.11 -20.23 -14.02
CA ASP B 124 -30.29 -21.64 -14.33
C ASP B 124 -29.16 -22.20 -15.13
N SER B 125 -28.31 -21.34 -15.69
CA SER B 125 -27.24 -21.78 -16.58
C SER B 125 -26.37 -22.82 -15.91
N ARG B 126 -25.98 -23.82 -16.72
CA ARG B 126 -25.13 -24.90 -16.25
C ARG B 126 -23.69 -24.63 -16.67
N ARG B 127 -23.44 -23.41 -17.14
CA ARG B 127 -22.10 -23.04 -17.58
CA ARG B 127 -22.16 -22.98 -17.67
C ARG B 127 -21.62 -21.75 -16.90
N ILE B 128 -21.88 -21.67 -15.61
CA ILE B 128 -21.41 -20.52 -14.80
C ILE B 128 -20.09 -20.93 -14.23
N ILE B 129 -19.06 -20.64 -15.00
CA ILE B 129 -17.76 -21.22 -14.81
C ILE B 129 -16.64 -20.21 -14.85
N VAL B 130 -15.71 -20.37 -13.92
CA VAL B 130 -14.47 -19.65 -13.96
C VAL B 130 -13.34 -20.64 -14.09
N SER B 131 -12.42 -20.38 -15.00
CA SER B 131 -11.22 -21.21 -15.11
C SER B 131 -9.97 -20.38 -15.03
N ALA B 132 -9.02 -20.88 -14.24
CA ALA B 132 -7.70 -20.28 -14.18
C ALA B 132 -6.76 -21.08 -15.05
N TRP B 133 -7.24 -22.20 -15.59
CA TRP B 133 -6.36 -23.08 -16.37
C TRP B 133 -6.22 -22.64 -17.82
N ASN B 134 -5.51 -21.53 -18.03
CA ASN B 134 -5.21 -21.01 -19.34
C ASN B 134 -3.94 -21.69 -19.87
N VAL B 135 -4.15 -22.74 -20.68
CA VAL B 135 -3.07 -23.55 -21.22
C VAL B 135 -1.98 -22.71 -21.93
N GLY B 136 -2.39 -21.65 -22.62
CA GLY B 136 -1.42 -20.84 -23.33
C GLY B 136 -0.54 -20.01 -22.38
N GLU B 137 -0.94 -19.86 -21.13
CA GLU B 137 -0.18 -18.99 -20.21
C GLU B 137 0.53 -19.72 -19.08
N LEU B 138 0.37 -21.04 -18.99
CA LEU B 138 0.89 -21.77 -17.85
C LEU B 138 2.39 -21.55 -17.67
N ASP B 139 3.14 -21.54 -18.76
CA ASP B 139 4.60 -21.45 -18.66
C ASP B 139 5.06 -20.09 -18.15
N LYS B 140 4.21 -19.08 -18.30
CA LYS B 140 4.48 -17.72 -17.82
C LYS B 140 4.19 -17.53 -16.33
N MET B 141 3.60 -18.52 -15.68
CA MET B 141 3.22 -18.38 -14.25
C MET B 141 4.25 -18.97 -13.30
N ALA B 142 4.37 -18.35 -12.15
CA ALA B 142 5.30 -18.79 -11.12
C ALA B 142 4.91 -20.17 -10.63
N LEU B 143 3.61 -20.41 -10.68
CA LEU B 143 3.04 -21.65 -10.22
C LEU B 143 1.89 -22.04 -11.13
N ALA B 144 1.73 -23.33 -11.33
CA ALA B 144 0.55 -23.80 -12.06
C ALA B 144 -0.66 -23.66 -11.15
N PRO B 145 -1.78 -23.24 -11.70
CA PRO B 145 -2.99 -23.08 -10.90
C PRO B 145 -3.37 -24.39 -10.14
N CYS B 146 -3.60 -24.38 -8.82
CA CYS B 146 -4.09 -25.58 -8.12
C CYS B 146 -5.61 -25.55 -8.07
N HIS B 147 -6.18 -24.44 -7.61
CA HIS B 147 -7.60 -24.28 -7.57
C HIS B 147 -8.02 -23.81 -8.92
N ALA B 148 -8.25 -24.78 -9.81
CA ALA B 148 -8.11 -24.47 -11.22
C ALA B 148 -9.37 -24.10 -11.98
N PHE B 149 -10.51 -24.57 -11.49
CA PHE B 149 -11.72 -24.57 -12.26
C PHE B 149 -12.85 -24.61 -11.29
N PHE B 150 -13.78 -23.68 -11.40
CA PHE B 150 -14.91 -23.71 -10.52
C PHE B 150 -16.21 -23.30 -11.16
N GLN B 151 -17.28 -23.68 -10.51
CA GLN B 151 -18.60 -23.59 -11.10
C GLN B 151 -19.58 -23.20 -10.06
N PHE B 152 -20.51 -22.33 -10.46
CA PHE B 152 -21.59 -21.90 -9.61
C PHE B 152 -22.90 -22.53 -10.05
N TYR B 153 -23.83 -22.60 -9.13
CA TYR B 153 -25.10 -23.26 -9.32
C TYR B 153 -26.13 -22.50 -8.49
N VAL B 154 -27.32 -22.25 -9.02
CA VAL B 154 -28.35 -21.63 -8.24
C VAL B 154 -29.56 -22.52 -8.24
N ALA B 155 -30.01 -22.85 -7.04
CA ALA B 155 -31.31 -23.50 -6.87
C ALA B 155 -31.92 -23.11 -5.56
N ASP B 156 -33.24 -23.03 -5.54
CA ASP B 156 -34.00 -22.73 -4.34
C ASP B 156 -33.43 -21.50 -3.62
N GLY B 157 -33.13 -20.49 -4.43
CA GLY B 157 -32.67 -19.20 -3.94
C GLY B 157 -31.32 -19.20 -3.26
N LYS B 158 -30.56 -20.28 -3.43
CA LYS B 158 -29.24 -20.44 -2.83
C LYS B 158 -28.14 -20.56 -3.86
N LEU B 159 -27.03 -19.88 -3.59
CA LEU B 159 -25.82 -20.01 -4.40
C LEU B 159 -24.86 -21.10 -3.96
N SER B 160 -24.62 -22.09 -4.83
CA SER B 160 -23.57 -23.07 -4.55
C SER B 160 -22.37 -22.92 -5.50
N CYS B 161 -21.27 -23.53 -5.11
CA CYS B 161 -20.03 -23.45 -5.86
C CYS B 161 -19.27 -24.74 -5.71
N GLN B 162 -18.74 -25.27 -6.81
CA GLN B 162 -17.93 -26.45 -6.79
C GLN B 162 -16.56 -26.10 -7.34
N LEU B 163 -15.52 -26.40 -6.59
CA LEU B 163 -14.16 -26.18 -6.98
C LEU B 163 -13.51 -27.50 -7.38
N TYR B 164 -12.83 -27.50 -8.54
CA TYR B 164 -11.93 -28.59 -8.85
C TYR B 164 -10.49 -28.18 -8.60
N GLN B 165 -9.87 -28.81 -7.65
CA GLN B 165 -8.51 -28.47 -7.26
C GLN B 165 -7.63 -29.65 -7.68
N ARG B 166 -6.75 -29.41 -8.63
CA ARG B 166 -5.96 -30.49 -9.24
C ARG B 166 -4.93 -31.09 -8.28
N SER B 167 -4.53 -30.32 -7.28
CA SER B 167 -3.46 -30.74 -6.42
C SER B 167 -3.72 -30.08 -5.08
N CYS B 168 -3.59 -30.82 -4.01
CA CYS B 168 -4.02 -30.30 -2.76
C CYS B 168 -3.12 -30.74 -1.64
N ASP B 169 -2.40 -29.77 -1.08
CA ASP B 169 -1.62 -29.96 0.13
C ASP B 169 -2.61 -29.95 1.28
N VAL B 170 -2.95 -31.12 1.78
CA VAL B 170 -4.07 -31.20 2.68
C VAL B 170 -3.84 -30.41 3.97
N PHE B 171 -2.61 -30.46 4.47
CA PHE B 171 -2.31 -29.77 5.72
C PHE B 171 -2.26 -28.25 5.59
N LEU B 172 -1.48 -27.73 4.65
CA LEU B 172 -1.31 -26.28 4.54
C LEU B 172 -2.33 -25.57 3.72
N GLY B 173 -2.50 -26.08 2.49
CA GLY B 173 -3.20 -25.36 1.47
C GLY B 173 -4.68 -25.56 1.59
N LEU B 174 -5.13 -26.78 1.94
CA LEU B 174 -6.59 -27.03 1.89
C LEU B 174 -7.47 -26.18 2.78
N PRO B 175 -7.05 -25.95 4.06
CA PRO B 175 -7.85 -25.02 4.88
C PRO B 175 -8.04 -23.64 4.22
N PHE B 176 -6.99 -23.13 3.59
CA PHE B 176 -7.06 -21.83 2.94
C PHE B 176 -7.98 -21.91 1.76
N ASN B 177 -7.88 -22.98 1.00
CA ASN B 177 -8.69 -23.05 -0.23
C ASN B 177 -10.19 -23.11 0.12
N ILE B 178 -10.53 -23.92 1.10
CA ILE B 178 -11.93 -24.05 1.48
C ILE B 178 -12.45 -22.71 1.92
N ALA B 179 -11.72 -22.06 2.81
CA ALA B 179 -12.24 -20.84 3.39
C ALA B 179 -12.33 -19.76 2.33
N SER B 180 -11.37 -19.75 1.41
CA SER B 180 -11.34 -18.78 0.34
C SER B 180 -12.59 -18.87 -0.53
N TYR B 181 -12.86 -20.06 -1.03
CA TYR B 181 -14.04 -20.22 -1.86
C TYR B 181 -15.34 -20.02 -1.11
N ALA B 182 -15.37 -20.42 0.15
CA ALA B 182 -16.54 -20.17 0.96
C ALA B 182 -16.74 -18.67 1.07
N LEU B 183 -15.66 -17.95 1.31
CA LEU B 183 -15.79 -16.52 1.44
C LEU B 183 -16.31 -15.92 0.11
N LEU B 184 -15.81 -16.43 -1.02
CA LEU B 184 -16.27 -15.95 -2.32
C LEU B 184 -17.75 -16.23 -2.51
N VAL B 185 -18.21 -17.42 -2.12
CA VAL B 185 -19.64 -17.70 -2.23
C VAL B 185 -20.46 -16.67 -1.46
N HIS B 186 -20.03 -16.33 -0.24
CA HIS B 186 -20.71 -15.29 0.50
C HIS B 186 -20.77 -13.96 -0.26
N MET B 187 -19.68 -13.56 -0.87
CA MET B 187 -19.62 -12.26 -1.53
C MET B 187 -20.50 -12.25 -2.73
N MET B 188 -20.38 -13.29 -3.54
CA MET B 188 -21.22 -13.37 -4.72
C MET B 188 -22.67 -13.43 -4.32
N ALA B 189 -23.01 -14.21 -3.28
CA ALA B 189 -24.40 -14.34 -2.85
C ALA B 189 -24.90 -12.97 -2.45
N GLN B 190 -24.13 -12.27 -1.62
CA GLN B 190 -24.51 -10.92 -1.23
C GLN B 190 -24.76 -10.04 -2.48
N GLN B 191 -23.86 -10.08 -3.45
CA GLN B 191 -23.98 -9.23 -4.63
C GLN B 191 -25.15 -9.65 -5.55
N CYS B 192 -25.64 -10.89 -5.39
CA CYS B 192 -26.75 -11.40 -6.20
C CYS B 192 -28.04 -11.57 -5.42
N ASP B 193 -28.03 -11.16 -4.15
CA ASP B 193 -29.22 -11.30 -3.33
C ASP B 193 -29.67 -12.76 -3.30
N LEU B 194 -28.70 -13.64 -3.15
CA LEU B 194 -29.01 -15.04 -2.92
C LEU B 194 -28.59 -15.42 -1.51
N GLU B 195 -29.13 -16.53 -1.00
CA GLU B 195 -28.56 -17.15 0.18
C GLU B 195 -27.42 -18.04 -0.23
N VAL B 196 -26.48 -18.28 0.70
CA VAL B 196 -25.39 -19.20 0.45
C VAL B 196 -25.92 -20.63 0.51
N GLY B 197 -25.48 -21.45 -0.44
CA GLY B 197 -25.82 -22.86 -0.40
C GLY B 197 -24.64 -23.71 0.01
N ASP B 198 -24.18 -24.59 -0.90
CA ASP B 198 -23.09 -25.51 -0.57
C ASP B 198 -21.81 -25.09 -1.24
N PHE B 199 -20.70 -25.30 -0.55
CA PHE B 199 -19.44 -25.28 -1.21
C PHE B 199 -18.98 -26.75 -1.35
N VAL B 200 -18.84 -27.18 -2.58
CA VAL B 200 -18.39 -28.52 -2.89
C VAL B 200 -16.94 -28.47 -3.34
N TRP B 201 -16.12 -29.19 -2.61
CA TRP B 201 -14.72 -29.25 -2.92
C TRP B 201 -14.38 -30.58 -3.54
N THR B 202 -13.80 -30.53 -4.73
CA THR B 202 -13.28 -31.73 -5.38
C THR B 202 -11.81 -31.67 -5.62
N GLY B 203 -11.11 -32.72 -5.17
CA GLY B 203 -9.68 -32.77 -5.40
C GLY B 203 -9.24 -33.84 -6.36
N GLY B 204 -8.16 -33.51 -7.06
CA GLY B 204 -7.38 -34.46 -7.83
C GLY B 204 -6.38 -35.12 -6.90
N ASP B 205 -5.10 -34.79 -7.09
CA ASP B 205 -3.98 -35.36 -6.35
C ASP B 205 -3.99 -34.73 -4.98
N THR B 206 -4.45 -35.49 -4.02
CA THR B 206 -4.70 -34.99 -2.68
C THR B 206 -3.72 -35.65 -1.71
N HIS B 207 -2.86 -34.86 -1.06
CA HIS B 207 -1.74 -35.47 -0.42
C HIS B 207 -1.28 -34.77 0.87
N LEU B 208 -0.47 -35.50 1.60
CA LEU B 208 0.17 -35.04 2.83
C LEU B 208 1.65 -35.19 2.63
N TYR B 209 2.38 -34.09 2.74
CA TYR B 209 3.83 -34.12 2.73
C TYR B 209 4.37 -34.88 3.92
N SER B 210 5.46 -35.62 3.70
CA SER B 210 6.04 -36.45 4.72
C SER B 210 6.50 -35.61 5.90
N ASN B 211 6.85 -34.36 5.65
CA ASN B 211 7.37 -33.50 6.72
C ASN B 211 6.23 -32.71 7.35
N HIS B 212 5.01 -33.18 7.13
CA HIS B 212 3.86 -32.66 7.85
C HIS B 212 3.19 -33.76 8.66
N MET B 213 3.83 -34.91 8.79
CA MET B 213 3.16 -36.02 9.45
C MET B 213 2.99 -35.81 10.94
N ASP B 214 3.99 -35.22 11.61
CA ASP B 214 3.87 -35.02 13.06
C ASP B 214 2.68 -34.12 13.29
N GLN B 215 2.65 -33.02 12.52
CA GLN B 215 1.60 -32.01 12.59
C GLN B 215 0.22 -32.61 12.33
N THR B 216 0.19 -33.56 11.40
CA THR B 216 -1.07 -34.16 11.00
C THR B 216 -1.59 -35.05 12.11
N HIS B 217 -0.70 -35.85 12.66
CA HIS B 217 -1.09 -36.71 13.80
C HIS B 217 -1.60 -35.86 14.95
N LEU B 218 -0.91 -34.75 15.23
CA LEU B 218 -1.36 -33.86 16.29
C LEU B 218 -2.75 -33.31 15.94
N GLN B 219 -2.90 -32.83 14.71
CA GLN B 219 -4.14 -32.18 14.40
C GLN B 219 -5.24 -33.23 14.53
N LEU B 220 -4.93 -34.48 14.15
CA LEU B 220 -5.91 -35.56 14.20
C LEU B 220 -6.36 -35.90 15.62
N SER B 221 -5.54 -35.58 16.60
CA SER B 221 -5.94 -35.78 18.00
C SER B 221 -6.89 -34.72 18.54
N ARG B 222 -7.18 -33.68 17.77
CA ARG B 222 -8.03 -32.61 18.29
C ARG B 222 -9.46 -32.70 17.79
N GLU B 223 -10.35 -32.23 18.65
CA GLU B 223 -11.78 -32.25 18.37
C GLU B 223 -12.18 -30.94 17.71
N PRO B 224 -12.85 -31.00 16.55
CA PRO B 224 -13.36 -29.77 15.94
C PRO B 224 -14.25 -28.96 16.87
N ARG B 225 -14.13 -27.65 16.78
CA ARG B 225 -14.98 -26.72 17.50
C ARG B 225 -16.14 -26.29 16.57
N PRO B 226 -17.23 -25.75 17.14
CA PRO B 226 -18.34 -25.23 16.33
C PRO B 226 -17.80 -24.31 15.24
N LEU B 227 -18.38 -24.37 14.04
CA LEU B 227 -17.93 -23.48 12.97
C LEU B 227 -18.29 -22.07 13.35
N PRO B 228 -17.46 -21.12 12.90
CA PRO B 228 -17.80 -19.72 13.10
C PRO B 228 -18.86 -19.22 12.13
N LYS B 229 -19.23 -17.96 12.30
CA LYS B 229 -20.16 -17.33 11.42
C LYS B 229 -19.48 -16.16 10.77
N LEU B 230 -19.67 -16.06 9.47
CA LEU B 230 -19.15 -14.94 8.71
C LEU B 230 -20.17 -13.84 8.70
N ILE B 231 -19.75 -12.65 9.10
CA ILE B 231 -20.60 -11.49 9.09
C ILE B 231 -20.01 -10.54 8.06
N ILE B 232 -20.82 -10.06 7.14
CA ILE B 232 -20.37 -9.03 6.20
C ILE B 232 -21.06 -7.76 6.64
N LYS B 233 -20.25 -6.77 6.99
CA LYS B 233 -20.69 -5.58 7.71
C LYS B 233 -21.55 -4.65 6.88
N ARG B 234 -21.29 -4.59 5.59
CA ARG B 234 -22.06 -3.75 4.68
C ARG B 234 -22.13 -4.44 3.32
N LYS B 235 -22.97 -3.94 2.43
CA LYS B 235 -22.97 -4.40 1.04
C LYS B 235 -22.25 -3.38 0.17
N PRO B 236 -21.04 -3.72 -0.25
CA PRO B 236 -20.31 -2.90 -1.21
C PRO B 236 -21.08 -2.71 -2.54
N GLU B 237 -20.70 -1.69 -3.28
CA GLU B 237 -21.25 -1.40 -4.60
C GLU B 237 -21.15 -2.61 -5.55
N SER B 238 -20.06 -3.37 -5.42
CA SER B 238 -19.83 -4.52 -6.30
C SER B 238 -18.93 -5.56 -5.65
N ILE B 239 -18.79 -6.70 -6.35
CA ILE B 239 -17.94 -7.79 -5.91
C ILE B 239 -16.48 -7.34 -5.83
N PHE B 240 -16.17 -6.23 -6.49
CA PHE B 240 -14.80 -5.71 -6.58
C PHE B 240 -14.54 -4.60 -5.56
N ASP B 241 -15.55 -4.28 -4.77
CA ASP B 241 -15.44 -3.18 -3.83
C ASP B 241 -15.39 -3.59 -2.37
N TYR B 242 -15.09 -4.84 -2.09
CA TYR B 242 -14.98 -5.27 -0.68
C TYR B 242 -13.67 -4.81 -0.09
N ARG B 243 -13.62 -4.65 1.22
CA ARG B 243 -12.37 -4.36 1.87
C ARG B 243 -12.26 -5.30 3.06
N PHE B 244 -11.03 -5.44 3.55
CA PHE B 244 -10.77 -6.44 4.56
C PHE B 244 -11.68 -6.17 5.77
N GLU B 245 -11.87 -4.88 6.03
CA GLU B 245 -12.61 -4.40 7.20
C GLU B 245 -14.08 -4.81 7.15
N ASP B 246 -14.56 -5.19 5.96
CA ASP B 246 -15.96 -5.51 5.78
C ASP B 246 -16.31 -6.86 6.39
N PHE B 247 -15.31 -7.64 6.75
CA PHE B 247 -15.55 -8.99 7.19
C PHE B 247 -15.30 -9.12 8.69
N GLU B 248 -16.18 -9.84 9.37
CA GLU B 248 -15.92 -10.18 10.75
C GLU B 248 -16.19 -11.67 10.89
N ILE B 249 -15.26 -12.36 11.53
CA ILE B 249 -15.49 -13.79 11.76
C ILE B 249 -15.94 -13.82 13.21
N GLU B 250 -17.06 -14.46 13.48
CA GLU B 250 -17.64 -14.54 14.82
C GLU B 250 -17.62 -15.96 15.30
N GLY B 251 -17.14 -16.17 16.53
CA GLY B 251 -17.19 -17.47 17.15
C GLY B 251 -16.05 -18.39 16.75
N TYR B 252 -14.97 -17.82 16.26
CA TYR B 252 -13.88 -18.69 15.84
C TYR B 252 -13.03 -19.00 17.08
N ASP B 253 -13.08 -20.26 17.47
CA ASP B 253 -12.40 -20.76 18.65
C ASP B 253 -11.52 -21.93 18.27
N PRO B 254 -10.46 -21.65 17.52
CA PRO B 254 -9.58 -22.72 17.08
C PRO B 254 -8.66 -23.23 18.17
N HIS B 255 -8.25 -24.47 18.00
CA HIS B 255 -7.04 -24.94 18.64
C HIS B 255 -5.83 -24.15 18.14
N PRO B 256 -4.72 -24.20 18.91
CA PRO B 256 -3.49 -23.51 18.53
C PRO B 256 -3.02 -23.78 17.10
N GLY B 257 -2.43 -22.77 16.47
CA GLY B 257 -1.78 -22.91 15.18
C GLY B 257 -0.72 -24.00 15.26
N ILE B 258 -0.46 -24.65 14.13
CA ILE B 258 0.54 -25.69 14.04
C ILE B 258 1.46 -25.34 12.91
N LYS B 259 2.74 -25.16 13.25
CA LYS B 259 3.68 -24.70 12.26
C LYS B 259 4.03 -25.83 11.34
N ALA B 260 4.12 -25.52 10.05
CA ALA B 260 4.63 -26.45 9.05
C ALA B 260 5.27 -25.69 7.89
N PRO B 261 6.41 -26.19 7.45
CA PRO B 261 7.11 -25.55 6.34
C PRO B 261 6.38 -25.85 5.04
N VAL B 262 6.29 -24.88 4.16
CA VAL B 262 5.82 -25.16 2.82
C VAL B 262 6.93 -25.86 2.02
N ALA B 263 6.57 -26.86 1.22
CA ALA B 263 7.52 -27.50 0.35
C ALA B 263 7.62 -26.65 -0.90
N ILE B 264 8.78 -26.03 -1.13
CA ILE B 264 8.94 -25.05 -2.22
C ILE B 264 9.21 -25.68 -3.59
N LYS C 2 3.58 -2.12 -23.46
CA LYS C 2 4.11 -3.42 -23.80
C LYS C 2 4.37 -3.55 -25.31
N GLN C 3 3.40 -3.17 -26.13
CA GLN C 3 3.54 -3.27 -27.59
C GLN C 3 4.65 -2.37 -28.14
N TYR C 4 4.84 -1.21 -27.49
CA TYR C 4 5.83 -0.23 -27.93
C TYR C 4 7.22 -0.77 -27.63
N LEU C 5 7.41 -1.31 -26.42
CA LEU C 5 8.68 -1.88 -26.06
C LEU C 5 9.01 -3.13 -26.88
N GLU C 6 7.99 -3.93 -27.22
CA GLU C 6 8.22 -5.11 -28.05
C GLU C 6 8.69 -4.64 -29.40
N LEU C 7 8.13 -3.56 -29.91
CA LEU C 7 8.61 -3.00 -31.18
C LEU C 7 10.04 -2.54 -31.08
N MET C 8 10.31 -1.68 -30.09
CA MET C 8 11.67 -1.22 -29.84
C MET C 8 12.65 -2.39 -29.80
N GLN C 9 12.27 -3.46 -29.11
CA GLN C 9 13.12 -4.63 -29.00
C GLN C 9 13.32 -5.31 -30.37
N LYS C 10 12.23 -5.46 -31.11
CA LYS C 10 12.28 -6.10 -32.41
C LYS C 10 13.21 -5.34 -33.34
N VAL C 11 13.14 -4.01 -33.29
CA VAL C 11 14.00 -3.23 -34.16
C VAL C 11 15.46 -3.45 -33.74
N LEU C 12 15.69 -3.46 -32.44
CA LEU C 12 17.03 -3.71 -31.91
C LEU C 12 17.53 -5.05 -32.39
N ASP C 13 16.70 -6.08 -32.22
CA ASP C 13 17.02 -7.48 -32.58
C ASP C 13 17.04 -7.76 -34.08
N GLU C 14 16.06 -7.22 -34.81
CA GLU C 14 15.82 -7.63 -36.20
C GLU C 14 16.14 -6.54 -37.22
N GLY C 15 16.24 -5.30 -36.79
CA GLY C 15 16.57 -4.23 -37.71
C GLY C 15 17.88 -4.36 -38.47
N THR C 16 17.82 -4.09 -39.77
CA THR C 16 19.00 -4.02 -40.60
C THR C 16 19.57 -2.62 -40.50
N GLN C 17 20.90 -2.52 -40.62
CA GLN C 17 21.56 -1.23 -40.61
C GLN C 17 21.28 -0.51 -41.93
N LYS C 18 20.65 0.64 -41.82
CA LYS C 18 20.21 1.35 -43.00
C LYS C 18 20.62 2.79 -42.87
N ASN C 19 21.29 3.28 -43.92
CA ASN C 19 21.69 4.67 -43.98
C ASN C 19 20.43 5.52 -44.14
N ASP C 20 20.50 6.79 -43.77
CA ASP C 20 19.30 7.59 -43.90
C ASP C 20 19.58 8.98 -44.40
N ARG C 21 18.51 9.67 -44.74
CA ARG C 21 18.55 10.99 -45.33
C ARG C 21 19.42 11.92 -44.51
N THR C 22 19.27 11.84 -43.19
CA THR C 22 19.98 12.72 -42.26
C THR C 22 21.46 12.40 -42.10
N GLY C 23 21.89 11.21 -42.54
CA GLY C 23 23.28 10.80 -42.41
C GLY C 23 23.65 10.24 -41.03
N THR C 24 22.63 9.99 -40.24
CA THR C 24 22.78 9.50 -38.88
C THR C 24 22.89 7.96 -38.81
N GLY C 25 22.19 7.28 -39.69
CA GLY C 25 22.15 5.83 -39.63
C GLY C 25 21.04 5.32 -38.72
N THR C 26 20.50 4.16 -39.08
CA THR C 26 19.39 3.59 -38.33
C THR C 26 19.53 2.08 -38.28
N LEU C 27 18.83 1.48 -37.33
CA LEU C 27 18.41 0.10 -37.44
C LEU C 27 16.96 0.15 -37.88
N SER C 28 16.62 -0.68 -38.84
CA SER C 28 15.35 -0.50 -39.50
C SER C 28 14.66 -1.81 -39.82
N ILE C 29 13.37 -1.87 -39.55
CA ILE C 29 12.52 -2.90 -40.15
C ILE C 29 11.49 -2.25 -41.05
N PHE C 30 10.86 -3.05 -41.90
CA PHE C 30 9.80 -2.56 -42.77
C PHE C 30 8.53 -3.36 -42.53
N GLY C 31 7.48 -2.64 -42.14
CA GLY C 31 6.19 -3.25 -42.00
C GLY C 31 6.03 -3.76 -40.59
N HIS C 32 5.17 -3.10 -39.84
CA HIS C 32 4.83 -3.50 -38.50
C HIS C 32 3.43 -2.97 -38.25
N GLN C 33 2.72 -3.63 -37.32
CA GLN C 33 1.40 -3.21 -36.91
C GLN C 33 1.19 -3.50 -35.42
N MET C 34 0.55 -2.56 -34.70
CA MET C 34 0.22 -2.69 -33.30
C MET C 34 -1.19 -2.20 -33.15
N ARG C 35 -1.84 -2.64 -32.10
CA ARG C 35 -3.22 -2.29 -31.86
C ARG C 35 -3.36 -1.88 -30.41
N PHE C 36 -3.98 -0.73 -30.18
CA PHE C 36 -4.18 -0.21 -28.85
C PHE C 36 -5.66 -0.17 -28.61
N ASN C 37 -6.14 -0.99 -27.69
CA ASN C 37 -7.55 -0.90 -27.31
C ASN C 37 -7.70 0.26 -26.36
N LEU C 38 -8.37 1.31 -26.84
CA LEU C 38 -8.43 2.56 -26.14
C LEU C 38 -9.33 2.43 -24.94
N GLN C 39 -10.14 1.39 -24.92
CA GLN C 39 -10.92 1.10 -23.72
C GLN C 39 -10.03 0.70 -22.53
N ASP C 40 -8.82 0.24 -22.82
CA ASP C 40 -7.95 -0.22 -21.75
C ASP C 40 -7.16 0.93 -21.12
N GLY C 41 -7.25 2.13 -21.68
CA GLY C 41 -6.46 3.24 -21.19
C GLY C 41 -5.76 3.97 -22.30
N PHE C 42 -5.35 5.21 -22.01
CA PHE C 42 -4.81 6.09 -23.01
C PHE C 42 -3.35 5.71 -23.25
N PRO C 43 -3.00 5.40 -24.49
CA PRO C 43 -1.72 4.78 -24.86
C PRO C 43 -0.63 5.86 -24.91
N LEU C 44 -0.34 6.41 -23.74
CA LEU C 44 0.74 7.38 -23.59
C LEU C 44 1.91 6.64 -22.96
N VAL C 45 3.02 6.56 -23.68
CA VAL C 45 4.18 5.83 -23.19
C VAL C 45 4.55 6.22 -21.74
N THR C 46 4.74 5.21 -20.89
CA THR C 46 5.08 5.39 -19.47
C THR C 46 6.55 5.10 -19.11
N THR C 47 7.26 4.41 -19.98
CA THR C 47 8.67 4.09 -19.75
C THR C 47 9.56 5.30 -19.96
N LYS C 48 8.97 6.41 -20.36
CA LYS C 48 9.63 7.70 -20.31
C LYS C 48 8.56 8.77 -20.27
N ARG C 49 8.81 9.87 -19.59
CA ARG C 49 7.84 10.96 -19.64
C ARG C 49 7.71 11.58 -21.01
N CYS C 50 6.52 11.49 -21.60
CA CYS C 50 6.30 12.15 -22.87
C CYS C 50 5.70 13.55 -22.68
N HIS C 51 6.06 14.44 -23.60
CA HIS C 51 5.64 15.85 -23.53
C HIS C 51 4.24 16.03 -24.09
N LEU C 52 3.29 15.76 -23.22
CA LEU C 52 1.92 15.67 -23.62
C LEU C 52 1.42 17.02 -24.07
N ARG C 53 1.90 18.11 -23.45
CA ARG C 53 1.38 19.40 -23.86
C ARG C 53 1.73 19.69 -25.36
N SER C 54 2.89 19.26 -25.82
CA SER C 54 3.22 19.31 -27.23
C SER C 54 2.28 18.45 -28.09
N ILE C 55 1.96 17.25 -27.62
CA ILE C 55 1.09 16.34 -28.39
C ILE C 55 -0.29 16.97 -28.56
N ILE C 56 -0.82 17.54 -27.51
CA ILE C 56 -2.17 18.12 -27.57
C ILE C 56 -2.21 19.41 -28.37
N HIS C 57 -1.27 20.30 -28.11
CA HIS C 57 -1.25 21.50 -28.95
C HIS C 57 -1.08 21.21 -30.44
N GLU C 58 -0.24 20.24 -30.79
CA GLU C 58 0.02 19.95 -32.20
C GLU C 58 -1.28 19.46 -32.84
N LEU C 59 -1.98 18.59 -32.15
CA LEU C 59 -3.25 18.07 -32.68
C LEU C 59 -4.27 19.19 -32.87
N LEU C 60 -4.43 20.04 -31.88
CA LEU C 60 -5.33 21.17 -32.00
C LEU C 60 -4.95 22.04 -33.22
N TRP C 61 -3.65 22.22 -33.40
CA TRP C 61 -3.08 23.03 -34.47
C TRP C 61 -3.42 22.41 -35.84
N PHE C 62 -3.20 21.10 -35.95
CA PHE C 62 -3.61 20.36 -37.14
C PHE C 62 -5.08 20.57 -37.45
N LEU C 63 -5.93 20.39 -36.44
CA LEU C 63 -7.38 20.49 -36.66
C LEU C 63 -7.83 21.87 -37.11
N GLN C 64 -7.04 22.91 -36.81
CA GLN C 64 -7.37 24.25 -37.27
C GLN C 64 -6.87 24.52 -38.69
N GLY C 65 -6.18 23.56 -39.30
CA GLY C 65 -5.77 23.69 -40.68
C GLY C 65 -4.55 24.57 -40.79
N ASP C 66 -3.99 24.87 -39.63
CA ASP C 66 -2.89 25.80 -39.49
C ASP C 66 -1.58 25.07 -39.80
N THR C 67 -0.76 25.69 -40.66
CA THR C 67 0.59 25.17 -40.91
C THR C 67 1.68 26.16 -40.56
N ASN C 68 1.34 27.20 -39.80
CA ASN C 68 2.32 28.15 -39.36
C ASN C 68 2.52 27.90 -37.87
N ILE C 69 3.75 27.86 -37.41
CA ILE C 69 4.00 27.46 -36.05
C ILE C 69 3.80 28.54 -35.00
N ALA C 70 3.32 29.73 -35.37
CA ALA C 70 3.13 30.80 -34.37
C ALA C 70 2.34 30.29 -33.18
N TYR C 71 1.22 29.63 -33.48
CA TYR C 71 0.39 29.01 -32.46
C TYR C 71 1.19 28.09 -31.53
N LEU C 72 2.06 27.24 -32.09
CA LEU C 72 2.86 26.36 -31.29
C LEU C 72 3.80 27.20 -30.41
N HIS C 73 4.40 28.25 -30.97
CA HIS C 73 5.32 29.04 -30.19
C HIS C 73 4.57 29.77 -29.10
N GLU C 74 3.37 30.26 -29.39
CA GLU C 74 2.56 30.91 -28.37
C GLU C 74 2.46 30.00 -27.16
N ASN C 75 2.45 28.69 -27.42
CA ASN C 75 2.30 27.74 -26.33
C ASN C 75 3.57 26.97 -25.93
N ASN C 76 4.73 27.55 -26.27
CA ASN C 76 6.02 26.98 -25.89
C ASN C 76 6.18 25.54 -26.40
N VAL C 77 5.70 25.28 -27.62
CA VAL C 77 5.86 23.96 -28.23
C VAL C 77 6.83 24.15 -29.38
N THR C 78 7.92 23.40 -29.37
CA THR C 78 9.02 23.67 -30.29
C THR C 78 9.41 22.50 -31.19
N ILE C 79 8.59 21.47 -31.19
CA ILE C 79 8.91 20.27 -31.95
C ILE C 79 9.02 20.48 -33.47
N TRP C 80 8.44 21.56 -33.99
CA TRP C 80 8.48 21.83 -35.43
C TRP C 80 9.51 22.91 -35.80
N ASP C 81 10.22 23.46 -34.81
CA ASP C 81 11.10 24.59 -35.03
C ASP C 81 12.14 24.39 -36.13
N GLU C 82 12.71 23.20 -36.23
CA GLU C 82 13.83 22.98 -37.11
C GLU C 82 13.44 23.11 -38.58
N TRP C 83 12.16 22.93 -38.90
CA TRP C 83 11.70 22.92 -40.29
C TRP C 83 10.94 24.19 -40.71
N ALA C 84 10.58 25.04 -39.77
CA ALA C 84 9.79 26.23 -40.10
C ALA C 84 10.68 27.23 -40.79
N ASP C 85 10.17 27.91 -41.82
CA ASP C 85 10.93 29.00 -42.42
C ASP C 85 10.95 30.26 -41.54
N GLU C 86 11.62 31.31 -42.02
CA GLU C 86 11.69 32.61 -41.35
C GLU C 86 10.34 33.18 -40.85
N ASN C 87 9.24 32.85 -41.51
CA ASN C 87 7.90 33.34 -41.14
C ASN C 87 7.13 32.36 -40.28
N GLY C 88 7.77 31.25 -39.96
CA GLY C 88 7.15 30.17 -39.21
C GLY C 88 6.40 29.18 -40.07
N ASP C 89 6.46 29.36 -41.37
CA ASP C 89 5.71 28.51 -42.26
C ASP C 89 6.38 27.15 -42.56
N LEU C 90 5.53 26.14 -42.62
CA LEU C 90 5.92 24.81 -42.98
C LEU C 90 5.48 24.38 -44.38
N GLY C 91 4.70 25.21 -45.05
CA GLY C 91 4.12 24.82 -46.32
C GLY C 91 2.90 23.97 -46.03
N PRO C 92 2.30 23.38 -47.06
CA PRO C 92 0.98 22.81 -46.87
C PRO C 92 1.03 21.39 -46.33
N VAL C 93 1.52 21.29 -45.10
CA VAL C 93 1.59 20.02 -44.39
C VAL C 93 0.25 19.62 -43.77
N TYR C 94 0.27 18.70 -42.83
CA TYR C 94 -0.95 18.05 -42.33
C TYR C 94 -2.21 18.91 -42.23
N GLY C 95 -2.16 19.96 -41.44
CA GLY C 95 -3.34 20.77 -41.18
C GLY C 95 -3.98 21.24 -42.46
N LYS C 96 -3.13 21.69 -43.38
CA LYS C 96 -3.56 22.18 -44.67
C LYS C 96 -4.29 21.08 -45.47
N GLN C 97 -3.69 19.90 -45.55
CA GLN C 97 -4.31 18.80 -46.28
C GLN C 97 -5.57 18.29 -45.56
N TRP C 98 -5.56 18.29 -44.23
CA TRP C 98 -6.68 17.78 -43.45
C TRP C 98 -7.91 18.66 -43.61
N ARG C 99 -7.68 19.98 -43.62
CA ARG C 99 -8.77 20.95 -43.64
C ARG C 99 -9.09 21.56 -45.00
N ALA C 100 -8.12 21.54 -45.92
CA ALA C 100 -8.23 22.31 -47.14
C ALA C 100 -7.35 21.75 -48.24
N TRP C 101 -7.55 20.50 -48.59
CA TRP C 101 -6.86 19.88 -49.71
C TRP C 101 -7.31 20.61 -50.95
N PRO C 102 -6.37 21.20 -51.69
CA PRO C 102 -6.78 21.99 -52.86
C PRO C 102 -7.06 21.19 -54.11
N THR C 103 -8.12 21.56 -54.79
CA THR C 103 -8.46 20.90 -56.03
C THR C 103 -8.38 21.88 -57.18
N PRO C 104 -8.16 21.36 -58.40
CA PRO C 104 -8.42 22.11 -59.63
C PRO C 104 -9.84 22.65 -59.58
N ASP C 105 -9.98 23.96 -59.43
CA ASP C 105 -11.26 24.56 -59.08
C ASP C 105 -11.03 25.86 -58.31
N GLY C 106 -9.89 25.95 -57.63
CA GLY C 106 -9.67 27.00 -56.66
C GLY C 106 -10.43 26.62 -55.41
N ARG C 107 -11.00 25.42 -55.43
CA ARG C 107 -11.78 24.91 -54.32
C ARG C 107 -10.91 24.03 -53.43
N HIS C 108 -11.45 23.64 -52.30
CA HIS C 108 -10.69 22.91 -51.29
C HIS C 108 -11.57 21.83 -50.70
N ILE C 109 -10.95 20.74 -50.25
CA ILE C 109 -11.70 19.69 -49.59
C ILE C 109 -11.30 19.59 -48.14
N ASP C 110 -12.30 19.66 -47.27
CA ASP C 110 -12.11 19.55 -45.84
C ASP C 110 -12.31 18.11 -45.44
N GLN C 111 -11.21 17.37 -45.35
CA GLN C 111 -11.28 15.94 -45.07
C GLN C 111 -11.85 15.59 -43.72
N ILE C 112 -11.59 16.43 -42.73
CA ILE C 112 -12.05 16.16 -41.38
C ILE C 112 -13.57 16.33 -41.30
N THR C 113 -14.09 17.37 -41.92
CA THR C 113 -15.52 17.54 -41.94
C THR C 113 -16.14 16.38 -42.73
N THR C 114 -15.53 15.98 -43.84
CA THR C 114 -16.13 14.90 -44.63
C THR C 114 -16.15 13.65 -43.77
N VAL C 115 -15.09 13.41 -43.00
CA VAL C 115 -15.05 12.22 -42.16
C VAL C 115 -16.09 12.22 -41.04
N LEU C 116 -16.26 13.35 -40.38
CA LEU C 116 -17.30 13.46 -39.36
C LEU C 116 -18.67 13.17 -39.96
N ASN C 117 -18.92 13.77 -41.10
CA ASN C 117 -20.16 13.55 -41.79
C ASN C 117 -20.35 12.07 -42.11
N GLN C 118 -19.28 11.35 -42.45
CA GLN C 118 -19.45 9.96 -42.79
C GLN C 118 -19.71 9.14 -41.54
N LEU C 119 -19.04 9.49 -40.44
CA LEU C 119 -19.19 8.73 -39.23
C LEU C 119 -20.63 8.85 -38.74
N LYS C 120 -21.18 10.05 -38.87
CA LYS C 120 -22.54 10.29 -38.40
C LYS C 120 -23.61 9.67 -39.30
N ASN C 121 -23.44 9.78 -40.62
CA ASN C 121 -24.48 9.40 -41.58
C ASN C 121 -24.30 8.08 -42.32
N ASP C 122 -23.07 7.61 -42.39
CA ASP C 122 -22.77 6.41 -43.15
C ASP C 122 -21.59 5.68 -42.50
N PRO C 123 -21.70 5.36 -41.19
CA PRO C 123 -20.64 4.76 -40.39
C PRO C 123 -20.05 3.47 -40.96
N ASP C 124 -20.79 2.79 -41.83
CA ASP C 124 -20.33 1.53 -42.38
C ASP C 124 -19.47 1.73 -43.62
N SER C 125 -19.35 2.97 -44.06
CA SER C 125 -18.50 3.25 -45.22
C SER C 125 -17.11 2.67 -45.01
N ARG C 126 -16.58 2.07 -46.06
CA ARG C 126 -15.23 1.57 -46.02
C ARG C 126 -14.23 2.59 -46.61
N ARG C 127 -14.65 3.83 -46.82
CA ARG C 127 -13.74 4.83 -47.34
C ARG C 127 -13.79 6.10 -46.47
N ILE C 128 -13.80 5.91 -45.16
CA ILE C 128 -13.72 7.02 -44.22
C ILE C 128 -12.23 7.26 -44.00
N ILE C 129 -11.68 8.12 -44.84
CA ILE C 129 -10.25 8.27 -45.05
C ILE C 129 -9.82 9.73 -45.10
N VAL C 130 -8.72 10.01 -44.40
CA VAL C 130 -7.99 11.26 -44.54
C VAL C 130 -6.58 10.93 -45.04
N SER C 131 -6.12 11.64 -46.09
CA SER C 131 -4.76 11.55 -46.57
C SER C 131 -4.10 12.92 -46.47
N ALA C 132 -2.87 12.91 -45.99
CA ALA C 132 -1.94 14.03 -46.04
C ALA C 132 -1.06 13.97 -47.26
N TRP C 133 -1.09 12.85 -47.98
CA TRP C 133 -0.15 12.61 -49.05
C TRP C 133 -0.71 13.24 -50.34
N ASN C 134 -0.57 14.55 -50.41
CA ASN C 134 -0.93 15.29 -51.59
C ASN C 134 0.29 15.40 -52.50
N VAL C 135 0.32 14.44 -53.39
CA VAL C 135 1.40 14.29 -54.34
C VAL C 135 1.69 15.64 -54.98
N GLY C 136 0.65 16.41 -55.24
CA GLY C 136 0.79 17.67 -55.95
C GLY C 136 1.50 18.73 -55.14
N GLU C 137 1.58 18.52 -53.84
CA GLU C 137 2.04 19.58 -52.94
C GLU C 137 3.31 19.22 -52.22
N LEU C 138 3.79 18.00 -52.43
CA LEU C 138 4.88 17.48 -51.63
C LEU C 138 6.09 18.41 -51.66
N ASP C 139 6.37 18.98 -52.84
CA ASP C 139 7.59 19.71 -53.01
C ASP C 139 7.49 21.06 -52.31
N LYS C 140 6.29 21.42 -51.88
CA LYS C 140 6.05 22.68 -51.19
C LYS C 140 6.14 22.52 -49.65
N MET C 141 6.23 21.28 -49.21
CA MET C 141 6.19 20.96 -47.77
C MET C 141 7.59 20.93 -47.16
N ALA C 142 7.72 21.51 -45.96
CA ALA C 142 8.96 21.49 -45.20
C ALA C 142 9.50 20.10 -44.99
N LEU C 143 8.59 19.12 -44.95
CA LEU C 143 8.85 17.75 -44.63
C LEU C 143 7.74 16.91 -45.28
N ALA C 144 8.08 15.73 -45.80
CA ALA C 144 7.09 14.85 -46.39
C ALA C 144 6.23 14.27 -45.30
N PRO C 145 4.90 14.22 -45.52
CA PRO C 145 4.02 13.67 -44.48
C PRO C 145 4.50 12.29 -43.97
N CYS C 146 4.66 12.06 -42.65
CA CYS C 146 5.04 10.76 -42.10
C CYS C 146 3.79 10.01 -41.77
N HIS C 147 2.91 10.66 -41.01
CA HIS C 147 1.64 10.03 -40.69
C HIS C 147 0.69 10.44 -41.80
N ALA C 148 0.68 9.60 -42.84
CA ALA C 148 0.34 10.05 -44.19
C ALA C 148 -1.10 9.82 -44.56
N PHE C 149 -1.70 8.83 -43.91
CA PHE C 149 -2.97 8.23 -44.36
C PHE C 149 -3.65 7.51 -43.16
N PHE C 150 -4.92 7.81 -42.89
CA PHE C 150 -5.61 7.14 -41.83
C PHE C 150 -7.07 6.87 -42.17
N GLN C 151 -7.62 5.89 -41.50
CA GLN C 151 -8.92 5.35 -41.86
C GLN C 151 -9.67 5.12 -40.59
N PHE C 152 -10.95 5.47 -40.59
CA PHE C 152 -11.83 5.14 -39.49
C PHE C 152 -12.76 3.97 -39.83
N TYR C 153 -13.28 3.37 -38.78
CA TYR C 153 -14.10 2.18 -38.88
C TYR C 153 -14.99 2.13 -37.64
N VAL C 154 -16.21 1.67 -37.82
CA VAL C 154 -17.19 1.69 -36.74
C VAL C 154 -17.77 0.31 -36.66
N ALA C 155 -17.83 -0.23 -35.45
CA ALA C 155 -18.47 -1.52 -35.24
C ALA C 155 -18.78 -1.67 -33.77
N ASP C 156 -20.01 -2.10 -33.48
CA ASP C 156 -20.52 -2.23 -32.11
C ASP C 156 -20.41 -0.93 -31.32
N GLY C 157 -20.81 0.17 -31.97
CA GLY C 157 -20.89 1.48 -31.36
C GLY C 157 -19.53 2.10 -31.04
N LYS C 158 -18.47 1.52 -31.60
CA LYS C 158 -17.12 1.94 -31.23
C LYS C 158 -16.36 2.43 -32.43
N LEU C 159 -15.60 3.50 -32.23
CA LEU C 159 -14.85 4.08 -33.33
C LEU C 159 -13.43 3.61 -33.27
N SER C 160 -12.98 3.07 -34.41
CA SER C 160 -11.60 2.66 -34.56
C SER C 160 -10.94 3.50 -35.66
N CYS C 161 -9.62 3.58 -35.55
CA CYS C 161 -8.82 4.31 -36.51
C CYS C 161 -7.52 3.55 -36.79
N GLN C 162 -7.15 3.49 -38.05
CA GLN C 162 -5.87 2.90 -38.45
C GLN C 162 -5.09 3.98 -39.15
N LEU C 163 -3.85 4.15 -38.70
CA LEU C 163 -2.94 5.05 -39.31
C LEU C 163 -1.85 4.27 -40.06
N TYR C 164 -1.52 4.74 -41.25
CA TYR C 164 -0.37 4.26 -41.98
C TYR C 164 0.70 5.32 -41.84
N GLN C 165 1.82 4.92 -41.26
CA GLN C 165 2.93 5.84 -41.08
C GLN C 165 4.12 5.34 -41.87
N ARG C 166 4.59 6.11 -42.85
CA ARG C 166 5.57 5.64 -43.85
C ARG C 166 6.95 5.53 -43.24
N SER C 167 7.18 6.31 -42.19
CA SER C 167 8.50 6.39 -41.66
C SER C 167 8.30 6.64 -40.17
N CYS C 168 9.04 5.94 -39.35
CA CYS C 168 8.80 6.06 -37.92
C CYS C 168 10.08 5.99 -37.14
N ASP C 169 10.38 7.12 -36.49
CA ASP C 169 11.43 7.24 -35.45
C ASP C 169 10.85 6.67 -34.15
N VAL C 170 11.19 5.42 -33.88
CA VAL C 170 10.54 4.68 -32.84
C VAL C 170 10.75 5.40 -31.48
N PHE C 171 11.93 5.99 -31.31
CA PHE C 171 12.25 6.61 -30.02
C PHE C 171 11.55 7.94 -29.81
N LEU C 172 11.74 8.88 -30.73
CA LEU C 172 11.20 10.23 -30.58
C LEU C 172 9.78 10.39 -31.08
N GLY C 173 9.48 9.90 -32.29
CA GLY C 173 8.23 10.24 -32.93
C GLY C 173 7.07 9.33 -32.57
N LEU C 174 7.30 8.02 -32.56
CA LEU C 174 6.24 7.07 -32.35
C LEU C 174 5.39 7.34 -31.09
N PRO C 175 6.01 7.64 -29.94
CA PRO C 175 5.16 7.90 -28.78
C PRO C 175 4.22 9.06 -29.00
N PHE C 176 4.68 10.08 -29.74
CA PHE C 176 3.85 11.25 -30.04
C PHE C 176 2.79 10.85 -31.05
N ASN C 177 3.17 10.06 -32.04
CA ASN C 177 2.22 9.69 -33.08
C ASN C 177 1.10 8.88 -32.47
N ILE C 178 1.42 7.92 -31.61
CA ILE C 178 0.42 7.09 -30.98
C ILE C 178 -0.53 7.91 -30.16
N ALA C 179 0.01 8.79 -29.32
CA ALA C 179 -0.83 9.58 -28.43
C ALA C 179 -1.70 10.53 -29.20
N SER C 180 -1.12 11.15 -30.21
CA SER C 180 -1.87 12.07 -31.02
C SER C 180 -3.08 11.42 -31.67
N TYR C 181 -2.87 10.28 -32.29
CA TYR C 181 -4.01 9.64 -32.95
C TYR C 181 -5.04 9.13 -31.94
N ALA C 182 -4.60 8.54 -30.84
CA ALA C 182 -5.50 8.10 -29.81
C ALA C 182 -6.34 9.26 -29.30
N LEU C 183 -5.73 10.44 -29.16
CA LEU C 183 -6.47 11.61 -28.75
C LEU C 183 -7.50 12.05 -29.80
N LEU C 184 -7.11 12.01 -31.07
CA LEU C 184 -8.01 12.29 -32.16
C LEU C 184 -9.21 11.34 -32.11
N VAL C 185 -8.97 10.06 -31.87
CA VAL C 185 -10.07 9.13 -31.89
C VAL C 185 -11.05 9.46 -30.77
N HIS C 186 -10.53 9.89 -29.62
CA HIS C 186 -11.42 10.24 -28.52
C HIS C 186 -12.28 11.44 -28.91
N MET C 187 -11.65 12.44 -29.54
CA MET C 187 -12.34 13.64 -29.93
C MET C 187 -13.37 13.37 -31.00
N MET C 188 -12.99 12.53 -31.97
CA MET C 188 -13.89 12.10 -33.03
C MET C 188 -15.07 11.34 -32.44
N ALA C 189 -14.77 10.42 -31.52
CA ALA C 189 -15.81 9.55 -30.94
C ALA C 189 -16.78 10.39 -30.11
N GLN C 190 -16.27 11.37 -29.36
CA GLN C 190 -17.14 12.30 -28.63
C GLN C 190 -18.10 13.01 -29.58
N GLN C 191 -17.53 13.64 -30.61
CA GLN C 191 -18.28 14.46 -31.53
C GLN C 191 -19.27 13.60 -32.32
N CYS C 192 -19.02 12.31 -32.37
CA CYS C 192 -19.88 11.39 -33.12
C CYS C 192 -20.70 10.47 -32.23
N ASP C 193 -20.62 10.66 -30.91
CA ASP C 193 -21.41 9.89 -29.97
C ASP C 193 -21.12 8.40 -30.07
N LEU C 194 -19.85 8.08 -30.22
CA LEU C 194 -19.43 6.71 -30.30
C LEU C 194 -18.53 6.47 -29.10
N GLU C 195 -18.32 5.20 -28.76
CA GLU C 195 -17.30 4.83 -27.79
C GLU C 195 -15.98 4.72 -28.52
N VAL C 196 -14.86 4.83 -27.82
CA VAL C 196 -13.56 4.63 -28.46
C VAL C 196 -13.34 3.13 -28.65
N GLY C 197 -12.80 2.74 -29.80
CA GLY C 197 -12.44 1.34 -30.03
C GLY C 197 -10.92 1.18 -30.03
N ASP C 198 -10.39 0.80 -31.17
CA ASP C 198 -8.97 0.55 -31.35
C ASP C 198 -8.27 1.65 -32.11
N PHE C 199 -7.05 1.95 -31.69
CA PHE C 199 -6.12 2.63 -32.56
C PHE C 199 -5.18 1.57 -33.13
N VAL C 200 -5.21 1.38 -34.46
CA VAL C 200 -4.25 0.50 -35.13
C VAL C 200 -3.14 1.30 -35.78
N TRP C 201 -1.92 1.03 -35.39
CA TRP C 201 -0.76 1.74 -35.95
C TRP C 201 -0.04 0.84 -36.93
N THR C 202 0.09 1.29 -38.16
CA THR C 202 0.83 0.55 -39.17
C THR C 202 1.99 1.36 -39.65
N GLY C 203 3.15 0.75 -39.66
CA GLY C 203 4.38 1.45 -40.05
C GLY C 203 5.01 0.91 -41.29
N GLY C 204 5.61 1.81 -42.06
CA GLY C 204 6.57 1.51 -43.10
C GLY C 204 7.95 1.28 -42.55
N ASP C 205 8.85 2.21 -42.84
CA ASP C 205 10.24 2.09 -42.39
C ASP C 205 10.22 2.55 -40.95
N THR C 206 10.35 1.57 -40.07
CA THR C 206 10.24 1.72 -38.62
C THR C 206 11.65 1.50 -38.11
N HIS C 207 12.18 2.54 -37.50
CA HIS C 207 13.59 2.53 -37.24
C HIS C 207 13.98 3.20 -35.93
N LEU C 208 15.15 2.80 -35.44
CA LEU C 208 15.83 3.50 -34.35
C LEU C 208 17.06 4.17 -34.90
N TYR C 209 17.25 5.45 -34.59
CA TYR C 209 18.51 6.08 -34.94
C TYR C 209 19.73 5.60 -34.13
N SER C 210 20.86 5.62 -34.79
CA SER C 210 22.08 5.08 -34.25
C SER C 210 22.53 5.79 -32.96
N ASN C 211 22.23 7.08 -32.87
CA ASN C 211 22.55 7.86 -31.66
C ASN C 211 21.38 7.92 -30.70
N HIS C 212 20.46 6.97 -30.83
CA HIS C 212 19.44 6.78 -29.82
C HIS C 212 19.62 5.46 -29.09
N MET C 213 20.76 4.82 -29.27
CA MET C 213 20.89 3.47 -28.75
C MET C 213 21.02 3.45 -27.23
N ASP C 214 21.78 4.38 -26.67
CA ASP C 214 21.87 4.45 -25.21
C ASP C 214 20.49 4.62 -24.58
N GLN C 215 19.74 5.55 -25.12
CA GLN C 215 18.40 5.85 -24.68
C GLN C 215 17.49 4.64 -24.81
N THR C 216 17.62 3.94 -25.93
CA THR C 216 16.77 2.80 -26.16
C THR C 216 17.07 1.71 -25.14
N HIS C 217 18.34 1.39 -24.93
CA HIS C 217 18.69 0.37 -23.94
C HIS C 217 18.19 0.73 -22.55
N LEU C 218 18.28 2.00 -22.21
CA LEU C 218 17.75 2.48 -20.94
C LEU C 218 16.23 2.25 -20.86
N GLN C 219 15.52 2.63 -21.89
CA GLN C 219 14.06 2.57 -21.83
C GLN C 219 13.58 1.12 -21.75
N LEU C 220 14.30 0.23 -22.41
CA LEU C 220 13.94 -1.18 -22.41
C LEU C 220 14.13 -1.86 -21.06
N SER C 221 14.92 -1.23 -20.19
CA SER C 221 15.10 -1.75 -18.85
C SER C 221 13.92 -1.43 -17.93
N ARG C 222 13.02 -0.56 -18.36
CA ARG C 222 11.93 -0.10 -17.50
C ARG C 222 10.64 -0.89 -17.69
N GLU C 223 9.93 -1.11 -16.58
CA GLU C 223 8.67 -1.84 -16.60
C GLU C 223 7.58 -0.84 -16.91
N PRO C 224 6.71 -1.13 -17.89
CA PRO C 224 5.62 -0.18 -18.13
C PRO C 224 4.72 -0.07 -16.90
N ARG C 225 4.22 1.13 -16.67
CA ARG C 225 3.23 1.34 -15.64
C ARG C 225 1.85 1.38 -16.20
N PRO C 226 0.85 1.33 -15.33
CA PRO C 226 -0.50 1.31 -15.90
C PRO C 226 -0.76 2.51 -16.78
N LEU C 227 -1.58 2.34 -17.79
CA LEU C 227 -1.88 3.45 -18.67
C LEU C 227 -2.73 4.45 -17.93
N PRO C 228 -2.56 5.73 -18.26
CA PRO C 228 -3.37 6.82 -17.71
C PRO C 228 -4.74 6.82 -18.37
N LYS C 229 -5.64 7.63 -17.86
CA LYS C 229 -6.98 7.75 -18.41
C LYS C 229 -7.13 9.16 -18.95
N LEU C 230 -7.73 9.27 -20.12
CA LEU C 230 -7.91 10.59 -20.70
C LEU C 230 -9.26 11.09 -20.26
N ILE C 231 -9.27 12.31 -19.74
CA ILE C 231 -10.49 12.97 -19.33
C ILE C 231 -10.72 14.11 -20.29
N ILE C 232 -11.89 14.16 -20.90
CA ILE C 232 -12.31 15.35 -21.61
C ILE C 232 -13.37 16.06 -20.77
N LYS C 233 -13.01 17.26 -20.31
CA LYS C 233 -13.75 17.99 -19.26
C LYS C 233 -15.08 18.57 -19.76
N ARG C 234 -15.31 18.53 -21.07
CA ARG C 234 -16.58 18.96 -21.64
C ARG C 234 -16.75 18.40 -23.05
N LYS C 235 -17.88 18.71 -23.67
CA LYS C 235 -18.08 18.34 -25.04
C LYS C 235 -18.29 19.58 -25.88
N PRO C 236 -17.25 19.99 -26.63
CA PRO C 236 -17.36 21.18 -27.48
C PRO C 236 -18.39 21.02 -28.59
N GLU C 237 -18.71 22.13 -29.24
CA GLU C 237 -19.76 22.15 -30.24
C GLU C 237 -19.33 21.43 -31.51
N SER C 238 -18.02 21.43 -31.77
CA SER C 238 -17.49 20.73 -32.94
C SER C 238 -16.11 20.22 -32.64
N ILE C 239 -15.63 19.37 -33.55
CA ILE C 239 -14.30 18.82 -33.48
C ILE C 239 -13.26 19.92 -33.58
N PHE C 240 -13.67 21.11 -33.99
CA PHE C 240 -12.71 22.20 -34.19
C PHE C 240 -12.69 23.19 -33.02
N ASP C 241 -13.44 22.90 -31.97
CA ASP C 241 -13.68 23.84 -30.87
C ASP C 241 -13.02 23.42 -29.55
N TYR C 242 -12.15 22.42 -29.61
CA TYR C 242 -11.47 21.94 -28.41
C TYR C 242 -10.39 22.92 -27.99
N ARG C 243 -10.11 22.97 -26.69
CA ARG C 243 -9.01 23.79 -26.22
C ARG C 243 -8.12 22.95 -25.33
N PHE C 244 -6.89 23.40 -25.16
CA PHE C 244 -5.91 22.63 -24.39
C PHE C 244 -6.43 22.29 -23.00
N GLU C 245 -7.15 23.21 -22.40
CA GLU C 245 -7.57 23.05 -21.02
C GLU C 245 -8.72 22.05 -20.90
N ASP C 246 -9.22 21.60 -22.05
CA ASP C 246 -10.33 20.65 -22.06
C ASP C 246 -9.87 19.23 -21.75
N PHE C 247 -8.56 19.00 -21.79
CA PHE C 247 -8.04 17.68 -21.57
C PHE C 247 -7.37 17.51 -20.22
N GLU C 248 -7.63 16.37 -19.59
CA GLU C 248 -6.83 15.98 -18.44
C GLU C 248 -6.36 14.54 -18.58
N ILE C 249 -5.07 14.36 -18.33
CA ILE C 249 -4.48 13.03 -18.32
C ILE C 249 -4.43 12.64 -16.84
N GLU C 250 -5.12 11.58 -16.49
CA GLU C 250 -5.20 11.14 -15.10
C GLU C 250 -4.32 9.93 -14.86
N GLY C 251 -3.69 9.93 -13.71
CA GLY C 251 -2.95 8.76 -13.28
C GLY C 251 -1.78 8.44 -14.18
N TYR C 252 -1.14 9.48 -14.71
CA TYR C 252 0.08 9.28 -15.50
C TYR C 252 1.29 9.35 -14.57
N ASP C 253 1.95 8.22 -14.42
CA ASP C 253 3.09 8.07 -13.49
C ASP C 253 4.28 7.53 -14.25
N PRO C 254 4.80 8.31 -15.19
CA PRO C 254 5.88 7.79 -16.01
C PRO C 254 7.20 7.72 -15.31
N HIS C 255 8.06 6.86 -15.85
CA HIS C 255 9.51 6.93 -15.60
C HIS C 255 10.04 8.27 -16.10
N PRO C 256 11.23 8.68 -15.63
CA PRO C 256 11.75 9.98 -16.08
C PRO C 256 11.94 10.10 -17.58
N GLY C 257 11.77 11.31 -18.10
CA GLY C 257 12.06 11.59 -19.50
C GLY C 257 13.47 11.22 -19.86
N ILE C 258 13.67 10.90 -21.13
CA ILE C 258 14.97 10.55 -21.65
C ILE C 258 15.25 11.47 -22.82
N LYS C 259 16.34 12.20 -22.74
CA LYS C 259 16.70 13.14 -23.78
C LYS C 259 17.25 12.41 -25.00
N ALA C 260 16.81 12.84 -26.19
CA ALA C 260 17.44 12.39 -27.43
C ALA C 260 17.38 13.47 -28.49
N PRO C 261 18.46 13.60 -29.26
CA PRO C 261 18.53 14.57 -30.35
C PRO C 261 17.73 14.10 -31.56
N VAL C 262 17.00 15.03 -32.15
CA VAL C 262 16.29 14.77 -33.39
C VAL C 262 17.29 14.83 -34.53
N ALA C 263 17.22 13.86 -35.44
CA ALA C 263 18.10 13.84 -36.62
C ALA C 263 17.52 14.85 -37.59
N ILE C 264 18.27 15.86 -38.02
CA ILE C 264 17.66 16.92 -38.83
C ILE C 264 17.60 16.62 -40.33
N LYS D 2 -24.08 -50.27 -10.84
CA LYS D 2 -24.56 -49.95 -9.51
C LYS D 2 -24.48 -48.43 -9.21
N GLN D 3 -23.30 -47.87 -9.39
CA GLN D 3 -23.13 -46.46 -9.08
C GLN D 3 -23.98 -45.55 -9.96
N TYR D 4 -24.18 -45.97 -11.22
CA TYR D 4 -24.96 -45.17 -12.14
C TYR D 4 -26.40 -45.16 -11.68
N LEU D 5 -26.91 -46.32 -11.32
CA LEU D 5 -28.29 -46.41 -10.90
C LEU D 5 -28.51 -45.66 -9.60
N GLU D 6 -27.52 -45.68 -8.74
CA GLU D 6 -27.63 -44.98 -7.45
C GLU D 6 -27.76 -43.50 -7.69
N LEU D 7 -27.00 -43.01 -8.67
CA LEU D 7 -27.00 -41.59 -8.99
C LEU D 7 -28.36 -41.27 -9.55
N MET D 8 -28.85 -42.13 -10.43
CA MET D 8 -30.18 -41.94 -10.98
C MET D 8 -31.22 -41.83 -9.91
N GLN D 9 -31.11 -42.70 -8.92
CA GLN D 9 -32.05 -42.73 -7.83
C GLN D 9 -31.90 -41.42 -7.02
N LYS D 10 -30.66 -40.97 -6.87
CA LYS D 10 -30.39 -39.79 -6.04
C LYS D 10 -30.98 -38.52 -6.64
N VAL D 11 -30.96 -38.42 -7.94
CA VAL D 11 -31.49 -37.24 -8.58
C VAL D 11 -33.02 -37.26 -8.43
N LEU D 12 -33.61 -38.46 -8.52
CA LEU D 12 -35.05 -38.57 -8.36
C LEU D 12 -35.43 -38.06 -7.00
N ASP D 13 -34.76 -38.58 -5.99
CA ASP D 13 -34.99 -38.18 -4.60
C ASP D 13 -34.71 -36.71 -4.40
N GLU D 14 -33.44 -36.34 -4.48
CA GLU D 14 -32.96 -35.09 -3.93
C GLU D 14 -32.91 -33.96 -4.96
N GLY D 15 -33.09 -34.31 -6.22
CA GLY D 15 -33.01 -33.33 -7.29
C GLY D 15 -34.00 -32.21 -7.07
N THR D 16 -33.74 -31.08 -7.71
CA THR D 16 -34.64 -29.93 -7.67
C THR D 16 -35.20 -29.68 -9.03
N GLN D 17 -36.52 -29.45 -9.10
CA GLN D 17 -37.09 -29.06 -10.35
C GLN D 17 -36.40 -27.77 -10.73
N LYS D 18 -35.87 -27.72 -11.95
CA LYS D 18 -35.06 -26.61 -12.36
C LYS D 18 -35.29 -26.40 -13.85
N ASN D 19 -35.62 -25.17 -14.24
CA ASN D 19 -35.72 -24.81 -15.66
C ASN D 19 -34.36 -24.88 -16.34
N ASP D 20 -34.31 -25.03 -17.66
CA ASP D 20 -33.03 -25.10 -18.34
C ASP D 20 -33.01 -24.43 -19.71
N ARG D 21 -31.80 -24.26 -20.24
CA ARG D 21 -31.55 -23.61 -21.52
C ARG D 21 -32.40 -24.11 -22.70
N THR D 22 -32.66 -25.41 -22.75
CA THR D 22 -33.30 -26.01 -23.93
C THR D 22 -34.81 -25.86 -23.94
N GLY D 23 -35.34 -25.35 -22.84
CA GLY D 23 -36.76 -25.19 -22.71
C GLY D 23 -37.38 -26.43 -22.14
N THR D 24 -36.58 -27.49 -21.95
CA THR D 24 -37.18 -28.76 -21.55
C THR D 24 -37.55 -28.92 -20.06
N GLY D 25 -36.72 -28.40 -19.15
CA GLY D 25 -36.95 -28.59 -17.71
C GLY D 25 -36.28 -29.85 -17.15
N THR D 26 -35.71 -29.76 -15.94
CA THR D 26 -35.00 -30.90 -15.33
C THR D 26 -35.23 -31.11 -13.85
N LEU D 27 -34.87 -32.29 -13.38
CA LEU D 27 -34.60 -32.51 -11.95
C LEU D 27 -33.08 -32.48 -11.76
N SER D 28 -32.59 -31.55 -10.96
CA SER D 28 -31.15 -31.31 -10.88
C SER D 28 -30.55 -31.41 -9.45
N ILE D 29 -29.38 -32.04 -9.37
CA ILE D 29 -28.53 -31.94 -8.17
C ILE D 29 -27.18 -31.28 -8.57
N PHE D 30 -26.43 -30.80 -7.59
CA PHE D 30 -25.16 -30.17 -7.87
C PHE D 30 -24.04 -30.80 -7.08
N GLY D 31 -23.08 -31.37 -7.79
CA GLY D 31 -21.98 -32.01 -7.13
C GLY D 31 -22.27 -33.46 -6.83
N HIS D 32 -21.53 -34.32 -7.50
CA HIS D 32 -21.55 -35.75 -7.25
C HIS D 32 -20.21 -36.35 -7.71
N GLN D 33 -19.85 -37.50 -7.15
CA GLN D 33 -18.63 -38.18 -7.59
C GLN D 33 -18.81 -39.70 -7.55
N MET D 34 -18.22 -40.38 -8.52
CA MET D 34 -18.28 -41.82 -8.64
C MET D 34 -16.93 -42.28 -9.04
N ARG D 35 -16.63 -43.52 -8.70
CA ARG D 35 -15.35 -44.13 -8.98
C ARG D 35 -15.61 -45.48 -9.61
N PHE D 36 -14.90 -45.74 -10.70
CA PHE D 36 -14.95 -47.05 -11.35
C PHE D 36 -13.56 -47.61 -11.38
N ASN D 37 -13.37 -48.71 -10.68
CA ASN D 37 -12.13 -49.46 -10.81
C ASN D 37 -12.12 -50.21 -12.13
N LEU D 38 -11.30 -49.75 -13.07
CA LEU D 38 -11.30 -50.31 -14.42
C LEU D 38 -10.81 -51.74 -14.48
N GLN D 39 -10.11 -52.19 -13.47
CA GLN D 39 -9.74 -53.60 -13.44
C GLN D 39 -10.97 -54.46 -13.07
N ASP D 40 -12.03 -53.87 -12.55
CA ASP D 40 -13.29 -54.61 -12.29
C ASP D 40 -14.10 -54.93 -13.56
N GLY D 41 -13.71 -54.33 -14.66
CA GLY D 41 -14.44 -54.45 -15.90
C GLY D 41 -14.70 -53.08 -16.48
N PHE D 42 -15.19 -53.10 -17.70
CA PHE D 42 -15.34 -51.91 -18.45
C PHE D 42 -16.70 -51.32 -18.14
N PRO D 43 -16.73 -50.07 -17.66
CA PRO D 43 -17.98 -49.55 -17.13
C PRO D 43 -18.93 -49.03 -18.19
N LEU D 44 -19.51 -49.95 -18.94
CA LEU D 44 -20.50 -49.63 -19.94
C LEU D 44 -21.85 -50.05 -19.39
N VAL D 45 -22.78 -49.11 -19.32
CA VAL D 45 -24.09 -49.37 -18.74
C VAL D 45 -24.69 -50.66 -19.32
N THR D 46 -25.19 -51.51 -18.42
CA THR D 46 -25.82 -52.77 -18.78
C THR D 46 -27.33 -52.72 -18.68
N THR D 47 -27.87 -51.72 -17.98
CA THR D 47 -29.32 -51.71 -17.76
C THR D 47 -30.08 -51.12 -18.91
N LYS D 48 -29.33 -50.73 -19.93
CA LYS D 48 -29.91 -50.47 -21.23
C LYS D 48 -28.79 -50.69 -22.22
N ARG D 49 -29.07 -51.12 -23.43
CA ARG D 49 -27.98 -51.24 -24.37
C ARG D 49 -27.54 -49.86 -24.82
N CYS D 50 -26.24 -49.63 -24.73
CA CYS D 50 -25.61 -48.40 -25.16
C CYS D 50 -24.91 -48.56 -26.49
N HIS D 51 -24.94 -47.50 -27.30
CA HIS D 51 -24.40 -47.55 -28.67
C HIS D 51 -22.88 -47.31 -28.62
N LEU D 52 -22.17 -48.36 -28.20
CA LEU D 52 -20.71 -48.34 -28.10
C LEU D 52 -20.05 -47.86 -29.38
N ARG D 53 -20.58 -48.18 -30.56
CA ARG D 53 -19.88 -47.73 -31.74
C ARG D 53 -19.82 -46.22 -31.82
N SER D 54 -20.87 -45.55 -31.40
CA SER D 54 -20.84 -44.09 -31.34
C SER D 54 -19.81 -43.54 -30.36
N ILE D 55 -19.71 -44.18 -29.20
CA ILE D 55 -18.76 -43.75 -28.16
C ILE D 55 -17.35 -43.87 -28.73
N ILE D 56 -17.05 -44.98 -29.39
CA ILE D 56 -15.70 -45.21 -29.88
C ILE D 56 -15.36 -44.23 -30.98
N HIS D 57 -16.25 -44.12 -31.99
CA HIS D 57 -15.98 -43.19 -33.06
C HIS D 57 -15.86 -41.75 -32.57
N GLU D 58 -16.71 -41.36 -31.62
CA GLU D 58 -16.61 -40.00 -31.11
C GLU D 58 -15.24 -39.76 -30.49
N LEU D 59 -14.74 -40.72 -29.74
CA LEU D 59 -13.45 -40.52 -29.12
C LEU D 59 -12.34 -40.47 -30.15
N LEU D 60 -12.37 -41.33 -31.17
CA LEU D 60 -11.38 -41.24 -32.24
C LEU D 60 -11.43 -39.89 -32.98
N TRP D 61 -12.62 -39.37 -33.13
CA TRP D 61 -12.83 -38.12 -33.79
C TRP D 61 -12.17 -36.99 -32.95
N PHE D 62 -12.47 -36.98 -31.65
CA PHE D 62 -11.80 -36.08 -30.71
C PHE D 62 -10.29 -36.11 -30.85
N LEU D 63 -9.72 -37.30 -30.79
CA LEU D 63 -8.28 -37.46 -30.82
C LEU D 63 -7.59 -37.00 -32.11
N GLN D 64 -8.32 -36.92 -33.21
CA GLN D 64 -7.76 -36.43 -34.46
C GLN D 64 -7.86 -34.92 -34.53
N GLY D 65 -8.45 -34.32 -33.51
CA GLY D 65 -8.60 -32.89 -33.48
C GLY D 65 -9.74 -32.39 -34.33
N ASP D 66 -10.55 -33.31 -34.83
CA ASP D 66 -11.60 -32.99 -35.81
C ASP D 66 -12.87 -32.48 -35.14
N THR D 67 -13.45 -31.43 -35.70
CA THR D 67 -14.69 -30.87 -35.14
C THR D 67 -15.75 -30.70 -36.22
N ASN D 68 -15.55 -31.39 -37.33
CA ASN D 68 -16.57 -31.48 -38.36
C ASN D 68 -17.15 -32.89 -38.32
N ILE D 69 -18.46 -33.02 -38.40
CA ILE D 69 -19.06 -34.32 -38.13
C ILE D 69 -19.01 -35.28 -39.34
N ALA D 70 -18.42 -34.83 -40.45
CA ALA D 70 -18.37 -35.65 -41.66
C ALA D 70 -17.88 -37.03 -41.28
N TYR D 71 -16.82 -37.10 -40.49
CA TYR D 71 -16.27 -38.40 -40.08
C TYR D 71 -17.28 -39.22 -39.30
N LEU D 72 -18.06 -38.61 -38.40
CA LEU D 72 -19.06 -39.38 -37.67
C LEU D 72 -20.13 -39.94 -38.64
N HIS D 73 -20.60 -39.08 -39.53
CA HIS D 73 -21.59 -39.48 -40.55
C HIS D 73 -21.08 -40.61 -41.40
N GLU D 74 -19.80 -40.56 -41.72
CA GLU D 74 -19.20 -41.58 -42.56
C GLU D 74 -19.35 -42.92 -41.89
N ASN D 75 -19.42 -42.89 -40.56
CA ASN D 75 -19.49 -44.10 -39.78
C ASN D 75 -20.81 -44.29 -39.10
N ASN D 76 -21.81 -43.62 -39.64
CA ASN D 76 -23.18 -43.79 -39.19
C ASN D 76 -23.34 -43.41 -37.73
N VAL D 77 -22.65 -42.35 -37.31
CA VAL D 77 -22.79 -41.86 -35.94
C VAL D 77 -23.46 -40.48 -36.00
N THR D 78 -24.60 -40.35 -35.33
CA THR D 78 -25.45 -39.17 -35.52
C THR D 78 -25.63 -38.37 -34.24
N ILE D 79 -24.93 -38.75 -33.19
CA ILE D 79 -25.14 -38.09 -31.89
C ILE D 79 -24.84 -36.56 -31.86
N TRP D 80 -24.04 -36.06 -32.79
CA TRP D 80 -23.78 -34.63 -32.89
C TRP D 80 -24.63 -33.90 -33.95
N ASP D 81 -25.56 -34.60 -34.58
CA ASP D 81 -26.29 -33.98 -35.66
C ASP D 81 -26.98 -32.69 -35.28
N GLU D 82 -27.63 -32.67 -34.12
CA GLU D 82 -28.49 -31.52 -33.80
C GLU D 82 -27.75 -30.16 -33.77
N TRP D 83 -26.45 -30.16 -33.55
CA TRP D 83 -25.73 -28.90 -33.29
C TRP D 83 -24.80 -28.46 -34.42
N ALA D 84 -24.58 -29.35 -35.37
CA ALA D 84 -23.70 -29.02 -36.48
C ALA D 84 -24.37 -28.02 -37.40
N ASP D 85 -23.57 -27.14 -37.98
CA ASP D 85 -24.09 -26.22 -38.98
C ASP D 85 -24.19 -26.91 -40.35
N GLU D 86 -24.60 -26.15 -41.34
CA GLU D 86 -24.89 -26.65 -42.69
C GLU D 86 -23.70 -27.39 -43.27
N ASN D 87 -22.50 -26.95 -42.90
CA ASN D 87 -21.28 -27.58 -43.40
C ASN D 87 -20.80 -28.70 -42.50
N GLY D 88 -21.57 -28.98 -41.46
CA GLY D 88 -21.25 -30.06 -40.54
C GLY D 88 -20.31 -29.65 -39.43
N ASP D 89 -20.08 -28.35 -39.32
CA ASP D 89 -19.13 -27.79 -38.36
C ASP D 89 -19.75 -27.54 -37.00
N LEU D 90 -18.94 -27.75 -35.98
CA LEU D 90 -19.38 -27.58 -34.62
C LEU D 90 -18.66 -26.42 -33.94
N GLY D 91 -17.67 -25.86 -34.63
CA GLY D 91 -16.78 -24.90 -33.99
C GLY D 91 -15.69 -25.64 -33.24
N PRO D 92 -14.86 -24.91 -32.51
CA PRO D 92 -13.65 -25.49 -31.92
C PRO D 92 -13.94 -26.22 -30.61
N VAL D 93 -14.82 -27.21 -30.66
CA VAL D 93 -15.15 -28.02 -29.49
C VAL D 93 -14.00 -28.94 -29.13
N TYR D 94 -14.29 -29.96 -28.33
CA TYR D 94 -13.30 -30.80 -27.69
C TYR D 94 -12.05 -31.11 -28.49
N GLY D 95 -12.24 -31.71 -29.66
CA GLY D 95 -11.11 -32.16 -30.43
C GLY D 95 -10.11 -31.07 -30.70
N LYS D 96 -10.61 -29.89 -31.04
CA LYS D 96 -9.75 -28.75 -31.32
C LYS D 96 -8.95 -28.31 -30.07
N GLN D 97 -9.62 -28.22 -28.93
CA GLN D 97 -8.94 -27.81 -27.70
C GLN D 97 -7.93 -28.87 -27.26
N TRP D 98 -8.30 -30.16 -27.44
CA TRP D 98 -7.44 -31.25 -27.02
C TRP D 98 -6.13 -31.27 -27.80
N ARG D 99 -6.19 -30.99 -29.11
CA ARG D 99 -5.03 -31.22 -29.96
C ARG D 99 -4.36 -29.93 -30.40
N ALA D 100 -5.09 -28.82 -30.35
CA ALA D 100 -4.60 -27.57 -30.90
C ALA D 100 -5.21 -26.37 -30.20
N TRP D 101 -5.19 -26.38 -28.88
CA TRP D 101 -5.65 -25.23 -28.11
C TRP D 101 -5.02 -23.95 -28.62
N PRO D 102 -5.84 -22.98 -29.08
CA PRO D 102 -5.20 -21.81 -29.68
C PRO D 102 -4.93 -20.77 -28.64
N THR D 103 -3.80 -20.11 -28.81
CA THR D 103 -3.45 -19.02 -27.93
C THR D 103 -3.56 -17.71 -28.69
N PRO D 104 -3.92 -16.63 -27.98
CA PRO D 104 -4.02 -15.27 -28.53
C PRO D 104 -2.88 -14.86 -29.48
N ASP D 105 -1.65 -15.32 -29.22
CA ASP D 105 -0.53 -15.04 -30.12
C ASP D 105 -0.59 -15.83 -31.45
N GLY D 106 -1.23 -16.99 -31.43
CA GLY D 106 -1.36 -17.81 -32.62
C GLY D 106 -0.72 -19.19 -32.48
N ARG D 107 -0.47 -19.59 -31.24
CA ARG D 107 0.15 -20.88 -30.97
C ARG D 107 -0.96 -21.94 -31.01
N HIS D 108 -0.57 -23.21 -31.08
CA HIS D 108 -1.51 -24.30 -30.88
C HIS D 108 -0.83 -25.25 -29.92
N ILE D 109 -1.53 -25.59 -28.84
CA ILE D 109 -0.95 -26.49 -27.88
C ILE D 109 -1.64 -27.86 -27.93
N ASP D 110 -0.84 -28.90 -28.09
CA ASP D 110 -1.36 -30.27 -28.19
C ASP D 110 -1.38 -30.85 -26.79
N GLN D 111 -2.51 -30.72 -26.11
CA GLN D 111 -2.61 -31.16 -24.72
C GLN D 111 -2.50 -32.67 -24.59
N ILE D 112 -2.96 -33.42 -25.60
CA ILE D 112 -2.91 -34.86 -25.50
C ILE D 112 -1.48 -35.34 -25.52
N THR D 113 -0.68 -34.71 -26.37
CA THR D 113 0.72 -35.08 -26.57
C THR D 113 1.44 -34.68 -25.32
N THR D 114 1.08 -33.55 -24.72
CA THR D 114 1.78 -33.18 -23.49
C THR D 114 1.45 -34.19 -22.40
N VAL D 115 0.18 -34.59 -22.27
CA VAL D 115 -0.16 -35.55 -21.23
C VAL D 115 0.57 -36.88 -21.42
N LEU D 116 0.64 -37.37 -22.65
CA LEU D 116 1.33 -38.64 -22.88
C LEU D 116 2.79 -38.55 -22.45
N ASN D 117 3.41 -37.41 -22.72
CA ASN D 117 4.79 -37.26 -22.35
C ASN D 117 4.93 -37.22 -20.84
N GLN D 118 3.98 -36.56 -20.17
CA GLN D 118 4.04 -36.50 -18.74
C GLN D 118 3.84 -37.90 -18.18
N LEU D 119 2.94 -38.66 -18.80
CA LEU D 119 2.64 -39.97 -18.23
C LEU D 119 3.83 -40.91 -18.37
N LYS D 120 4.55 -40.75 -19.46
CA LYS D 120 5.73 -41.56 -19.76
C LYS D 120 6.92 -41.14 -18.89
N ASN D 121 7.12 -39.83 -18.76
CA ASN D 121 8.40 -39.32 -18.30
C ASN D 121 8.36 -38.49 -17.04
N ASP D 122 7.16 -38.06 -16.66
CA ASP D 122 7.00 -37.32 -15.45
C ASP D 122 5.69 -37.73 -14.79
N PRO D 123 5.57 -39.02 -14.46
CA PRO D 123 4.30 -39.59 -14.04
C PRO D 123 3.82 -39.07 -12.70
N ASP D 124 4.72 -38.51 -11.90
CA ASP D 124 4.38 -38.06 -10.56
C ASP D 124 3.79 -36.67 -10.60
N SER D 125 3.88 -36.02 -11.75
CA SER D 125 3.35 -34.67 -11.92
C SER D 125 1.91 -34.55 -11.48
N ARG D 126 1.62 -33.43 -10.82
CA ARG D 126 0.28 -33.16 -10.36
C ARG D 126 -0.49 -32.25 -11.29
N ARG D 127 0.04 -32.01 -12.48
CA ARG D 127 -0.65 -31.19 -13.45
C ARG D 127 -0.71 -31.87 -14.81
N ILE D 128 -1.04 -33.15 -14.80
CA ILE D 128 -1.30 -33.87 -16.04
C ILE D 128 -2.76 -33.66 -16.37
N ILE D 129 -2.99 -32.60 -17.11
CA ILE D 129 -4.31 -32.03 -17.22
C ILE D 129 -4.62 -31.75 -18.68
N VAL D 130 -5.87 -31.99 -19.04
CA VAL D 130 -6.41 -31.55 -20.31
C VAL D 130 -7.61 -30.69 -20.03
N SER D 131 -7.66 -29.50 -20.61
CA SER D 131 -8.84 -28.63 -20.54
C SER D 131 -9.49 -28.33 -21.86
N ALA D 132 -10.81 -28.46 -21.94
CA ALA D 132 -11.52 -28.04 -23.12
C ALA D 132 -12.09 -26.65 -22.92
N TRP D 133 -11.94 -26.10 -21.71
CA TRP D 133 -12.59 -24.83 -21.40
C TRP D 133 -11.71 -23.66 -21.80
N ASN D 134 -11.70 -23.38 -23.09
CA ASN D 134 -10.89 -22.32 -23.60
C ASN D 134 -11.82 -21.13 -23.66
N VAL D 135 -11.71 -20.27 -22.67
CA VAL D 135 -12.67 -19.20 -22.51
C VAL D 135 -12.81 -18.35 -23.74
N GLY D 136 -11.69 -18.07 -24.39
CA GLY D 136 -11.70 -17.17 -25.53
C GLY D 136 -12.39 -17.75 -26.78
N GLU D 137 -12.68 -19.04 -26.73
CA GLU D 137 -13.22 -19.79 -27.86
C GLU D 137 -14.66 -20.22 -27.63
N LEU D 138 -15.12 -20.10 -26.39
CA LEU D 138 -16.44 -20.59 -26.01
C LEU D 138 -17.56 -20.12 -26.95
N ASP D 139 -17.53 -18.87 -27.37
CA ASP D 139 -18.70 -18.38 -28.07
C ASP D 139 -18.68 -18.81 -29.54
N LYS D 140 -17.60 -19.47 -29.97
CA LYS D 140 -17.53 -20.00 -31.34
C LYS D 140 -18.04 -21.45 -31.37
N MET D 141 -18.31 -22.02 -30.20
CA MET D 141 -18.63 -23.44 -30.04
C MET D 141 -20.14 -23.66 -30.18
N ALA D 142 -20.53 -24.73 -30.88
CA ALA D 142 -21.94 -25.05 -30.99
C ALA D 142 -22.53 -25.32 -29.62
N LEU D 143 -21.75 -25.98 -28.77
CA LEU D 143 -22.11 -26.28 -27.40
C LEU D 143 -20.93 -25.95 -26.46
N ALA D 144 -21.19 -25.40 -25.29
CA ALA D 144 -20.12 -25.27 -24.29
C ALA D 144 -19.59 -26.65 -23.85
N PRO D 145 -18.27 -26.80 -23.71
CA PRO D 145 -17.74 -28.09 -23.30
C PRO D 145 -18.37 -28.62 -22.01
N CYS D 146 -18.87 -29.86 -21.99
CA CYS D 146 -19.53 -30.51 -20.86
C CYS D 146 -18.50 -31.28 -20.08
N HIS D 147 -17.81 -32.20 -20.78
CA HIS D 147 -16.70 -32.92 -20.19
C HIS D 147 -15.50 -32.01 -20.34
N ALA D 148 -15.38 -31.10 -19.38
CA ALA D 148 -14.63 -29.87 -19.54
C ALA D 148 -13.15 -29.93 -19.18
N PHE D 149 -12.82 -30.77 -18.22
CA PHE D 149 -11.53 -30.66 -17.55
C PHE D 149 -11.24 -32.03 -17.02
N PHE D 150 -10.09 -32.59 -17.36
CA PHE D 150 -9.71 -33.87 -16.83
C PHE D 150 -8.24 -33.95 -16.48
N GLN D 151 -7.96 -34.88 -15.60
CA GLN D 151 -6.65 -35.01 -14.97
C GLN D 151 -6.25 -36.48 -14.85
N PHE D 152 -4.98 -36.77 -15.10
CA PHE D 152 -4.47 -38.13 -14.94
C PHE D 152 -3.59 -38.22 -13.70
N TYR D 153 -3.44 -39.43 -13.23
CA TYR D 153 -2.71 -39.77 -12.02
C TYR D 153 -2.16 -41.18 -12.09
N VAL D 154 -0.93 -41.34 -11.66
CA VAL D 154 -0.29 -42.64 -11.73
C VAL D 154 0.13 -43.05 -10.35
N ALA D 155 -0.25 -44.26 -9.95
CA ALA D 155 0.25 -44.82 -8.70
C ALA D 155 0.16 -46.33 -8.79
N ASP D 156 1.16 -47.02 -8.24
CA ASP D 156 1.19 -48.48 -8.29
C ASP D 156 1.21 -48.98 -9.75
N GLY D 157 1.79 -48.20 -10.66
CA GLY D 157 1.83 -48.59 -12.05
C GLY D 157 0.45 -48.68 -12.71
N LYS D 158 -0.51 -47.94 -12.18
CA LYS D 158 -1.86 -47.85 -12.71
C LYS D 158 -2.23 -46.42 -13.02
N LEU D 159 -2.86 -46.24 -14.18
CA LEU D 159 -3.30 -44.96 -14.66
C LEU D 159 -4.72 -44.71 -14.22
N SER D 160 -4.91 -43.61 -13.51
CA SER D 160 -6.25 -43.18 -13.16
C SER D 160 -6.55 -41.88 -13.85
N CYS D 161 -7.83 -41.61 -14.00
CA CYS D 161 -8.24 -40.34 -14.59
C CYS D 161 -9.45 -39.80 -13.86
N GLN D 162 -9.47 -38.49 -13.63
CA GLN D 162 -10.67 -37.87 -13.12
C GLN D 162 -11.20 -36.86 -14.07
N LEU D 163 -12.51 -36.92 -14.30
CA LEU D 163 -13.18 -35.97 -15.16
C LEU D 163 -14.05 -35.02 -14.36
N TYR D 164 -13.93 -33.73 -14.64
CA TYR D 164 -14.92 -32.76 -14.21
C TYR D 164 -15.90 -32.45 -15.30
N GLN D 165 -17.11 -32.95 -15.11
CA GLN D 165 -18.21 -32.70 -16.01
C GLN D 165 -19.19 -31.68 -15.49
N ARG D 166 -19.20 -30.49 -16.10
CA ARG D 166 -19.96 -29.39 -15.52
C ARG D 166 -21.46 -29.60 -15.62
N SER D 167 -21.89 -30.47 -16.54
CA SER D 167 -23.29 -30.61 -16.81
C SER D 167 -23.48 -32.01 -17.35
N CYS D 168 -24.50 -32.67 -16.84
CA CYS D 168 -24.62 -34.10 -17.08
C CYS D 168 -26.09 -34.48 -17.20
N ASP D 169 -26.49 -34.83 -18.41
CA ASP D 169 -27.77 -35.50 -18.64
C ASP D 169 -27.57 -36.92 -18.21
N VAL D 170 -28.13 -37.31 -17.08
CA VAL D 170 -27.83 -38.60 -16.50
C VAL D 170 -28.31 -39.77 -17.37
N PHE D 171 -29.45 -39.59 -18.00
CA PHE D 171 -29.99 -40.67 -18.76
C PHE D 171 -29.20 -40.90 -20.06
N LEU D 172 -29.05 -39.84 -20.84
CA LEU D 172 -28.48 -39.95 -22.20
C LEU D 172 -26.96 -39.82 -22.26
N GLY D 173 -26.43 -38.79 -21.61
CA GLY D 173 -25.04 -38.46 -21.78
C GLY D 173 -24.14 -39.29 -20.93
N LEU D 174 -24.46 -39.41 -19.65
CA LEU D 174 -23.50 -39.96 -18.69
C LEU D 174 -23.00 -41.36 -19.08
N PRO D 175 -23.88 -42.23 -19.55
CA PRO D 175 -23.33 -43.55 -19.90
C PRO D 175 -22.30 -43.46 -20.99
N PHE D 176 -22.44 -42.50 -21.91
CA PHE D 176 -21.46 -42.28 -22.96
C PHE D 176 -20.18 -41.66 -22.42
N ASN D 177 -20.31 -40.61 -21.60
CA ASN D 177 -19.15 -39.97 -20.97
C ASN D 177 -18.30 -40.95 -20.16
N ILE D 178 -18.94 -41.79 -19.37
CA ILE D 178 -18.22 -42.75 -18.58
C ILE D 178 -17.45 -43.68 -19.47
N ALA D 179 -18.16 -44.29 -20.43
CA ALA D 179 -17.51 -45.25 -21.28
C ALA D 179 -16.38 -44.59 -22.11
N SER D 180 -16.60 -43.37 -22.55
CA SER D 180 -15.63 -42.63 -23.33
C SER D 180 -14.31 -42.48 -22.62
N TYR D 181 -14.37 -41.90 -21.43
CA TYR D 181 -13.14 -41.72 -20.65
C TYR D 181 -12.53 -43.05 -20.21
N ALA D 182 -13.33 -44.05 -19.88
CA ALA D 182 -12.79 -45.36 -19.54
C ALA D 182 -11.99 -45.87 -20.72
N LEU D 183 -12.50 -45.66 -21.93
CA LEU D 183 -11.78 -46.10 -23.12
C LEU D 183 -10.46 -45.31 -23.29
N LEU D 184 -10.53 -44.00 -23.10
CA LEU D 184 -9.33 -43.20 -23.20
C LEU D 184 -8.26 -43.65 -22.22
N VAL D 185 -8.65 -44.00 -21.00
CA VAL D 185 -7.67 -44.46 -20.01
C VAL D 185 -7.04 -45.76 -20.46
N HIS D 186 -7.82 -46.65 -21.06
CA HIS D 186 -7.25 -47.89 -21.57
C HIS D 186 -6.24 -47.64 -22.66
N MET D 187 -6.60 -46.74 -23.55
CA MET D 187 -5.71 -46.40 -24.64
C MET D 187 -4.43 -45.74 -24.08
N MET D 188 -4.59 -44.76 -23.22
CA MET D 188 -3.40 -44.11 -22.69
C MET D 188 -2.52 -45.06 -21.88
N ALA D 189 -3.14 -45.96 -21.14
CA ALA D 189 -2.41 -46.89 -20.31
C ALA D 189 -1.66 -47.83 -21.21
N GLN D 190 -2.31 -48.28 -22.28
CA GLN D 190 -1.59 -49.11 -23.26
C GLN D 190 -0.38 -48.36 -23.82
N GLN D 191 -0.60 -47.11 -24.21
CA GLN D 191 0.44 -46.32 -24.84
C GLN D 191 1.56 -45.97 -23.88
N CYS D 192 1.29 -46.07 -22.57
CA CYS D 192 2.27 -45.76 -21.53
C CYS D 192 2.72 -47.01 -20.76
N ASP D 193 2.32 -48.18 -21.25
CA ASP D 193 2.77 -49.41 -20.63
C ASP D 193 2.43 -49.40 -19.16
N LEU D 194 1.26 -48.84 -18.84
CA LEU D 194 0.72 -48.89 -17.50
C LEU D 194 -0.53 -49.78 -17.45
N GLU D 195 -0.91 -50.23 -16.25
CA GLU D 195 -2.18 -50.89 -16.04
C GLU D 195 -3.26 -49.83 -15.85
N VAL D 196 -4.53 -50.20 -15.95
CA VAL D 196 -5.62 -49.23 -15.72
C VAL D 196 -6.00 -49.21 -14.24
N GLY D 197 -6.26 -48.02 -13.75
CA GLY D 197 -6.62 -47.82 -12.37
C GLY D 197 -8.09 -47.46 -12.22
N ASP D 198 -8.34 -46.26 -11.71
CA ASP D 198 -9.69 -45.80 -11.48
C ASP D 198 -10.07 -44.77 -12.52
N PHE D 199 -11.34 -44.77 -12.91
CA PHE D 199 -11.90 -43.59 -13.53
C PHE D 199 -12.80 -42.91 -12.50
N VAL D 200 -12.48 -41.66 -12.18
CA VAL D 200 -13.27 -40.90 -11.27
C VAL D 200 -14.10 -39.86 -12.01
N TRP D 201 -15.40 -40.00 -11.93
CA TRP D 201 -16.33 -39.06 -12.54
C TRP D 201 -16.81 -38.06 -11.49
N THR D 202 -16.63 -36.78 -11.77
CA THR D 202 -17.16 -35.75 -10.93
C THR D 202 -18.10 -34.85 -11.71
N GLY D 203 -19.26 -34.60 -11.13
CA GLY D 203 -20.28 -33.82 -11.76
C GLY D 203 -20.60 -32.52 -11.09
N GLY D 204 -20.96 -31.55 -11.92
CA GLY D 204 -21.61 -30.34 -11.49
C GLY D 204 -23.10 -30.47 -11.48
N ASP D 205 -23.76 -29.83 -12.46
CA ASP D 205 -25.22 -29.88 -12.56
C ASP D 205 -25.59 -31.19 -13.21
N THR D 206 -26.02 -32.11 -12.37
CA THR D 206 -26.27 -33.48 -12.72
C THR D 206 -27.78 -33.63 -12.70
N HIS D 207 -28.39 -34.03 -13.81
CA HIS D 207 -29.82 -33.89 -13.89
C HIS D 207 -30.48 -34.92 -14.77
N LEU D 208 -31.79 -34.99 -14.61
CA LEU D 208 -32.66 -35.84 -15.41
C LEU D 208 -33.67 -34.94 -16.08
N TYR D 209 -33.79 -35.05 -17.40
CA TYR D 209 -34.74 -34.25 -18.16
C TYR D 209 -36.14 -34.69 -17.91
N SER D 210 -37.03 -33.71 -17.83
CA SER D 210 -38.41 -33.99 -17.51
C SER D 210 -38.91 -35.06 -18.44
N ASN D 211 -38.49 -35.02 -19.71
CA ASN D 211 -38.98 -36.00 -20.68
C ASN D 211 -38.22 -37.35 -20.68
N HIS D 212 -37.48 -37.63 -19.60
CA HIS D 212 -36.76 -38.91 -19.45
C HIS D 212 -37.24 -39.69 -18.23
N MET D 213 -38.36 -39.32 -17.66
CA MET D 213 -38.80 -39.95 -16.42
C MET D 213 -39.31 -41.38 -16.59
N ASP D 214 -40.07 -41.63 -17.64
CA ASP D 214 -40.53 -42.99 -17.90
C ASP D 214 -39.33 -43.87 -18.18
N GLN D 215 -38.40 -43.36 -18.96
CA GLN D 215 -37.22 -44.15 -19.29
C GLN D 215 -36.44 -44.44 -18.01
N THR D 216 -36.37 -43.46 -17.12
CA THR D 216 -35.56 -43.67 -15.93
C THR D 216 -36.19 -44.68 -14.95
N HIS D 217 -37.50 -44.61 -14.72
CA HIS D 217 -38.14 -45.59 -13.84
C HIS D 217 -38.05 -46.97 -14.42
N LEU D 218 -38.19 -47.04 -15.73
CA LEU D 218 -38.00 -48.32 -16.43
C LEU D 218 -36.60 -48.82 -16.19
N GLN D 219 -35.60 -47.96 -16.39
CA GLN D 219 -34.26 -48.46 -16.26
C GLN D 219 -33.99 -48.88 -14.82
N LEU D 220 -34.50 -48.13 -13.85
CA LEU D 220 -34.28 -48.45 -12.44
C LEU D 220 -34.93 -49.78 -11.99
N SER D 221 -35.86 -50.29 -12.78
CA SER D 221 -36.49 -51.56 -12.41
C SER D 221 -35.60 -52.73 -12.79
N ARG D 222 -34.50 -52.45 -13.50
CA ARG D 222 -33.69 -53.51 -14.08
C ARG D 222 -32.45 -53.76 -13.26
N GLU D 223 -32.00 -55.02 -13.20
CA GLU D 223 -30.78 -55.33 -12.45
C GLU D 223 -29.54 -55.29 -13.34
N PRO D 224 -28.44 -54.69 -12.85
CA PRO D 224 -27.22 -54.69 -13.65
C PRO D 224 -26.67 -56.07 -13.92
N ARG D 225 -26.00 -56.19 -15.04
CA ARG D 225 -25.41 -57.44 -15.46
C ARG D 225 -23.93 -57.26 -15.27
N PRO D 226 -23.19 -58.37 -15.27
CA PRO D 226 -21.73 -58.40 -15.28
C PRO D 226 -21.14 -57.37 -16.21
N LEU D 227 -20.09 -56.71 -15.76
CA LEU D 227 -19.46 -55.73 -16.62
C LEU D 227 -18.71 -56.44 -17.71
N PRO D 228 -18.72 -55.86 -18.92
CA PRO D 228 -17.96 -56.46 -20.02
C PRO D 228 -16.48 -56.20 -19.87
N LYS D 229 -15.70 -56.73 -20.81
CA LYS D 229 -14.28 -56.50 -20.85
C LYS D 229 -13.95 -55.86 -22.18
N LEU D 230 -13.12 -54.84 -22.12
CA LEU D 230 -12.55 -54.21 -23.31
C LEU D 230 -11.31 -54.97 -23.75
N ILE D 231 -11.32 -55.35 -25.02
CA ILE D 231 -10.16 -55.94 -25.65
C ILE D 231 -9.62 -54.97 -26.69
N ILE D 232 -8.33 -54.70 -26.63
CA ILE D 232 -7.71 -53.91 -27.67
C ILE D 232 -6.89 -54.88 -28.50
N LYS D 233 -7.20 -54.97 -29.79
CA LYS D 233 -6.71 -56.06 -30.60
C LYS D 233 -5.28 -55.87 -31.05
N ARG D 234 -4.83 -54.62 -31.10
CA ARG D 234 -3.42 -54.32 -31.36
C ARG D 234 -2.99 -53.05 -30.64
N LYS D 235 -1.70 -52.91 -30.44
CA LYS D 235 -1.14 -51.71 -29.83
C LYS D 235 -0.62 -50.74 -30.89
N PRO D 236 -1.40 -49.72 -31.24
CA PRO D 236 -1.06 -48.80 -32.32
C PRO D 236 0.24 -48.04 -32.06
N GLU D 237 0.65 -47.25 -33.06
CA GLU D 237 1.87 -46.43 -33.02
C GLU D 237 1.84 -45.47 -31.84
N SER D 238 0.73 -44.79 -31.70
CA SER D 238 0.59 -43.73 -30.73
C SER D 238 -0.88 -43.61 -30.44
N ILE D 239 -1.20 -42.73 -29.50
CA ILE D 239 -2.58 -42.54 -29.08
C ILE D 239 -3.44 -42.02 -30.21
N PHE D 240 -2.81 -41.54 -31.27
CA PHE D 240 -3.55 -40.89 -32.36
C PHE D 240 -3.81 -41.82 -33.53
N ASP D 241 -3.36 -43.06 -33.39
CA ASP D 241 -3.44 -44.01 -34.50
C ASP D 241 -4.28 -45.24 -34.19
N TYR D 242 -5.17 -45.13 -33.22
CA TYR D 242 -6.10 -46.21 -32.96
C TYR D 242 -7.12 -46.25 -34.07
N ARG D 243 -7.70 -47.43 -34.29
CA ARG D 243 -8.79 -47.53 -35.23
C ARG D 243 -10.01 -48.19 -34.57
N PHE D 244 -11.17 -47.98 -35.18
CA PHE D 244 -12.42 -48.51 -34.66
C PHE D 244 -12.28 -50.00 -34.46
N GLU D 245 -11.66 -50.64 -35.43
CA GLU D 245 -11.56 -52.08 -35.48
C GLU D 245 -10.62 -52.64 -34.42
N ASP D 246 -9.81 -51.77 -33.80
CA ASP D 246 -8.93 -52.24 -32.74
C ASP D 246 -9.67 -52.61 -31.48
N PHE D 247 -10.90 -52.14 -31.34
CA PHE D 247 -11.61 -52.38 -30.10
C PHE D 247 -12.66 -53.51 -30.23
N GLU D 248 -12.75 -54.32 -29.19
CA GLU D 248 -13.86 -55.25 -29.04
C GLU D 248 -14.28 -55.27 -27.59
N ILE D 249 -15.57 -55.40 -27.38
CA ILE D 249 -16.11 -55.44 -26.07
C ILE D 249 -16.56 -56.87 -25.97
N GLU D 250 -16.32 -57.51 -24.82
CA GLU D 250 -16.63 -58.93 -24.66
C GLU D 250 -17.51 -59.08 -23.45
N GLY D 251 -18.43 -60.02 -23.49
CA GLY D 251 -19.30 -60.29 -22.38
C GLY D 251 -20.23 -59.12 -22.08
N TYR D 252 -20.56 -58.34 -23.10
CA TYR D 252 -21.56 -57.26 -22.94
C TYR D 252 -22.98 -57.82 -23.22
N ASP D 253 -23.74 -58.05 -22.17
CA ASP D 253 -25.09 -58.58 -22.26
C ASP D 253 -26.12 -57.66 -21.64
N PRO D 254 -26.38 -56.52 -22.28
CA PRO D 254 -27.29 -55.50 -21.75
C PRO D 254 -28.76 -55.84 -21.82
N HIS D 255 -29.53 -55.27 -20.91
CA HIS D 255 -30.97 -55.17 -21.11
C HIS D 255 -31.24 -54.41 -22.40
N PRO D 256 -32.49 -54.43 -22.86
CA PRO D 256 -32.80 -53.75 -24.11
C PRO D 256 -32.63 -52.25 -24.02
N GLY D 257 -32.29 -51.66 -25.17
CA GLY D 257 -32.06 -50.23 -25.22
C GLY D 257 -33.35 -49.51 -24.92
N ILE D 258 -33.24 -48.26 -24.47
CA ILE D 258 -34.40 -47.47 -24.10
C ILE D 258 -34.36 -46.17 -24.89
N LYS D 259 -35.36 -45.93 -25.72
CA LYS D 259 -35.36 -44.73 -26.54
C LYS D 259 -35.68 -43.53 -25.66
N ALA D 260 -34.97 -42.43 -25.88
CA ALA D 260 -35.14 -41.21 -25.08
C ALA D 260 -34.67 -40.04 -25.92
N PRO D 261 -35.46 -38.97 -25.96
CA PRO D 261 -35.17 -37.84 -26.83
C PRO D 261 -34.10 -36.94 -26.26
N VAL D 262 -33.26 -36.38 -27.13
CA VAL D 262 -32.28 -35.41 -26.68
C VAL D 262 -32.94 -34.05 -26.72
N ALA D 263 -32.61 -33.19 -25.75
CA ALA D 263 -33.13 -31.83 -25.75
C ALA D 263 -32.12 -30.94 -26.47
N ILE D 264 -32.58 -30.13 -27.43
CA ILE D 264 -31.64 -29.41 -28.31
C ILE D 264 -31.20 -28.05 -27.76
N LYS E 2 21.06 51.20 11.57
CA LYS E 2 20.41 51.43 10.30
C LYS E 2 19.34 50.37 10.02
N GLN E 3 19.69 49.11 10.17
CA GLN E 3 18.74 48.04 9.84
C GLN E 3 17.54 48.00 10.80
N TYR E 4 17.79 48.31 12.08
CA TYR E 4 16.74 48.45 13.06
C TYR E 4 15.74 49.58 12.74
N LEU E 5 16.22 50.81 12.56
CA LEU E 5 15.36 51.90 12.13
C LEU E 5 14.65 51.56 10.80
N GLU E 6 15.34 50.88 9.89
CA GLU E 6 14.72 50.53 8.62
C GLU E 6 13.53 49.64 8.91
N LEU E 7 13.67 48.72 9.86
CA LEU E 7 12.57 47.81 10.18
C LEU E 7 11.44 48.57 10.82
N MET E 8 11.81 49.48 11.72
CA MET E 8 10.82 50.22 12.45
C MET E 8 9.99 50.99 11.46
N GLN E 9 10.69 51.60 10.51
CA GLN E 9 10.02 52.38 9.50
C GLN E 9 9.17 51.46 8.60
N LYS E 10 9.64 50.25 8.35
CA LYS E 10 8.85 49.28 7.56
C LYS E 10 7.53 48.90 8.24
N VAL E 11 7.58 48.66 9.55
CA VAL E 11 6.37 48.31 10.29
C VAL E 11 5.38 49.48 10.22
N LEU E 12 5.85 50.68 10.50
CA LEU E 12 4.97 51.83 10.39
C LEU E 12 4.36 51.97 9.00
N ASP E 13 5.16 51.81 7.96
CA ASP E 13 4.70 51.95 6.58
C ASP E 13 3.78 50.81 6.14
N GLU E 14 4.28 49.58 6.24
CA GLU E 14 3.60 48.43 5.65
C GLU E 14 2.77 47.65 6.66
N GLY E 15 2.91 47.96 7.94
CA GLY E 15 2.30 47.11 8.95
C GLY E 15 0.78 47.11 8.88
N THR E 16 0.17 45.94 9.09
CA THR E 16 -1.27 45.82 9.27
C THR E 16 -1.67 46.06 10.73
N GLN E 17 -2.71 46.87 10.91
CA GLN E 17 -3.34 47.10 12.20
C GLN E 17 -4.00 45.80 12.63
N LYS E 18 -3.61 45.29 13.78
CA LYS E 18 -3.98 43.93 14.18
C LYS E 18 -4.11 43.86 15.71
N ASN E 19 -5.09 43.11 16.19
CA ASN E 19 -5.27 42.96 17.64
C ASN E 19 -4.27 41.95 18.17
N ASP E 20 -4.09 41.90 19.49
CA ASP E 20 -3.09 41.02 20.05
C ASP E 20 -3.47 40.51 21.42
N ARG E 21 -2.71 39.51 21.86
CA ARG E 21 -2.91 38.85 23.14
C ARG E 21 -3.23 39.85 24.27
N THR E 22 -2.36 40.85 24.45
CA THR E 22 -2.47 41.81 25.56
C THR E 22 -3.62 42.82 25.45
N GLY E 23 -4.27 42.92 24.30
CA GLY E 23 -5.33 43.89 24.11
C GLY E 23 -4.85 45.31 23.85
N THR E 24 -3.57 45.45 23.47
CA THR E 24 -3.01 46.78 23.21
C THR E 24 -3.27 47.28 21.78
N GLY E 25 -3.20 46.38 20.79
CA GLY E 25 -3.30 46.80 19.40
C GLY E 25 -1.93 47.04 18.81
N THR E 26 -1.71 46.58 17.59
CA THR E 26 -0.39 46.63 16.95
C THR E 26 -0.43 46.97 15.46
N LEU E 27 0.72 47.37 14.95
CA LEU E 27 0.97 47.39 13.51
C LEU E 27 1.89 46.18 13.33
N SER E 28 1.60 45.35 12.33
CA SER E 28 2.29 44.08 12.23
C SER E 28 2.69 43.74 10.81
N ILE E 29 3.91 43.24 10.68
CA ILE E 29 4.34 42.53 9.46
C ILE E 29 4.76 41.11 9.81
N PHE E 30 4.89 40.28 8.79
CA PHE E 30 5.23 38.90 9.03
C PHE E 30 6.39 38.53 8.15
N GLY E 31 7.48 38.11 8.75
CA GLY E 31 8.62 37.70 7.97
C GLY E 31 9.54 38.87 7.70
N HIS E 32 10.69 38.86 8.33
CA HIS E 32 11.68 39.91 8.11
C HIS E 32 13.01 39.30 8.49
N GLN E 33 14.09 39.78 7.88
CA GLN E 33 15.43 39.26 8.24
C GLN E 33 16.41 40.44 8.23
N MET E 34 17.34 40.43 9.16
CA MET E 34 18.39 41.45 9.23
C MET E 34 19.66 40.73 9.54
N ARG E 35 20.77 41.27 9.07
CA ARG E 35 22.07 40.66 9.28
C ARG E 35 23.01 41.68 9.90
N PHE E 36 23.59 41.31 11.02
CA PHE E 36 24.58 42.14 11.69
C PHE E 36 25.92 41.44 11.66
N ASN E 37 26.88 42.05 10.99
CA ASN E 37 28.24 41.55 11.05
C ASN E 37 28.86 41.98 12.37
N LEU E 38 29.10 41.03 13.27
CA LEU E 38 29.52 41.41 14.62
C LEU E 38 30.95 41.95 14.64
N GLN E 39 31.67 41.74 13.55
CA GLN E 39 33.01 42.32 13.39
C GLN E 39 32.94 43.84 13.21
N ASP E 40 31.81 44.32 12.73
CA ASP E 40 31.62 45.75 12.48
C ASP E 40 31.36 46.54 13.76
N GLY E 41 31.07 45.84 14.85
CA GLY E 41 30.65 46.49 16.06
C GLY E 41 29.53 45.74 16.73
N PHE E 42 29.41 45.99 18.02
CA PHE E 42 28.41 45.30 18.79
C PHE E 42 27.07 46.00 18.52
N PRO E 43 26.08 45.24 18.03
CA PRO E 43 24.78 45.78 17.62
C PRO E 43 23.88 46.15 18.78
N LEU E 44 24.29 47.17 19.52
CA LEU E 44 23.52 47.67 20.64
C LEU E 44 22.93 48.97 20.15
N VAL E 45 21.61 49.04 20.10
CA VAL E 45 20.91 50.19 19.54
C VAL E 45 21.46 51.51 20.14
N THR E 46 21.73 52.49 19.28
CA THR E 46 22.29 53.81 19.66
C THR E 46 21.27 54.95 19.57
N THR E 47 20.14 54.72 18.92
CA THR E 47 19.17 55.78 18.83
C THR E 47 18.32 55.90 20.06
N LYS E 48 18.61 55.07 21.06
CA LYS E 48 18.14 55.29 22.41
C LYS E 48 19.07 54.52 23.27
N ARG E 49 19.22 54.94 24.53
CA ARG E 49 20.07 54.18 25.45
C ARG E 49 19.40 52.91 25.90
N CYS E 50 20.12 51.81 25.75
CA CYS E 50 19.65 50.49 26.07
C CYS E 50 20.35 49.95 27.31
N HIS E 51 19.61 49.15 28.07
CA HIS E 51 20.09 48.76 29.41
C HIS E 51 20.86 47.45 29.33
N LEU E 52 22.14 47.55 29.02
CA LEU E 52 22.93 46.36 28.80
C LEU E 52 23.05 45.55 30.08
N ARG E 53 22.85 46.20 31.24
CA ARG E 53 22.97 45.48 32.48
C ARG E 53 21.92 44.38 32.53
N SER E 54 20.70 44.74 32.13
CA SER E 54 19.57 43.83 32.18
C SER E 54 19.72 42.69 31.16
N ILE E 55 20.35 43.03 30.04
CA ILE E 55 20.59 42.05 28.96
C ILE E 55 21.61 41.02 29.40
N ILE E 56 22.66 41.48 30.08
CA ILE E 56 23.71 40.56 30.51
C ILE E 56 23.17 39.64 31.58
N HIS E 57 22.45 40.20 32.54
CA HIS E 57 21.97 39.42 33.67
C HIS E 57 20.97 38.36 33.19
N GLU E 58 20.09 38.75 32.27
CA GLU E 58 19.10 37.79 31.82
C GLU E 58 19.82 36.63 31.12
N LEU E 59 20.85 36.94 30.36
CA LEU E 59 21.63 35.93 29.66
C LEU E 59 22.36 34.98 30.58
N LEU E 60 22.96 35.50 31.64
CA LEU E 60 23.66 34.64 32.59
C LEU E 60 22.64 33.77 33.27
N TRP E 61 21.45 34.32 33.49
CA TRP E 61 20.35 33.64 34.14
C TRP E 61 19.83 32.50 33.25
N PHE E 62 19.62 32.79 31.96
CA PHE E 62 19.35 31.73 30.97
C PHE E 62 20.33 30.56 31.02
N LEU E 63 21.61 30.90 31.01
CA LEU E 63 22.67 29.90 30.90
C LEU E 63 22.74 29.02 32.15
N GLN E 64 22.26 29.53 33.29
CA GLN E 64 22.26 28.73 34.49
C GLN E 64 21.06 27.80 34.59
N GLY E 65 20.22 27.78 33.57
CA GLY E 65 19.00 26.98 33.60
C GLY E 65 17.98 27.53 34.57
N ASP E 66 18.22 28.76 35.08
CA ASP E 66 17.36 29.28 36.13
C ASP E 66 16.07 29.79 35.52
N THR E 67 14.94 29.50 36.16
CA THR E 67 13.65 30.02 35.70
C THR E 67 12.91 30.79 36.78
N ASN E 68 13.61 31.12 37.86
CA ASN E 68 13.02 31.92 38.93
C ASN E 68 13.65 33.30 38.89
N ILE E 69 12.81 34.32 38.98
CA ILE E 69 13.27 35.69 38.84
C ILE E 69 14.08 36.14 40.06
N ALA E 70 14.26 35.25 41.03
CA ALA E 70 14.95 35.63 42.26
C ALA E 70 16.35 36.14 41.94
N TYR E 71 17.07 35.48 41.04
CA TYR E 71 18.41 35.97 40.72
C TYR E 71 18.31 37.34 40.05
N LEU E 72 17.28 37.56 39.25
CA LEU E 72 17.18 38.83 38.54
C LEU E 72 16.89 39.97 39.53
N HIS E 73 15.91 39.74 40.39
CA HIS E 73 15.62 40.65 41.48
C HIS E 73 16.87 41.02 42.24
N GLU E 74 17.73 40.04 42.51
CA GLU E 74 18.91 40.28 43.34
C GLU E 74 19.80 41.32 42.71
N ASN E 75 19.88 41.32 41.38
CA ASN E 75 20.63 42.35 40.68
C ASN E 75 19.76 43.50 40.10
N ASN E 76 18.53 43.64 40.59
CA ASN E 76 17.66 44.76 40.22
C ASN E 76 17.21 44.76 38.75
N VAL E 77 17.36 43.62 38.11
CA VAL E 77 16.85 43.39 36.76
C VAL E 77 15.39 42.98 36.89
N THR E 78 14.49 43.84 36.42
CA THR E 78 13.07 43.67 36.67
C THR E 78 12.20 43.35 35.42
N ILE E 79 12.84 42.98 34.33
CA ILE E 79 12.10 42.79 33.08
C ILE E 79 11.07 41.64 33.12
N TRP E 80 11.30 40.63 33.95
CA TRP E 80 10.39 39.49 34.03
C TRP E 80 9.34 39.56 35.14
N ASP E 81 9.31 40.67 35.87
CA ASP E 81 8.49 40.75 37.08
C ASP E 81 7.02 40.53 36.81
N GLU E 82 6.60 40.98 35.63
CA GLU E 82 5.19 41.03 35.30
C GLU E 82 4.61 39.63 35.17
N TRP E 83 5.46 38.63 34.98
CA TRP E 83 4.96 37.31 34.56
C TRP E 83 5.23 36.22 35.57
N ALA E 84 5.99 36.54 36.62
CA ALA E 84 6.30 35.52 37.61
C ALA E 84 5.09 35.30 38.50
N ASP E 85 4.97 34.09 39.04
CA ASP E 85 4.01 33.81 40.10
C ASP E 85 4.62 34.27 41.44
N GLU E 86 3.95 33.94 42.55
CA GLU E 86 4.27 34.58 43.83
C GLU E 86 5.66 34.16 44.29
N ASN E 87 5.98 32.89 44.01
CA ASN E 87 7.26 32.32 44.44
C ASN E 87 8.39 32.65 43.48
N GLY E 88 8.10 33.47 42.47
CA GLY E 88 9.13 34.00 41.60
C GLY E 88 9.31 33.15 40.35
N ASP E 89 8.41 32.18 40.18
CA ASP E 89 8.59 31.19 39.14
C ASP E 89 7.95 31.59 37.81
N LEU E 90 8.61 31.22 36.72
CA LEU E 90 8.16 31.53 35.38
C LEU E 90 7.77 30.28 34.65
N GLY E 91 7.98 29.14 35.31
CA GLY E 91 7.76 27.87 34.66
C GLY E 91 8.96 27.58 33.76
N PRO E 92 8.85 26.53 32.94
CA PRO E 92 10.04 26.00 32.28
C PRO E 92 10.36 26.75 30.99
N VAL E 93 10.66 28.03 31.12
CA VAL E 93 10.98 28.88 29.99
C VAL E 93 12.44 28.68 29.62
N TYR E 94 13.02 29.62 28.87
CA TYR E 94 14.28 29.41 28.17
C TYR E 94 15.34 28.65 28.90
N GLY E 95 15.70 29.11 30.10
CA GLY E 95 16.79 28.49 30.82
C GLY E 95 16.63 26.99 30.97
N LYS E 96 15.43 26.59 31.35
CA LYS E 96 15.08 25.20 31.53
C LYS E 96 15.20 24.44 30.20
N GLN E 97 14.71 25.01 29.10
CA GLN E 97 14.85 24.32 27.81
C GLN E 97 16.30 24.28 27.34
N TRP E 98 17.04 25.37 27.51
CA TRP E 98 18.40 25.43 27.01
C TRP E 98 19.30 24.40 27.71
N ARG E 99 19.05 24.14 29.00
CA ARG E 99 19.98 23.40 29.86
C ARG E 99 19.47 22.02 30.22
N ALA E 100 18.15 21.86 30.25
CA ALA E 100 17.58 20.66 30.82
C ALA E 100 16.26 20.31 30.14
N TRP E 101 16.31 20.24 28.81
CA TRP E 101 15.15 19.88 28.04
C TRP E 101 14.76 18.47 28.47
N PRO E 102 13.59 18.34 29.15
CA PRO E 102 13.26 17.01 29.63
C PRO E 102 12.78 16.14 28.50
N THR E 103 13.12 14.86 28.56
CA THR E 103 12.71 13.92 27.53
C THR E 103 11.71 12.94 28.09
N PRO E 104 10.99 12.23 27.22
CA PRO E 104 10.23 11.10 27.78
C PRO E 104 11.16 9.96 28.20
N ASP E 105 11.99 10.19 29.20
CA ASP E 105 12.92 9.18 29.71
C ASP E 105 13.33 9.39 31.15
N GLY E 106 13.04 10.55 31.73
CA GLY E 106 13.66 10.94 32.98
C GLY E 106 15.03 11.53 32.70
N ARG E 107 15.25 11.85 31.43
CA ARG E 107 16.51 12.36 30.96
C ARG E 107 16.36 13.86 30.76
N HIS E 108 17.48 14.54 30.67
CA HIS E 108 17.46 15.98 30.45
C HIS E 108 18.56 16.29 29.45
N ILE E 109 18.20 16.92 28.35
CA ILE E 109 19.20 17.32 27.37
C ILE E 109 19.64 18.77 27.55
N ASP E 110 20.95 18.93 27.62
CA ASP E 110 21.59 20.23 27.80
C ASP E 110 22.05 20.72 26.43
N GLN E 111 21.19 21.51 25.77
CA GLN E 111 21.44 21.94 24.39
C GLN E 111 22.62 22.89 24.25
N ILE E 112 22.88 23.67 25.28
CA ILE E 112 23.99 24.62 25.21
C ILE E 112 25.29 23.83 25.21
N THR E 113 25.40 22.86 26.10
CA THR E 113 26.55 22.01 26.14
C THR E 113 26.70 21.24 24.82
N THR E 114 25.59 20.80 24.24
CA THR E 114 25.69 20.00 22.99
C THR E 114 26.20 20.90 21.87
N VAL E 115 25.63 22.10 21.78
CA VAL E 115 26.13 23.08 20.83
C VAL E 115 27.64 23.37 20.96
N LEU E 116 28.13 23.60 22.19
CA LEU E 116 29.57 23.84 22.36
C LEU E 116 30.38 22.62 21.87
N ASN E 117 29.96 21.45 22.32
CA ASN E 117 30.59 20.22 21.87
C ASN E 117 30.53 20.11 20.33
N GLN E 118 29.44 20.56 19.73
CA GLN E 118 29.35 20.47 18.27
C GLN E 118 30.31 21.46 17.64
N LEU E 119 30.43 22.65 18.23
CA LEU E 119 31.25 23.66 17.64
C LEU E 119 32.72 23.29 17.73
N LYS E 120 33.09 22.66 18.83
CA LYS E 120 34.47 22.27 19.05
C LYS E 120 34.86 21.02 18.27
N ASN E 121 33.86 20.21 17.93
CA ASN E 121 34.16 18.88 17.44
C ASN E 121 33.57 18.55 16.06
N ASP E 122 32.54 19.26 15.65
CA ASP E 122 31.86 19.01 14.36
C ASP E 122 31.31 20.32 13.80
N PRO E 123 32.19 21.34 13.71
CA PRO E 123 31.79 22.70 13.33
C PRO E 123 31.04 22.81 12.00
N ASP E 124 31.20 21.86 11.10
CA ASP E 124 30.48 21.92 9.82
C ASP E 124 29.06 21.37 9.92
N SER E 125 28.68 20.87 11.10
CA SER E 125 27.35 20.36 11.32
C SER E 125 26.30 21.38 10.91
N ARG E 126 25.26 20.92 10.24
CA ARG E 126 24.19 21.79 9.86
C ARG E 126 23.01 21.67 10.80
N ARG E 127 23.23 21.03 11.94
CA ARG E 127 22.21 20.99 12.99
C ARG E 127 22.74 21.39 14.36
N ILE E 128 23.47 22.49 14.40
CA ILE E 128 23.87 23.12 15.66
C ILE E 128 22.78 24.06 16.12
N ILE E 129 21.87 23.50 16.89
CA ILE E 129 20.58 24.08 17.10
C ILE E 129 20.22 24.06 18.59
N VAL E 130 19.65 25.17 19.07
CA VAL E 130 19.00 25.18 20.36
C VAL E 130 17.57 25.55 20.11
N SER E 131 16.65 24.82 20.71
CA SER E 131 15.25 25.17 20.60
C SER E 131 14.67 25.36 21.96
N ALA E 132 13.94 26.45 22.12
CA ALA E 132 13.23 26.67 23.38
C ALA E 132 11.83 26.19 23.21
N TRP E 133 11.46 25.80 21.96
CA TRP E 133 10.07 25.50 21.68
C TRP E 133 9.72 24.05 22.07
N ASN E 134 9.61 23.79 23.37
CA ASN E 134 9.29 22.46 23.83
C ASN E 134 7.78 22.30 23.92
N VAL E 135 7.19 21.70 22.90
CA VAL E 135 5.75 21.73 22.74
C VAL E 135 5.00 21.25 23.96
N GLY E 136 5.52 20.20 24.60
CA GLY E 136 4.88 19.61 25.76
C GLY E 136 5.02 20.40 27.05
N GLU E 137 5.75 21.51 27.03
CA GLU E 137 5.92 22.32 28.22
C GLU E 137 5.25 23.69 28.07
N LEU E 138 4.76 24.03 26.88
CA LEU E 138 4.29 25.40 26.61
C LEU E 138 3.22 25.91 27.58
N ASP E 139 2.31 25.03 27.98
CA ASP E 139 1.22 25.40 28.87
C ASP E 139 1.70 25.73 30.30
N LYS E 140 2.88 25.26 30.67
CA LYS E 140 3.38 25.58 32.01
C LYS E 140 4.25 26.83 32.04
N MET E 141 4.58 27.36 30.87
CA MET E 141 5.46 28.55 30.81
C MET E 141 4.66 29.81 31.08
N ALA E 142 5.29 30.80 31.70
CA ALA E 142 4.65 32.08 31.96
C ALA E 142 4.34 32.81 30.66
N LEU E 143 5.20 32.61 29.66
CA LEU E 143 5.13 33.28 28.37
C LEU E 143 5.62 32.26 27.37
N ALA E 144 4.95 32.15 26.24
CA ALA E 144 5.46 31.26 25.20
C ALA E 144 6.81 31.80 24.72
N PRO E 145 7.75 30.92 24.39
CA PRO E 145 9.05 31.43 23.97
C PRO E 145 8.97 32.36 22.77
N CYS E 146 9.45 33.61 22.86
CA CYS E 146 9.60 34.51 21.69
C CYS E 146 10.81 34.20 20.82
N HIS E 147 12.00 34.23 21.43
CA HIS E 147 13.21 33.89 20.69
C HIS E 147 13.36 32.40 20.79
N ALA E 148 12.82 31.71 19.77
CA ALA E 148 12.38 30.33 19.95
C ALA E 148 13.38 29.29 19.54
N PHE E 149 14.16 29.64 18.55
CA PHE E 149 14.89 28.62 17.82
C PHE E 149 16.11 29.35 17.32
N PHE E 150 17.29 28.80 17.53
CA PHE E 150 18.47 29.43 16.95
C PHE E 150 19.46 28.42 16.52
N GLN E 151 20.27 28.82 15.57
CA GLN E 151 21.19 27.93 14.88
C GLN E 151 22.53 28.57 14.70
N PHE E 152 23.58 27.81 14.94
CA PHE E 152 24.91 28.30 14.70
C PHE E 152 25.48 27.77 13.40
N TYR E 153 26.51 28.47 12.93
CA TYR E 153 27.22 28.16 11.70
C TYR E 153 28.65 28.60 11.83
N VAL E 154 29.57 27.81 11.31
CA VAL E 154 30.98 28.15 11.35
C VAL E 154 31.57 28.15 9.92
N ALA E 155 32.12 29.28 9.53
CA ALA E 155 32.88 29.39 8.28
C ALA E 155 34.02 30.36 8.52
N ASP E 156 35.22 30.09 7.95
CA ASP E 156 36.33 31.07 7.96
C ASP E 156 36.71 31.52 9.36
N GLY E 157 36.62 30.60 10.33
CA GLY E 157 37.06 30.84 11.68
C GLY E 157 36.07 31.65 12.51
N LYS E 158 34.89 31.89 11.93
CA LYS E 158 33.90 32.80 12.53
C LYS E 158 32.55 32.10 12.84
N LEU E 159 32.02 32.43 14.00
CA LEU E 159 30.78 31.86 14.49
C LEU E 159 29.63 32.82 14.18
N SER E 160 28.70 32.34 13.36
CA SER E 160 27.49 33.08 13.07
C SER E 160 26.31 32.40 13.74
N CYS E 161 25.26 33.16 13.95
CA CYS E 161 24.10 32.62 14.60
C CYS E 161 22.86 33.22 13.98
N GLN E 162 21.85 32.38 13.76
CA GLN E 162 20.58 32.83 13.26
C GLN E 162 19.55 32.51 14.30
N LEU E 163 18.79 33.54 14.64
CA LEU E 163 17.68 33.40 15.56
C LEU E 163 16.40 33.45 14.78
N TYR E 164 15.46 32.56 15.10
CA TYR E 164 14.10 32.68 14.63
C TYR E 164 13.33 33.17 15.83
N GLN E 165 12.85 34.40 15.70
CA GLN E 165 11.98 35.02 16.68
C GLN E 165 10.52 35.08 16.23
N ARG E 166 9.67 34.31 16.88
CA ARG E 166 8.30 34.16 16.41
C ARG E 166 7.48 35.42 16.58
N SER E 167 7.88 36.29 17.51
CA SER E 167 7.08 37.43 17.82
C SER E 167 8.05 38.48 18.36
N CYS E 168 7.87 39.70 17.96
CA CYS E 168 8.88 40.68 18.21
C CYS E 168 8.24 42.05 18.40
N ASP E 169 8.30 42.55 19.64
CA ASP E 169 7.97 43.92 19.96
C ASP E 169 9.17 44.75 19.53
N VAL E 170 9.02 45.48 18.43
CA VAL E 170 10.18 46.07 17.78
C VAL E 170 10.79 47.16 18.64
N PHE E 171 9.93 47.92 19.28
CA PHE E 171 10.46 49.03 20.11
C PHE E 171 11.15 48.52 21.39
N LEU E 172 10.47 47.72 22.19
CA LEU E 172 11.04 47.29 23.49
C LEU E 172 11.94 46.09 23.43
N GLY E 173 11.43 45.01 22.82
CA GLY E 173 12.10 43.74 22.90
C GLY E 173 13.24 43.58 21.93
N LEU E 174 13.04 44.00 20.69
CA LEU E 174 14.01 43.70 19.66
C LEU E 174 15.41 44.18 20.02
N PRO E 175 15.52 45.41 20.52
CA PRO E 175 16.90 45.82 20.80
C PRO E 175 17.58 44.93 21.83
N PHE E 176 16.81 44.42 22.80
CA PHE E 176 17.34 43.51 23.79
C PHE E 176 17.63 42.16 23.13
N ASN E 177 16.68 41.68 22.34
CA ASN E 177 16.90 40.39 21.68
C ASN E 177 18.19 40.40 20.86
N ILE E 178 18.43 41.47 20.09
CA ILE E 178 19.59 41.55 19.24
C ILE E 178 20.84 41.52 20.07
N ALA E 179 20.87 42.37 21.09
CA ALA E 179 22.05 42.45 21.95
C ALA E 179 22.31 41.15 22.72
N SER E 180 21.25 40.55 23.21
CA SER E 180 21.36 39.30 23.96
C SER E 180 22.02 38.21 23.10
N TYR E 181 21.53 37.96 21.87
CA TYR E 181 22.14 36.96 21.01
C TYR E 181 23.52 37.35 20.48
N ALA E 182 23.77 38.64 20.33
CA ALA E 182 25.08 39.07 19.91
C ALA E 182 26.04 38.75 21.07
N LEU E 183 25.61 39.02 22.30
CA LEU E 183 26.47 38.74 23.46
C LEU E 183 26.72 37.23 23.53
N LEU E 184 25.67 36.46 23.31
CA LEU E 184 25.79 35.01 23.37
C LEU E 184 26.82 34.52 22.37
N VAL E 185 26.82 35.12 21.18
CA VAL E 185 27.74 34.69 20.16
C VAL E 185 29.16 34.97 20.55
N HIS E 186 29.39 36.15 21.12
CA HIS E 186 30.69 36.49 21.63
C HIS E 186 31.17 35.47 22.68
N MET E 187 30.30 35.09 23.59
CA MET E 187 30.66 34.14 24.62
C MET E 187 30.99 32.77 24.05
N MET E 188 30.15 32.34 23.09
CA MET E 188 30.36 31.07 22.41
C MET E 188 31.63 31.09 21.60
N ALA E 189 31.82 32.15 20.82
CA ALA E 189 33.02 32.31 20.05
C ALA E 189 34.25 32.18 20.96
N GLN E 190 34.22 32.89 22.08
CA GLN E 190 35.33 32.88 23.03
C GLN E 190 35.57 31.47 23.57
N GLN E 191 34.51 30.83 24.02
CA GLN E 191 34.64 29.51 24.57
C GLN E 191 35.07 28.48 23.49
N CYS E 192 34.83 28.76 22.20
CA CYS E 192 35.29 27.85 21.13
C CYS E 192 36.53 28.35 20.39
N ASP E 193 37.21 29.34 20.95
CA ASP E 193 38.37 29.93 20.27
C ASP E 193 38.01 30.27 18.82
N LEU E 194 36.84 30.86 18.61
CA LEU E 194 36.50 31.35 17.28
C LEU E 194 36.38 32.86 17.35
N GLU E 195 36.36 33.52 16.19
CA GLU E 195 35.98 34.90 16.11
C GLU E 195 34.48 35.01 15.95
N VAL E 196 33.94 36.21 16.06
CA VAL E 196 32.53 36.40 15.77
C VAL E 196 32.28 36.68 14.28
N GLY E 197 31.16 36.17 13.79
CA GLY E 197 30.78 36.31 12.38
C GLY E 197 29.51 37.13 12.31
N ASP E 198 28.46 36.61 11.66
CA ASP E 198 27.19 37.36 11.55
C ASP E 198 26.18 36.95 12.62
N PHE E 199 25.35 37.89 13.04
CA PHE E 199 24.12 37.52 13.74
C PHE E 199 22.98 37.78 12.77
N VAL E 200 22.21 36.74 12.46
CA VAL E 200 21.12 36.92 11.51
C VAL E 200 19.88 36.86 12.29
N TRP E 201 19.09 37.92 12.21
CA TRP E 201 17.85 37.96 12.94
C TRP E 201 16.71 37.75 11.99
N THR E 202 15.88 36.74 12.30
CA THR E 202 14.67 36.45 11.55
C THR E 202 13.44 36.50 12.43
N GLY E 203 12.47 37.25 11.95
CA GLY E 203 11.27 37.56 12.71
C GLY E 203 10.07 36.95 12.07
N GLY E 204 9.16 36.48 12.93
CA GLY E 204 7.83 36.13 12.51
C GLY E 204 6.91 37.34 12.56
N ASP E 205 6.02 37.36 13.56
CA ASP E 205 5.09 38.46 13.77
C ASP E 205 5.85 39.64 14.38
N THR E 206 6.15 40.61 13.55
CA THR E 206 7.07 41.67 13.92
C THR E 206 6.27 42.94 14.00
N HIS E 207 6.21 43.56 15.17
CA HIS E 207 5.19 44.55 15.36
C HIS E 207 5.58 45.70 16.27
N LEU E 208 4.82 46.77 16.12
CA LEU E 208 4.87 47.95 16.97
C LEU E 208 3.53 48.12 17.67
N TYR E 209 3.58 48.19 18.99
CA TYR E 209 2.40 48.52 19.77
C TYR E 209 1.93 49.93 19.51
N SER E 210 0.62 50.05 19.41
CA SER E 210 -0.03 51.33 19.20
C SER E 210 0.45 52.38 20.22
N ASN E 211 0.73 51.95 21.45
CA ASN E 211 1.15 52.88 22.50
C ASN E 211 2.69 53.09 22.63
N HIS E 212 3.42 52.63 21.63
CA HIS E 212 4.83 52.96 21.48
C HIS E 212 5.02 53.87 20.26
N MET E 213 3.92 54.43 19.74
CA MET E 213 4.00 55.16 18.49
C MET E 213 4.72 56.51 18.62
N ASP E 214 4.51 57.19 19.74
CA ASP E 214 5.20 58.46 19.95
C ASP E 214 6.71 58.21 20.08
N GLN E 215 7.03 57.20 20.89
CA GLN E 215 8.41 56.76 21.09
C GLN E 215 9.12 56.39 19.80
N THR E 216 8.40 55.71 18.92
CA THR E 216 8.95 55.27 17.63
C THR E 216 9.28 56.46 16.72
N HIS E 217 8.42 57.47 16.69
CA HIS E 217 8.66 58.64 15.88
C HIS E 217 9.86 59.40 16.43
N LEU E 218 9.95 59.53 17.74
CA LEU E 218 11.14 60.10 18.34
C LEU E 218 12.36 59.36 17.87
N GLN E 219 12.37 58.05 18.02
CA GLN E 219 13.58 57.33 17.71
C GLN E 219 13.93 57.47 16.22
N LEU E 220 12.92 57.36 15.35
CA LEU E 220 13.15 57.47 13.91
C LEU E 220 13.72 58.82 13.49
N SER E 221 13.60 59.82 14.36
CA SER E 221 14.12 61.13 14.01
C SER E 221 15.61 61.28 14.34
N ARG E 222 16.21 60.25 14.91
CA ARG E 222 17.55 60.35 15.44
C ARG E 222 18.54 59.61 14.56
N GLU E 223 19.73 60.16 14.39
CA GLU E 223 20.74 59.47 13.55
C GLU E 223 21.47 58.42 14.35
N PRO E 224 21.63 57.22 13.79
CA PRO E 224 22.47 56.23 14.46
C PRO E 224 23.88 56.75 14.64
N ARG E 225 24.47 56.40 15.78
CA ARG E 225 25.88 56.64 16.02
C ARG E 225 26.68 55.37 15.76
N PRO E 226 28.02 55.49 15.73
CA PRO E 226 28.86 54.30 15.54
C PRO E 226 28.56 53.23 16.58
N LEU E 227 28.69 51.98 16.19
CA LEU E 227 28.45 50.92 17.14
C LEU E 227 29.54 50.83 18.18
N PRO E 228 29.16 50.40 19.38
CA PRO E 228 30.13 50.27 20.45
C PRO E 228 30.94 48.98 20.27
N LYS E 229 31.84 48.70 21.19
CA LYS E 229 32.64 47.48 21.11
C LYS E 229 32.53 46.76 22.42
N LEU E 230 32.31 45.47 22.33
CA LEU E 230 32.18 44.65 23.50
C LEU E 230 33.56 44.21 23.95
N ILE E 231 33.80 44.32 25.24
CA ILE E 231 34.99 43.78 25.82
C ILE E 231 34.57 42.70 26.81
N ILE E 232 35.18 41.53 26.66
CA ILE E 232 35.09 40.53 27.71
C ILE E 232 36.43 40.59 28.42
N LYS E 233 36.39 40.84 29.73
CA LYS E 233 37.59 41.16 30.49
C LYS E 233 38.49 39.95 30.75
N ARG E 234 37.88 38.80 30.99
CA ARG E 234 38.64 37.55 31.07
C ARG E 234 37.97 36.46 30.24
N LYS E 235 38.61 35.31 30.18
CA LYS E 235 38.04 34.14 29.57
C LYS E 235 37.74 33.14 30.68
N PRO E 236 36.46 32.92 30.99
CA PRO E 236 36.03 31.91 31.98
C PRO E 236 36.35 30.48 31.55
N GLU E 237 36.27 29.53 32.47
CA GLU E 237 36.59 28.14 32.18
C GLU E 237 35.55 27.49 31.26
N SER E 238 34.32 27.99 31.34
CA SER E 238 33.26 27.54 30.45
C SER E 238 32.22 28.64 30.16
N ILE E 239 31.29 28.31 29.27
CA ILE E 239 30.19 29.19 28.88
C ILE E 239 29.30 29.49 30.08
N PHE E 240 29.44 28.69 31.15
CA PHE E 240 28.57 28.77 32.32
C PHE E 240 29.19 29.53 33.49
N ASP E 241 30.39 30.06 33.29
CA ASP E 241 31.17 30.59 34.40
C ASP E 241 31.33 32.10 34.30
N TYR E 242 30.62 32.71 33.35
CA TYR E 242 30.69 34.17 33.17
C TYR E 242 30.00 34.91 34.29
N ARG E 243 30.53 36.09 34.60
CA ARG E 243 29.99 36.96 35.63
C ARG E 243 29.68 38.32 35.03
N PHE E 244 28.67 38.97 35.59
CA PHE E 244 28.24 40.25 35.06
C PHE E 244 29.42 41.24 34.89
N GLU E 245 30.41 41.15 35.79
CA GLU E 245 31.59 42.04 35.80
C GLU E 245 32.58 41.78 34.65
N ASP E 246 32.41 40.66 33.97
CA ASP E 246 33.33 40.25 32.92
C ASP E 246 33.19 41.14 31.72
N PHE E 247 32.08 41.87 31.67
CA PHE E 247 31.68 42.54 30.45
C PHE E 247 31.76 44.07 30.55
N GLU E 248 32.49 44.66 29.61
CA GLU E 248 32.56 46.11 29.45
C GLU E 248 32.03 46.47 28.07
N ILE E 249 31.31 47.57 27.94
CA ILE E 249 31.02 48.08 26.61
C ILE E 249 31.72 49.42 26.42
N GLU E 250 32.50 49.52 25.34
CA GLU E 250 33.28 50.72 25.05
C GLU E 250 32.67 51.50 23.91
N GLY E 251 32.83 52.83 23.93
CA GLY E 251 32.41 53.64 22.80
C GLY E 251 30.93 53.65 22.53
N TYR E 252 30.13 53.43 23.57
CA TYR E 252 28.69 53.46 23.39
C TYR E 252 28.23 54.88 23.65
N ASP E 253 27.72 55.52 22.60
CA ASP E 253 27.28 56.90 22.68
C ASP E 253 25.86 57.06 22.18
N PRO E 254 24.92 56.50 22.95
CA PRO E 254 23.51 56.50 22.55
C PRO E 254 22.82 57.87 22.69
N HIS E 255 21.74 58.06 21.94
CA HIS E 255 20.83 59.15 22.24
C HIS E 255 20.17 58.80 23.57
N PRO E 256 19.47 59.76 24.19
CA PRO E 256 18.89 59.46 25.50
C PRO E 256 17.86 58.31 25.47
N GLY E 257 17.74 57.60 26.59
CA GLY E 257 16.72 56.61 26.77
C GLY E 257 15.32 57.13 26.53
N ILE E 258 14.46 56.22 26.07
CA ILE E 258 13.07 56.53 25.76
C ILE E 258 12.17 55.59 26.53
N LYS E 259 11.36 56.12 27.44
CA LYS E 259 10.47 55.29 28.24
C LYS E 259 9.33 54.73 27.44
N ALA E 260 8.99 53.47 27.65
CA ALA E 260 7.78 52.90 27.07
C ALA E 260 7.28 51.79 27.98
N PRO E 261 5.95 51.65 28.11
CA PRO E 261 5.37 50.58 28.91
C PRO E 261 5.30 49.26 28.15
N VAL E 262 5.62 48.18 28.85
CA VAL E 262 5.46 46.87 28.25
C VAL E 262 3.98 46.48 28.21
N ALA E 263 3.62 45.65 27.25
CA ALA E 263 2.28 45.08 27.17
C ALA E 263 2.25 43.76 27.93
N ILE E 264 1.68 43.80 29.13
CA ILE E 264 1.68 42.65 30.01
C ILE E 264 0.68 41.58 29.56
N LYS F 2 -0.99 -20.07 -46.13
CA LYS F 2 -1.16 -20.08 -44.68
C LYS F 2 -1.78 -18.78 -44.15
N GLN F 3 -1.12 -17.68 -44.50
CA GLN F 3 -1.49 -16.36 -43.99
C GLN F 3 -2.85 -15.93 -44.45
N TYR F 4 -3.19 -16.35 -45.68
CA TYR F 4 -4.47 -16.01 -46.24
C TYR F 4 -5.57 -16.79 -45.56
N LEU F 5 -5.37 -18.08 -45.37
CA LEU F 5 -6.34 -18.91 -44.67
C LEU F 5 -6.52 -18.43 -43.22
N GLU F 6 -5.40 -18.13 -42.57
CA GLU F 6 -5.46 -17.62 -41.21
C GLU F 6 -6.34 -16.36 -41.17
N LEU F 7 -6.14 -15.46 -42.12
CA LEU F 7 -6.98 -14.29 -42.24
C LEU F 7 -8.45 -14.64 -42.53
N MET F 8 -8.71 -15.59 -43.43
CA MET F 8 -10.08 -16.03 -43.67
C MET F 8 -10.71 -16.45 -42.37
N GLN F 9 -9.97 -17.28 -41.64
CA GLN F 9 -10.49 -17.94 -40.47
C GLN F 9 -10.72 -16.88 -39.42
N LYS F 10 -9.80 -15.93 -39.38
CA LYS F 10 -9.89 -14.82 -38.41
C LYS F 10 -11.14 -13.97 -38.66
N VAL F 11 -11.43 -13.64 -39.91
CA VAL F 11 -12.63 -12.84 -40.17
C VAL F 11 -13.86 -13.65 -39.72
N LEU F 12 -13.84 -14.96 -39.92
CA LEU F 12 -14.97 -15.79 -39.45
C LEU F 12 -15.07 -15.72 -37.92
N ASP F 13 -13.94 -15.95 -37.27
CA ASP F 13 -13.87 -16.00 -35.82
C ASP F 13 -14.25 -14.70 -35.12
N GLU F 14 -13.72 -13.58 -35.61
CA GLU F 14 -13.79 -12.30 -34.89
C GLU F 14 -14.48 -11.18 -35.65
N GLY F 15 -14.97 -11.50 -36.84
CA GLY F 15 -15.62 -10.50 -37.65
C GLY F 15 -16.87 -10.01 -36.95
N THR F 16 -17.23 -8.77 -37.21
CA THR F 16 -18.49 -8.21 -36.81
C THR F 16 -19.40 -8.32 -38.01
N GLN F 17 -20.62 -8.79 -37.79
CA GLN F 17 -21.59 -8.90 -38.85
C GLN F 17 -22.13 -7.51 -39.08
N LYS F 18 -22.14 -7.06 -40.33
CA LYS F 18 -22.22 -5.63 -40.58
C LYS F 18 -22.64 -5.34 -42.01
N ASN F 19 -23.59 -4.42 -42.17
CA ASN F 19 -24.08 -4.07 -43.50
C ASN F 19 -22.98 -3.36 -44.29
N ASP F 20 -23.23 -3.13 -45.57
CA ASP F 20 -22.26 -2.43 -46.39
C ASP F 20 -22.93 -1.72 -47.56
N ARG F 21 -22.15 -0.91 -48.24
CA ARG F 21 -22.59 -0.19 -49.44
C ARG F 21 -23.45 -1.07 -50.36
N THR F 22 -22.88 -2.19 -50.81
CA THR F 22 -23.53 -3.07 -51.80
C THR F 22 -24.88 -3.62 -51.33
N GLY F 23 -24.99 -3.92 -50.02
CA GLY F 23 -26.20 -4.49 -49.45
C GLY F 23 -26.10 -5.97 -49.08
N THR F 24 -25.05 -6.65 -49.54
CA THR F 24 -24.92 -8.09 -49.33
C THR F 24 -24.67 -8.51 -47.89
N GLY F 25 -24.11 -7.61 -47.09
CA GLY F 25 -23.74 -7.95 -45.73
C GLY F 25 -22.42 -8.69 -45.67
N THR F 26 -21.69 -8.47 -44.58
CA THR F 26 -20.32 -8.95 -44.42
C THR F 26 -20.03 -9.29 -42.96
N LEU F 27 -18.99 -10.10 -42.75
CA LEU F 27 -18.30 -10.18 -41.48
C LEU F 27 -17.04 -9.37 -41.65
N SER F 28 -16.77 -8.42 -40.75
CA SER F 28 -15.69 -7.48 -40.95
C SER F 28 -14.74 -7.43 -39.76
N ILE F 29 -13.44 -7.25 -40.04
CA ILE F 29 -12.46 -6.94 -39.01
C ILE F 29 -11.77 -5.70 -39.51
N PHE F 30 -11.13 -4.95 -38.62
CA PHE F 30 -10.45 -3.75 -39.06
C PHE F 30 -8.98 -3.81 -38.64
N GLY F 31 -8.11 -3.71 -39.63
CA GLY F 31 -6.69 -3.70 -39.38
C GLY F 31 -6.10 -5.09 -39.31
N HIS F 32 -5.31 -5.43 -40.32
CA HIS F 32 -4.68 -6.74 -40.40
C HIS F 32 -3.42 -6.55 -41.20
N GLN F 33 -2.42 -7.39 -40.96
CA GLN F 33 -1.20 -7.30 -41.76
C GLN F 33 -0.60 -8.67 -42.02
N MET F 34 -0.16 -8.91 -43.26
CA MET F 34 0.49 -10.15 -43.62
C MET F 34 1.75 -9.82 -44.37
N ARG F 35 2.66 -10.77 -44.33
CA ARG F 35 3.96 -10.63 -44.94
C ARG F 35 4.30 -11.87 -45.76
N PHE F 36 4.67 -11.62 -47.00
CA PHE F 36 5.04 -12.67 -47.92
C PHE F 36 6.49 -12.45 -48.32
N ASN F 37 7.35 -13.39 -47.97
CA ASN F 37 8.74 -13.36 -48.42
C ASN F 37 8.77 -13.84 -49.85
N LEU F 38 9.04 -12.93 -50.79
CA LEU F 38 8.94 -13.28 -52.20
C LEU F 38 10.04 -14.27 -52.64
N GLN F 39 11.10 -14.40 -51.85
CA GLN F 39 12.13 -15.38 -52.16
C GLN F 39 11.65 -16.79 -51.80
N ASP F 40 10.49 -16.87 -51.13
CA ASP F 40 9.91 -18.17 -50.77
C ASP F 40 9.04 -18.72 -51.90
N GLY F 41 8.68 -17.89 -52.86
CA GLY F 41 7.69 -18.26 -53.86
C GLY F 41 6.72 -17.14 -54.16
N PHE F 42 6.12 -17.19 -55.35
CA PHE F 42 5.16 -16.17 -55.76
C PHE F 42 3.82 -16.48 -55.09
N PRO F 43 3.31 -15.54 -54.27
CA PRO F 43 2.17 -15.77 -53.40
C PRO F 43 0.86 -15.74 -54.17
N LEU F 44 0.67 -16.79 -54.98
CA LEU F 44 -0.57 -16.97 -55.65
C LEU F 44 -1.32 -18.04 -54.86
N VAL F 45 -2.53 -17.71 -54.43
CA VAL F 45 -3.33 -18.61 -53.60
C VAL F 45 -3.43 -19.99 -54.27
N THR F 46 -3.24 -21.05 -53.50
CA THR F 46 -3.32 -22.41 -54.02
C THR F 46 -4.54 -23.18 -53.55
N THR F 47 -5.21 -22.71 -52.51
CA THR F 47 -6.38 -23.43 -52.06
C THR F 47 -7.60 -23.19 -52.93
N LYS F 48 -7.44 -22.37 -53.95
CA LYS F 48 -8.34 -22.40 -55.10
C LYS F 48 -7.52 -21.98 -56.30
N ARG F 49 -7.90 -22.41 -57.49
CA ARG F 49 -7.17 -21.97 -58.67
C ARG F 49 -7.44 -20.50 -58.89
N CYS F 50 -6.38 -19.71 -59.08
CA CYS F 50 -6.50 -18.27 -59.35
C CYS F 50 -6.12 -17.86 -60.80
N HIS F 51 -6.80 -16.84 -61.29
CA HIS F 51 -6.75 -16.40 -62.68
C HIS F 51 -5.67 -15.32 -62.89
N LEU F 52 -4.42 -15.74 -63.08
CA LEU F 52 -3.31 -14.77 -63.15
C LEU F 52 -3.29 -13.95 -64.45
N ARG F 53 -3.93 -14.44 -65.49
CA ARG F 53 -3.89 -13.75 -66.78
C ARG F 53 -4.58 -12.40 -66.66
N SER F 54 -5.62 -12.34 -65.84
CA SER F 54 -6.35 -11.09 -65.72
C SER F 54 -5.55 -10.13 -64.86
N ILE F 55 -4.84 -10.67 -63.88
CA ILE F 55 -3.97 -9.86 -63.00
C ILE F 55 -2.84 -9.19 -63.78
N ILE F 56 -2.15 -9.98 -64.60
CA ILE F 56 -1.11 -9.45 -65.47
C ILE F 56 -1.68 -8.36 -66.37
N HIS F 57 -2.74 -8.69 -67.10
CA HIS F 57 -3.34 -7.70 -67.99
C HIS F 57 -3.67 -6.41 -67.24
N GLU F 58 -4.26 -6.51 -66.06
CA GLU F 58 -4.69 -5.33 -65.32
C GLU F 58 -3.51 -4.49 -64.86
N LEU F 59 -2.42 -5.17 -64.50
CA LEU F 59 -1.22 -4.43 -64.06
C LEU F 59 -0.55 -3.74 -65.22
N LEU F 60 -0.43 -4.41 -66.36
CA LEU F 60 0.13 -3.76 -67.53
C LEU F 60 -0.72 -2.56 -67.88
N TRP F 61 -2.02 -2.68 -67.61
CA TRP F 61 -2.98 -1.64 -67.98
C TRP F 61 -2.81 -0.45 -67.05
N PHE F 62 -2.69 -0.74 -65.78
CA PHE F 62 -2.27 0.27 -64.79
C PHE F 62 -1.02 1.03 -65.20
N LEU F 63 0.06 0.30 -65.46
CA LEU F 63 1.32 0.94 -65.71
C LEU F 63 1.30 1.80 -66.97
N GLN F 64 0.45 1.50 -67.96
CA GLN F 64 0.31 2.39 -69.12
C GLN F 64 -0.48 3.67 -68.78
N GLY F 65 -1.12 3.73 -67.62
CA GLY F 65 -1.85 4.90 -67.22
C GLY F 65 -3.24 4.93 -67.82
N ASP F 66 -3.60 3.79 -68.36
CA ASP F 66 -4.86 3.60 -69.07
C ASP F 66 -5.97 3.50 -68.06
N THR F 67 -7.07 4.20 -68.32
CA THR F 67 -8.27 4.02 -67.51
C THR F 67 -9.51 3.80 -68.35
N ASN F 68 -9.32 3.45 -69.61
CA ASN F 68 -10.41 2.95 -70.43
C ASN F 68 -10.22 1.45 -70.62
N ILE F 69 -11.30 0.69 -70.45
CA ILE F 69 -11.23 -0.78 -70.48
C ILE F 69 -11.03 -1.41 -71.87
N ALA F 70 -10.90 -0.58 -72.90
CA ALA F 70 -10.71 -1.07 -74.27
C ALA F 70 -9.67 -2.18 -74.26
N TYR F 71 -8.54 -1.90 -73.60
CA TYR F 71 -7.41 -2.82 -73.63
C TYR F 71 -7.71 -4.09 -72.87
N LEU F 72 -8.42 -4.01 -71.75
CA LEU F 72 -8.85 -5.24 -71.06
C LEU F 72 -9.84 -6.03 -71.94
N HIS F 73 -10.69 -5.31 -72.65
CA HIS F 73 -11.69 -5.99 -73.44
C HIS F 73 -11.04 -6.76 -74.59
N GLU F 74 -10.08 -6.12 -75.26
CA GLU F 74 -9.36 -6.79 -76.33
C GLU F 74 -8.80 -8.10 -75.81
N ASN F 75 -8.48 -8.16 -74.52
CA ASN F 75 -7.85 -9.34 -73.98
C ASN F 75 -8.80 -10.21 -73.16
N ASN F 76 -10.10 -9.96 -73.33
CA ASN F 76 -11.11 -10.78 -72.67
C ASN F 76 -11.02 -10.64 -71.16
N VAL F 77 -10.58 -9.48 -70.71
CA VAL F 77 -10.56 -9.23 -69.30
C VAL F 77 -11.75 -8.37 -68.96
N THR F 78 -12.65 -8.96 -68.18
CA THR F 78 -13.99 -8.41 -67.99
C THR F 78 -14.17 -7.84 -66.56
N ILE F 79 -13.12 -7.93 -65.74
CA ILE F 79 -13.25 -7.56 -64.31
C ILE F 79 -13.75 -6.15 -64.05
N TRP F 80 -13.43 -5.19 -64.90
CA TRP F 80 -13.91 -3.81 -64.73
C TRP F 80 -15.22 -3.54 -65.46
N ASP F 81 -15.77 -4.54 -66.14
CA ASP F 81 -16.89 -4.30 -67.01
C ASP F 81 -18.07 -3.57 -66.36
N GLU F 82 -18.51 -4.03 -65.18
CA GLU F 82 -19.66 -3.41 -64.55
C GLU F 82 -19.57 -1.90 -64.48
N TRP F 83 -18.36 -1.38 -64.30
CA TRP F 83 -18.20 -0.01 -63.82
C TRP F 83 -17.80 1.00 -64.90
N ALA F 84 -17.31 0.51 -66.02
CA ALA F 84 -16.98 1.39 -67.14
C ALA F 84 -18.23 1.99 -67.74
N ASP F 85 -18.19 3.28 -68.02
CA ASP F 85 -19.32 3.93 -68.66
C ASP F 85 -19.44 3.52 -70.13
N GLU F 86 -20.14 4.36 -70.90
CA GLU F 86 -20.53 4.01 -72.27
C GLU F 86 -19.32 3.82 -73.17
N ASN F 87 -18.38 4.77 -73.10
CA ASN F 87 -17.19 4.74 -73.95
C ASN F 87 -16.06 3.90 -73.36
N GLY F 88 -16.35 3.16 -72.30
CA GLY F 88 -15.37 2.27 -71.70
C GLY F 88 -14.60 2.92 -70.56
N ASP F 89 -14.87 4.20 -70.30
CA ASP F 89 -14.11 4.97 -69.32
C ASP F 89 -14.51 4.68 -67.86
N LEU F 90 -13.52 4.76 -66.97
CA LEU F 90 -13.72 4.55 -65.56
C LEU F 90 -13.38 5.82 -64.77
N GLY F 91 -12.86 6.81 -65.46
CA GLY F 91 -12.44 8.01 -64.78
C GLY F 91 -11.00 7.87 -64.34
N PRO F 92 -10.55 8.81 -63.51
CA PRO F 92 -9.12 8.87 -63.23
C PRO F 92 -8.75 7.89 -62.13
N VAL F 93 -8.95 6.60 -62.40
CA VAL F 93 -8.64 5.57 -61.41
C VAL F 93 -7.15 5.28 -61.42
N TYR F 94 -6.76 4.15 -60.84
CA TYR F 94 -5.36 3.84 -60.55
C TYR F 94 -4.37 4.33 -61.60
N GLY F 95 -4.50 3.77 -62.81
CA GLY F 95 -3.60 4.09 -63.89
C GLY F 95 -3.29 5.57 -64.03
N LYS F 96 -4.34 6.38 -63.98
CA LYS F 96 -4.26 7.81 -64.16
C LYS F 96 -3.48 8.42 -62.99
N GLN F 97 -3.82 8.02 -61.78
CA GLN F 97 -3.12 8.52 -60.61
C GLN F 97 -1.66 8.07 -60.62
N TRP F 98 -1.41 6.81 -60.95
CA TRP F 98 -0.04 6.31 -60.95
C TRP F 98 0.87 7.08 -61.91
N ARG F 99 0.36 7.43 -63.08
CA ARG F 99 1.18 7.95 -64.16
C ARG F 99 1.00 9.42 -64.39
N ALA F 100 -0.09 9.98 -63.90
CA ALA F 100 -0.39 11.37 -64.24
C ALA F 100 -1.32 12.03 -63.24
N TRP F 101 -0.97 11.90 -61.97
CA TRP F 101 -1.64 12.62 -60.90
C TRP F 101 -1.67 14.09 -61.22
N PRO F 102 -2.87 14.68 -61.32
CA PRO F 102 -3.05 16.10 -61.67
C PRO F 102 -3.00 17.07 -60.48
N THR F 103 -2.29 18.17 -60.68
CA THR F 103 -2.17 19.26 -59.69
C THR F 103 -3.11 20.40 -60.06
N PRO F 104 -3.40 21.29 -59.12
CA PRO F 104 -4.26 22.44 -59.47
C PRO F 104 -3.55 23.50 -60.32
N ASP F 105 -2.62 23.09 -61.18
CA ASP F 105 -1.99 24.00 -62.13
C ASP F 105 -2.11 23.43 -63.53
N GLY F 106 -2.66 22.22 -63.63
CA GLY F 106 -2.69 21.50 -64.88
C GLY F 106 -1.40 20.71 -65.05
N ARG F 107 -0.69 20.53 -63.95
CA ARG F 107 0.54 19.76 -63.96
C ARG F 107 0.20 18.30 -63.73
N HIS F 108 1.08 17.41 -64.16
CA HIS F 108 0.85 15.98 -63.95
C HIS F 108 2.11 15.33 -63.39
N ILE F 109 1.90 14.47 -62.40
CA ILE F 109 2.99 13.80 -61.74
C ILE F 109 2.92 12.30 -62.03
N ASP F 110 4.00 11.81 -62.60
CA ASP F 110 4.16 10.40 -62.89
C ASP F 110 4.82 9.74 -61.67
N GLN F 111 4.00 9.21 -60.78
CA GLN F 111 4.51 8.55 -59.60
C GLN F 111 5.32 7.29 -59.86
N ILE F 112 5.04 6.56 -60.94
CA ILE F 112 5.84 5.36 -61.19
C ILE F 112 7.28 5.71 -61.60
N THR F 113 7.43 6.67 -62.50
CA THR F 113 8.75 7.13 -62.88
C THR F 113 9.51 7.64 -61.66
N THR F 114 8.79 8.32 -60.78
CA THR F 114 9.44 8.90 -59.60
C THR F 114 10.00 7.79 -58.76
N VAL F 115 9.18 6.78 -58.57
CA VAL F 115 9.57 5.71 -57.69
C VAL F 115 10.72 4.95 -58.31
N LEU F 116 10.69 4.78 -59.64
CA LEU F 116 11.79 4.04 -60.26
C LEU F 116 13.09 4.84 -60.07
N ASN F 117 13.02 6.15 -60.28
CA ASN F 117 14.19 7.00 -60.08
C ASN F 117 14.70 7.00 -58.62
N GLN F 118 13.78 7.01 -57.67
CA GLN F 118 14.16 6.90 -56.27
C GLN F 118 14.85 5.55 -55.99
N LEU F 119 14.31 4.45 -56.51
CA LEU F 119 14.91 3.15 -56.26
C LEU F 119 16.31 3.08 -56.84
N LYS F 120 16.47 3.65 -58.04
CA LYS F 120 17.76 3.67 -58.70
C LYS F 120 18.78 4.63 -58.05
N ASN F 121 18.31 5.76 -57.54
CA ASN F 121 19.19 6.88 -57.17
C ASN F 121 19.26 7.24 -55.70
N ASP F 122 18.30 6.71 -54.95
CA ASP F 122 18.09 7.08 -53.56
C ASP F 122 17.32 5.97 -52.86
N PRO F 123 17.82 4.73 -52.99
CA PRO F 123 17.04 3.57 -52.50
C PRO F 123 16.82 3.57 -50.98
N ASP F 124 17.62 4.32 -50.23
CA ASP F 124 17.37 4.48 -48.79
C ASP F 124 16.15 5.32 -48.48
N SER F 125 15.61 6.03 -49.47
CA SER F 125 14.50 6.95 -49.15
C SER F 125 13.32 6.28 -48.43
N ARG F 126 12.81 6.96 -47.42
CA ARG F 126 11.65 6.46 -46.70
C ARG F 126 10.38 7.09 -47.27
N ARG F 127 10.55 7.68 -48.45
CA ARG F 127 9.42 8.39 -49.06
CA ARG F 127 9.56 8.49 -49.12
C ARG F 127 9.11 7.89 -50.47
N ILE F 128 9.37 6.59 -50.71
CA ILE F 128 9.13 5.98 -52.04
C ILE F 128 7.72 5.43 -52.07
N ILE F 129 6.80 6.27 -52.47
CA ILE F 129 5.39 6.07 -52.24
C ILE F 129 4.62 6.33 -53.52
N VAL F 130 3.62 5.50 -53.79
CA VAL F 130 2.63 5.81 -54.79
C VAL F 130 1.26 5.89 -54.14
N SER F 131 0.54 6.97 -54.39
CA SER F 131 -0.83 7.02 -53.91
C SER F 131 -1.86 7.11 -55.04
N ALA F 132 -2.94 6.33 -54.91
CA ALA F 132 -4.07 6.47 -55.80
C ALA F 132 -5.14 7.35 -55.17
N TRP F 133 -4.94 7.75 -53.92
CA TRP F 133 -5.97 8.46 -53.17
C TRP F 133 -5.90 9.96 -53.40
N ASN F 134 -6.26 10.34 -54.61
CA ASN F 134 -6.30 11.75 -54.96
C ASN F 134 -7.65 12.32 -54.58
N VAL F 135 -7.68 12.96 -53.43
CA VAL F 135 -8.92 13.40 -52.81
C VAL F 135 -9.75 14.22 -53.77
N GLY F 136 -9.08 15.08 -54.52
CA GLY F 136 -9.73 15.99 -55.44
C GLY F 136 -10.38 15.35 -56.65
N GLU F 137 -10.07 14.09 -56.90
CA GLU F 137 -10.62 13.44 -58.07
C GLU F 137 -11.45 12.20 -57.74
N LEU F 138 -11.72 12.00 -56.46
CA LEU F 138 -12.48 10.82 -56.04
C LEU F 138 -13.86 10.76 -56.65
N ASP F 139 -14.56 11.90 -56.70
CA ASP F 139 -15.94 11.89 -57.17
C ASP F 139 -16.03 11.66 -58.68
N LYS F 140 -14.88 11.75 -59.36
CA LYS F 140 -14.82 11.49 -60.80
C LYS F 140 -14.60 10.00 -61.09
N MET F 141 -14.26 9.24 -60.05
CA MET F 141 -13.88 7.84 -60.23
C MET F 141 -15.08 6.91 -60.17
N ALA F 142 -15.02 5.84 -60.96
CA ALA F 142 -16.08 4.83 -60.97
C ALA F 142 -16.16 4.11 -59.62
N LEU F 143 -14.99 3.77 -59.07
CA LEU F 143 -14.89 3.19 -57.72
C LEU F 143 -13.76 3.91 -56.96
N ALA F 144 -13.98 4.20 -55.69
CA ALA F 144 -12.87 4.69 -54.85
C ALA F 144 -11.70 3.69 -54.82
N PRO F 145 -10.44 4.18 -54.90
CA PRO F 145 -9.32 3.22 -54.92
C PRO F 145 -9.34 2.26 -53.69
N CYS F 146 -9.23 0.93 -53.85
CA CYS F 146 -9.20 0.00 -52.69
C CYS F 146 -7.76 -0.19 -52.27
N HIS F 147 -6.91 -0.46 -53.26
CA HIS F 147 -5.47 -0.60 -53.02
C HIS F 147 -4.92 0.79 -53.24
N ALA F 148 -4.90 1.55 -52.15
CA ALA F 148 -4.88 3.01 -52.22
C ALA F 148 -3.51 3.66 -52.08
N PHE F 149 -2.58 2.98 -51.43
CA PHE F 149 -1.36 3.62 -51.04
C PHE F 149 -0.33 2.54 -50.89
N PHE F 150 0.81 2.69 -51.54
CA PHE F 150 1.86 1.71 -51.37
C PHE F 150 3.23 2.34 -51.27
N GLN F 151 4.11 1.61 -50.60
CA GLN F 151 5.44 2.12 -50.33
C GLN F 151 6.50 1.06 -50.63
N PHE F 152 7.59 1.48 -51.23
CA PHE F 152 8.72 0.61 -51.40
C PHE F 152 9.81 0.86 -50.39
N TYR F 153 10.68 -0.12 -50.26
CA TYR F 153 11.71 -0.11 -49.26
C TYR F 153 12.85 -1.01 -49.75
N VAL F 154 14.08 -0.54 -49.55
CA VAL F 154 15.25 -1.28 -49.96
C VAL F 154 16.19 -1.46 -48.82
N ALA F 155 16.52 -2.71 -48.56
CA ALA F 155 17.54 -3.06 -47.59
C ALA F 155 18.27 -4.29 -48.09
N ASP F 156 19.59 -4.32 -47.97
CA ASP F 156 20.34 -5.49 -48.38
C ASP F 156 20.04 -5.95 -49.82
N GLY F 157 19.92 -5.01 -50.75
CA GLY F 157 19.77 -5.33 -52.16
C GLY F 157 18.47 -6.02 -52.49
N LYS F 158 17.50 -5.92 -51.60
CA LYS F 158 16.20 -6.54 -51.78
C LYS F 158 15.12 -5.49 -51.74
N LEU F 159 14.20 -5.59 -52.69
CA LEU F 159 13.08 -4.65 -52.77
C LEU F 159 11.89 -5.22 -52.08
N SER F 160 11.30 -4.40 -51.22
CA SER F 160 10.11 -4.75 -50.51
C SER F 160 9.05 -3.69 -50.77
N CYS F 161 7.80 -4.08 -50.54
CA CYS F 161 6.66 -3.23 -50.81
C CYS F 161 5.57 -3.49 -49.80
N GLN F 162 4.98 -2.40 -49.33
CA GLN F 162 3.85 -2.47 -48.44
C GLN F 162 2.69 -1.75 -49.11
N LEU F 163 1.56 -2.43 -49.18
CA LEU F 163 0.35 -1.86 -49.68
C LEU F 163 -0.60 -1.60 -48.58
N TYR F 164 -1.24 -0.43 -48.61
CA TYR F 164 -2.36 -0.18 -47.73
C TYR F 164 -3.63 -0.31 -48.54
N GLN F 165 -4.40 -1.32 -48.17
CA GLN F 165 -5.68 -1.61 -48.81
C GLN F 165 -6.83 -1.28 -47.86
N ARG F 166 -7.59 -0.24 -48.20
CA ARG F 166 -8.60 0.32 -47.31
C ARG F 166 -9.78 -0.64 -47.14
N SER F 167 -9.97 -1.52 -48.12
CA SER F 167 -11.14 -2.33 -48.10
C SER F 167 -10.81 -3.59 -48.88
N CYS F 168 -11.21 -4.72 -48.34
CA CYS F 168 -10.76 -5.98 -48.89
C CYS F 168 -11.80 -7.05 -48.78
N ASP F 169 -12.21 -7.53 -49.95
CA ASP F 169 -13.09 -8.68 -50.08
C ASP F 169 -12.14 -9.85 -50.06
N VAL F 170 -12.12 -10.54 -48.95
CA VAL F 170 -11.09 -11.49 -48.66
C VAL F 170 -11.17 -12.67 -49.60
N PHE F 171 -12.37 -13.08 -49.93
CA PHE F 171 -12.51 -14.25 -50.81
C PHE F 171 -12.17 -13.95 -52.28
N LEU F 172 -12.77 -12.91 -52.83
CA LEU F 172 -12.60 -12.56 -54.25
C LEU F 172 -11.39 -11.69 -54.58
N GLY F 173 -11.26 -10.56 -53.89
CA GLY F 173 -10.34 -9.53 -54.32
C GLY F 173 -8.92 -9.80 -53.86
N LEU F 174 -8.81 -10.24 -52.61
CA LEU F 174 -7.51 -10.28 -51.97
C LEU F 174 -6.52 -11.16 -52.72
N PRO F 175 -6.93 -12.34 -53.18
CA PRO F 175 -5.91 -13.12 -53.87
C PRO F 175 -5.37 -12.39 -55.10
N PHE F 176 -6.24 -11.62 -55.74
CA PHE F 176 -5.91 -10.83 -56.90
C PHE F 176 -4.98 -9.67 -56.53
N ASN F 177 -5.32 -8.97 -55.46
CA ASN F 177 -4.47 -7.85 -55.01
C ASN F 177 -3.03 -8.28 -54.65
N ILE F 178 -2.91 -9.36 -53.89
CA ILE F 178 -1.59 -9.83 -53.45
C ILE F 178 -0.73 -10.15 -54.66
N ALA F 179 -1.28 -10.92 -55.58
CA ALA F 179 -0.51 -11.31 -56.74
C ALA F 179 -0.20 -10.12 -57.60
N SER F 180 -1.13 -9.18 -57.71
CA SER F 180 -0.87 -7.98 -58.47
C SER F 180 0.34 -7.24 -57.93
N TYR F 181 0.39 -7.01 -56.61
CA TYR F 181 1.51 -6.25 -56.09
C TYR F 181 2.79 -7.10 -56.04
N ALA F 182 2.68 -8.40 -55.82
CA ALA F 182 3.87 -9.23 -55.87
C ALA F 182 4.49 -9.20 -57.27
N LEU F 183 3.63 -9.20 -58.27
CA LEU F 183 4.08 -9.04 -59.65
C LEU F 183 4.80 -7.71 -59.83
N LEU F 184 4.17 -6.64 -59.39
CA LEU F 184 4.80 -5.32 -59.55
C LEU F 184 6.20 -5.29 -58.91
N VAL F 185 6.33 -5.87 -57.72
CA VAL F 185 7.63 -5.92 -57.08
C VAL F 185 8.67 -6.65 -57.91
N HIS F 186 8.31 -7.79 -58.47
CA HIS F 186 9.24 -8.50 -59.31
C HIS F 186 9.68 -7.65 -60.49
N MET F 187 8.74 -6.96 -61.11
CA MET F 187 9.06 -6.11 -62.25
C MET F 187 9.97 -4.98 -61.80
N MET F 188 9.61 -4.29 -60.74
CA MET F 188 10.42 -3.18 -60.27
C MET F 188 11.82 -3.65 -59.94
N ALA F 189 11.92 -4.78 -59.26
CA ALA F 189 13.21 -5.27 -58.81
C ALA F 189 14.07 -5.58 -60.03
N GLN F 190 13.48 -6.23 -61.03
CA GLN F 190 14.22 -6.50 -62.24
C GLN F 190 14.73 -5.21 -62.90
N GLN F 191 13.89 -4.18 -62.97
CA GLN F 191 14.30 -2.89 -63.55
C GLN F 191 15.30 -2.11 -62.70
N CYS F 192 15.31 -2.36 -61.39
CA CYS F 192 16.30 -1.72 -60.52
C CYS F 192 17.46 -2.64 -60.15
N ASP F 193 17.47 -3.85 -60.69
CA ASP F 193 18.59 -4.76 -60.48
C ASP F 193 18.76 -5.08 -59.00
N LEU F 194 17.64 -5.20 -58.31
CA LEU F 194 17.62 -5.66 -56.93
C LEU F 194 16.98 -7.04 -56.87
N GLU F 195 17.17 -7.72 -55.75
CA GLU F 195 16.44 -8.95 -55.48
C GLU F 195 15.08 -8.60 -54.89
N VAL F 196 14.18 -9.56 -54.84
CA VAL F 196 12.90 -9.32 -54.23
C VAL F 196 12.93 -9.60 -52.73
N GLY F 197 12.21 -8.78 -52.00
CA GLY F 197 12.16 -8.84 -50.54
C GLY F 197 10.82 -9.35 -50.09
N ASP F 198 10.09 -8.50 -49.37
CA ASP F 198 8.82 -8.87 -48.79
C ASP F 198 7.73 -8.09 -49.51
N PHE F 199 6.57 -8.69 -49.70
CA PHE F 199 5.39 -7.91 -49.93
C PHE F 199 4.63 -7.98 -48.65
N VAL F 200 4.38 -6.80 -48.08
CA VAL F 200 3.67 -6.67 -46.82
C VAL F 200 2.30 -6.14 -47.17
N TRP F 201 1.28 -6.85 -46.74
CA TRP F 201 -0.08 -6.46 -47.03
C TRP F 201 -0.75 -5.99 -45.76
N THR F 202 -1.25 -4.77 -45.79
CA THR F 202 -1.99 -4.22 -44.67
C THR F 202 -3.37 -3.86 -45.14
N GLY F 203 -4.34 -4.34 -44.38
CA GLY F 203 -5.76 -4.13 -44.65
C GLY F 203 -6.45 -3.20 -43.65
N GLY F 204 -7.42 -2.47 -44.15
CA GLY F 204 -8.35 -1.72 -43.34
C GLY F 204 -9.54 -2.58 -43.02
N ASP F 205 -10.66 -2.23 -43.64
CA ASP F 205 -11.89 -3.00 -43.48
C ASP F 205 -11.81 -4.27 -44.35
N THR F 206 -11.64 -5.39 -43.66
CA THR F 206 -11.25 -6.64 -44.26
C THR F 206 -12.42 -7.58 -43.98
N HIS F 207 -13.12 -8.05 -45.01
CA HIS F 207 -14.41 -8.66 -44.74
C HIS F 207 -14.68 -9.84 -45.64
N LEU F 208 -15.59 -10.69 -45.20
CA LEU F 208 -16.16 -11.71 -46.05
C LEU F 208 -17.62 -11.38 -46.26
N TYR F 209 -18.05 -11.48 -47.51
CA TYR F 209 -19.45 -11.36 -47.82
C TYR F 209 -20.20 -12.59 -47.37
N SER F 210 -21.39 -12.37 -46.86
CA SER F 210 -22.22 -13.43 -46.37
C SER F 210 -22.54 -14.43 -47.50
N ASN F 211 -22.69 -13.94 -48.72
CA ASN F 211 -22.89 -14.88 -49.83
C ASN F 211 -21.63 -15.69 -50.20
N HIS F 212 -20.50 -15.40 -49.57
CA HIS F 212 -19.28 -16.16 -49.85
C HIS F 212 -18.98 -17.21 -48.79
N MET F 213 -19.88 -17.44 -47.85
CA MET F 213 -19.61 -18.33 -46.74
C MET F 213 -19.46 -19.80 -47.17
N ASP F 214 -20.28 -20.26 -48.09
CA ASP F 214 -20.11 -21.63 -48.56
C ASP F 214 -18.71 -21.82 -49.10
N GLN F 215 -18.28 -20.84 -49.90
CA GLN F 215 -17.01 -20.90 -50.62
C GLN F 215 -15.82 -20.89 -49.68
N THR F 216 -15.90 -20.01 -48.70
CA THR F 216 -14.89 -19.87 -47.67
C THR F 216 -14.74 -21.14 -46.86
N HIS F 217 -15.87 -21.71 -46.48
CA HIS F 217 -15.86 -22.92 -45.69
C HIS F 217 -15.22 -24.06 -46.44
N LEU F 218 -15.54 -24.20 -47.75
CA LEU F 218 -14.83 -25.13 -48.59
C LEU F 218 -13.33 -24.84 -48.63
N GLN F 219 -12.96 -23.59 -48.89
CA GLN F 219 -11.56 -23.30 -49.10
C GLN F 219 -10.74 -23.59 -47.84
N LEU F 220 -11.27 -23.23 -46.68
CA LEU F 220 -10.61 -23.51 -45.43
C LEU F 220 -10.39 -25.00 -45.16
N SER F 221 -11.13 -25.87 -45.84
CA SER F 221 -10.92 -27.31 -45.69
C SER F 221 -9.66 -27.80 -46.39
N ARG F 222 -9.02 -26.95 -47.20
CA ARG F 222 -7.90 -27.38 -48.03
C ARG F 222 -6.53 -26.98 -47.51
N GLU F 223 -5.55 -27.87 -47.72
CA GLU F 223 -4.17 -27.61 -47.32
C GLU F 223 -3.46 -26.81 -48.41
N PRO F 224 -2.82 -25.70 -48.02
CA PRO F 224 -1.99 -24.98 -48.99
C PRO F 224 -0.91 -25.88 -49.55
N ARG F 225 -0.73 -25.76 -50.85
CA ARG F 225 0.38 -26.36 -51.56
C ARG F 225 1.56 -25.41 -51.70
N PRO F 226 2.72 -25.95 -52.07
CA PRO F 226 3.89 -25.14 -52.40
C PRO F 226 3.51 -24.01 -53.32
N LEU F 227 4.09 -22.85 -53.07
CA LEU F 227 3.88 -21.70 -53.92
C LEU F 227 4.57 -21.91 -55.24
N PRO F 228 3.96 -21.39 -56.32
CA PRO F 228 4.63 -21.47 -57.61
C PRO F 228 5.80 -20.52 -57.66
N LYS F 229 6.43 -20.51 -58.83
CA LYS F 229 7.58 -19.68 -59.06
C LYS F 229 7.30 -18.80 -60.27
N LEU F 230 7.59 -17.52 -60.13
CA LEU F 230 7.33 -16.58 -61.20
C LEU F 230 8.55 -16.43 -62.09
N ILE F 231 8.32 -16.54 -63.40
CA ILE F 231 9.41 -16.43 -64.35
C ILE F 231 9.13 -15.21 -65.21
N ILE F 232 10.11 -14.32 -65.32
CA ILE F 232 10.03 -13.26 -66.31
C ILE F 232 11.04 -13.57 -67.41
N LYS F 233 10.48 -13.74 -68.61
CA LYS F 233 11.18 -14.35 -69.73
C LYS F 233 12.22 -13.44 -70.35
N ARG F 234 12.04 -12.13 -70.23
CA ARG F 234 13.07 -11.20 -70.68
C ARG F 234 13.13 -9.98 -69.76
N LYS F 235 14.04 -9.06 -70.05
CA LYS F 235 14.12 -7.82 -69.29
C LYS F 235 13.83 -6.63 -70.20
N PRO F 236 12.62 -6.06 -70.07
CA PRO F 236 12.22 -4.90 -70.88
C PRO F 236 13.12 -3.68 -70.67
N GLU F 237 13.06 -2.76 -71.63
CA GLU F 237 13.81 -1.52 -71.61
C GLU F 237 13.42 -0.65 -70.40
N SER F 238 12.14 -0.71 -70.04
CA SER F 238 11.62 0.04 -68.90
C SER F 238 10.46 -0.72 -68.29
N ILE F 239 10.08 -0.27 -67.09
CA ILE F 239 8.95 -0.78 -66.34
C ILE F 239 7.63 -0.63 -67.12
N PHE F 240 7.65 0.21 -68.16
CA PHE F 240 6.44 0.49 -68.93
C PHE F 240 6.39 -0.34 -70.21
N ASP F 241 7.34 -1.25 -70.36
CA ASP F 241 7.49 -1.94 -71.63
C ASP F 241 7.26 -3.44 -71.52
N TYR F 242 6.73 -3.89 -70.38
CA TYR F 242 6.46 -5.31 -70.22
C TYR F 242 5.33 -5.71 -71.17
N ARG F 243 5.29 -6.99 -71.48
CA ARG F 243 4.22 -7.53 -72.31
C ARG F 243 3.68 -8.78 -71.65
N PHE F 244 2.45 -9.17 -71.99
CA PHE F 244 1.77 -10.27 -71.30
C PHE F 244 2.58 -11.57 -71.36
N GLU F 245 3.13 -11.84 -72.53
CA GLU F 245 3.84 -13.09 -72.78
C GLU F 245 5.20 -13.12 -72.11
N ASP F 246 5.56 -12.02 -71.45
CA ASP F 246 6.82 -11.96 -70.70
C ASP F 246 6.78 -12.83 -69.45
N PHE F 247 5.58 -13.18 -69.00
CA PHE F 247 5.42 -13.86 -67.72
C PHE F 247 4.98 -15.32 -67.82
N GLU F 248 5.48 -16.12 -66.88
CA GLU F 248 5.08 -17.52 -66.78
C GLU F 248 5.15 -17.91 -65.32
N ILE F 249 4.23 -18.76 -64.91
CA ILE F 249 4.20 -19.30 -63.57
C ILE F 249 4.47 -20.79 -63.63
N GLU F 250 5.51 -21.23 -62.93
CA GLU F 250 5.86 -22.64 -62.85
C GLU F 250 5.47 -23.25 -61.51
N GLY F 251 5.05 -24.51 -61.52
CA GLY F 251 4.83 -25.25 -60.29
C GLY F 251 3.60 -24.80 -59.52
N TYR F 252 2.63 -24.28 -60.24
CA TYR F 252 1.33 -23.93 -59.69
C TYR F 252 0.44 -25.16 -59.78
N ASP F 253 0.06 -25.67 -58.62
CA ASP F 253 -0.65 -26.92 -58.50
C ASP F 253 -1.76 -26.69 -57.49
N PRO F 254 -2.73 -25.85 -57.86
CA PRO F 254 -3.78 -25.38 -56.94
C PRO F 254 -4.93 -26.37 -56.81
N HIS F 255 -5.71 -26.22 -55.74
CA HIS F 255 -6.96 -26.96 -55.65
C HIS F 255 -7.92 -26.38 -56.65
N PRO F 256 -9.03 -27.07 -56.90
CA PRO F 256 -9.76 -26.52 -58.05
C PRO F 256 -10.33 -25.15 -57.70
N GLY F 257 -10.68 -24.39 -58.73
CA GLY F 257 -11.32 -23.11 -58.55
C GLY F 257 -12.61 -23.20 -57.75
N ILE F 258 -12.92 -22.09 -57.08
CA ILE F 258 -14.20 -21.96 -56.41
C ILE F 258 -14.92 -20.74 -56.96
N LYS F 259 -16.17 -20.92 -57.40
CA LYS F 259 -16.91 -19.86 -58.06
C LYS F 259 -17.63 -18.98 -57.03
N ALA F 260 -17.52 -17.66 -57.17
CA ALA F 260 -18.35 -16.77 -56.37
C ALA F 260 -18.75 -15.54 -57.15
N PRO F 261 -19.88 -14.93 -56.77
CA PRO F 261 -20.40 -13.70 -57.39
C PRO F 261 -19.86 -12.40 -56.75
N VAL F 262 -19.52 -11.42 -57.57
CA VAL F 262 -19.07 -10.10 -57.07
C VAL F 262 -20.26 -9.28 -56.59
N ALA F 263 -20.07 -8.57 -55.48
CA ALA F 263 -21.12 -7.70 -54.93
C ALA F 263 -21.03 -6.32 -55.57
N ILE F 264 -22.06 -6.01 -56.37
CA ILE F 264 -22.13 -4.76 -57.13
C ILE F 264 -23.00 -3.76 -56.38
N LYS G 2 6.25 -1.94 22.72
CA LYS G 2 7.54 -1.31 22.92
C LYS G 2 7.91 -1.51 24.37
N GLN G 3 6.97 -1.20 25.26
CA GLN G 3 7.31 -1.21 26.71
C GLN G 3 7.56 -2.64 27.16
N TYR G 4 6.80 -3.57 26.60
CA TYR G 4 6.91 -4.97 26.97
C TYR G 4 8.23 -5.59 26.58
N LEU G 5 8.66 -5.32 25.34
CA LEU G 5 9.91 -5.84 24.82
C LEU G 5 11.06 -5.15 25.55
N GLU G 6 10.92 -3.85 25.74
CA GLU G 6 11.90 -3.11 26.56
C GLU G 6 12.06 -3.79 27.92
N LEU G 7 10.95 -4.24 28.51
CA LEU G 7 11.01 -5.04 29.72
C LEU G 7 11.71 -6.37 29.48
N MET G 8 11.44 -7.01 28.35
CA MET G 8 12.08 -8.27 28.07
C MET G 8 13.60 -8.17 28.02
N GLN G 9 14.09 -7.14 27.33
CA GLN G 9 15.52 -6.97 27.15
C GLN G 9 16.17 -6.61 28.47
N LYS G 10 15.53 -5.70 29.22
CA LYS G 10 16.02 -5.34 30.54
C LYS G 10 16.23 -6.59 31.41
N VAL G 11 15.28 -7.50 31.45
CA VAL G 11 15.41 -8.66 32.32
C VAL G 11 16.60 -9.47 31.85
N LEU G 12 16.71 -9.63 30.54
CA LEU G 12 17.81 -10.35 29.94
C LEU G 12 19.12 -9.75 30.34
N ASP G 13 19.24 -8.44 30.12
CA ASP G 13 20.42 -7.68 30.54
C ASP G 13 20.67 -7.81 32.03
N GLU G 14 19.88 -7.07 32.80
CA GLU G 14 20.16 -6.84 34.20
C GLU G 14 19.61 -7.96 35.08
N GLY G 15 18.70 -8.76 34.52
CA GLY G 15 18.12 -9.84 35.29
C GLY G 15 19.19 -10.58 36.04
N THR G 16 18.87 -11.01 37.25
CA THR G 16 19.76 -11.84 38.05
C THR G 16 19.25 -13.28 38.09
N GLN G 17 20.16 -14.23 38.01
CA GLN G 17 19.80 -15.63 38.12
C GLN G 17 19.15 -15.86 39.48
N LYS G 18 18.13 -16.70 39.52
CA LYS G 18 17.36 -16.87 40.71
C LYS G 18 16.67 -18.23 40.69
N ASN G 19 16.85 -18.99 41.75
CA ASN G 19 16.07 -20.20 41.95
C ASN G 19 14.63 -19.85 42.23
N ASP G 20 13.70 -20.73 41.86
CA ASP G 20 12.30 -20.46 42.15
C ASP G 20 11.52 -21.65 42.73
N ARG G 21 10.32 -21.36 43.24
CA ARG G 21 9.41 -22.35 43.79
C ARG G 21 9.26 -23.58 42.90
N THR G 22 9.10 -23.38 41.60
CA THR G 22 8.78 -24.47 40.68
C THR G 22 9.99 -25.25 40.21
N GLY G 23 11.15 -24.92 40.78
CA GLY G 23 12.37 -25.63 40.48
C GLY G 23 12.81 -25.42 39.05
N THR G 24 12.30 -24.38 38.40
CA THR G 24 12.64 -24.12 37.01
C THR G 24 13.80 -23.13 36.94
N GLY G 25 13.79 -22.14 37.83
CA GLY G 25 14.82 -21.11 37.85
C GLY G 25 14.51 -19.95 36.91
N THR G 26 14.99 -18.75 37.21
CA THR G 26 14.65 -17.57 36.42
C THR G 26 15.81 -16.59 36.20
N LEU G 27 15.60 -15.64 35.29
CA LEU G 27 16.29 -14.35 35.33
C LEU G 27 15.29 -13.33 35.88
N SER G 28 15.72 -12.55 36.86
CA SER G 28 14.82 -11.74 37.68
C SER G 28 15.32 -10.32 37.92
N ILE G 29 14.41 -9.36 37.85
CA ILE G 29 14.65 -8.05 38.44
C ILE G 29 13.53 -7.82 39.43
N PHE G 30 13.71 -6.81 40.26
CA PHE G 30 12.72 -6.47 41.29
C PHE G 30 12.34 -5.03 41.12
N GLY G 31 11.04 -4.83 40.93
CA GLY G 31 10.52 -3.50 40.71
C GLY G 31 10.65 -3.09 39.25
N HIS G 32 9.52 -2.85 38.62
CA HIS G 32 9.51 -2.28 37.32
C HIS G 32 8.17 -1.63 37.22
N GLN G 33 8.07 -0.64 36.36
CA GLN G 33 6.80 0.00 36.15
C GLN G 33 6.66 0.42 34.70
N MET G 34 5.48 0.19 34.14
CA MET G 34 5.19 0.57 32.75
C MET G 34 3.87 1.28 32.72
N ARG G 35 3.68 2.14 31.73
CA ARG G 35 2.45 2.88 31.60
C ARG G 35 1.90 2.77 30.18
N PHE G 36 0.65 2.37 30.06
CA PHE G 36 -0.04 2.30 28.79
C PHE G 36 -1.16 3.30 28.72
N ASN G 37 -1.00 4.26 27.80
CA ASN G 37 -2.06 5.24 27.56
C ASN G 37 -3.11 4.51 26.75
N LEU G 38 -4.27 4.27 27.36
CA LEU G 38 -5.22 3.35 26.76
C LEU G 38 -5.97 4.03 25.62
N GLN G 39 -5.76 5.34 25.45
CA GLN G 39 -6.26 6.09 24.29
C GLN G 39 -5.51 5.72 22.99
N ASP G 40 -4.25 5.35 23.13
CA ASP G 40 -3.36 5.13 22.00
C ASP G 40 -3.65 3.80 21.31
N GLY G 41 -4.47 2.97 21.94
CA GLY G 41 -4.67 1.60 21.48
C GLY G 41 -4.78 0.60 22.63
N PHE G 42 -5.33 -0.56 22.32
CA PHE G 42 -5.40 -1.63 23.29
C PHE G 42 -4.07 -2.37 23.40
N PRO G 43 -3.55 -2.48 24.64
CA PRO G 43 -2.19 -2.99 24.81
C PRO G 43 -2.10 -4.50 24.77
N LEU G 44 -2.44 -5.09 23.64
CA LEU G 44 -2.35 -6.52 23.52
C LEU G 44 -1.10 -6.82 22.72
N VAL G 45 -0.23 -7.63 23.30
CA VAL G 45 1.04 -7.97 22.69
C VAL G 45 0.86 -8.44 21.24
N THR G 46 1.69 -7.90 20.36
CA THR G 46 1.65 -8.14 18.93
C THR G 46 2.83 -8.96 18.48
N THR G 47 3.90 -8.98 19.27
CA THR G 47 5.07 -9.75 18.90
C THR G 47 4.84 -11.25 19.11
N LYS G 48 3.71 -11.62 19.70
CA LYS G 48 3.23 -12.99 19.59
C LYS G 48 1.71 -12.98 19.67
N ARG G 49 1.03 -13.96 19.06
CA ARG G 49 -0.43 -13.96 19.18
C ARG G 49 -0.84 -14.39 20.57
N CYS G 50 -1.62 -13.54 21.20
CA CYS G 50 -2.21 -13.84 22.49
C CYS G 50 -3.62 -14.35 22.36
N HIS G 51 -4.00 -15.21 23.30
CA HIS G 51 -5.32 -15.80 23.37
C HIS G 51 -6.29 -14.88 24.09
N LEU G 52 -6.80 -13.92 23.33
CA LEU G 52 -7.75 -12.95 23.81
C LEU G 52 -9.01 -13.59 24.39
N ARG G 53 -9.45 -14.71 23.84
CA ARG G 53 -10.69 -15.25 24.37
C ARG G 53 -10.53 -15.70 25.84
N SER G 54 -9.36 -16.17 26.23
CA SER G 54 -9.11 -16.56 27.61
C SER G 54 -9.04 -15.32 28.52
N ILE G 55 -8.40 -14.29 28.01
CA ILE G 55 -8.27 -13.02 28.73
C ILE G 55 -9.65 -12.48 29.07
N ILE G 56 -10.50 -12.38 28.06
CA ILE G 56 -11.82 -11.83 28.23
C ILE G 56 -12.64 -12.73 29.14
N HIS G 57 -12.67 -14.04 28.86
CA HIS G 57 -13.40 -14.91 29.74
C HIS G 57 -12.91 -14.93 31.19
N GLU G 58 -11.60 -14.81 31.40
CA GLU G 58 -11.07 -14.89 32.75
C GLU G 58 -11.53 -13.68 33.59
N LEU G 59 -11.59 -12.53 32.94
CA LEU G 59 -12.06 -11.30 33.59
C LEU G 59 -13.56 -11.36 33.85
N LEU G 60 -14.33 -11.91 32.92
CA LEU G 60 -15.76 -12.05 33.15
C LEU G 60 -16.05 -12.98 34.31
N TRP G 61 -15.26 -14.03 34.39
CA TRP G 61 -15.30 -15.00 35.48
C TRP G 61 -14.93 -14.33 36.83
N PHE G 62 -13.87 -13.53 36.80
CA PHE G 62 -13.48 -12.77 37.99
C PHE G 62 -14.63 -11.89 38.46
N LEU G 63 -15.20 -11.13 37.55
CA LEU G 63 -16.21 -10.17 37.95
C LEU G 63 -17.46 -10.88 38.53
N GLN G 64 -17.66 -12.16 38.18
CA GLN G 64 -18.79 -12.92 38.70
C GLN G 64 -18.54 -13.46 40.09
N GLY G 65 -17.33 -13.30 40.60
CA GLY G 65 -16.96 -13.81 41.90
C GLY G 65 -16.70 -15.29 41.91
N ASP G 66 -16.59 -15.89 40.72
CA ASP G 66 -16.49 -17.34 40.57
C ASP G 66 -15.04 -17.79 40.71
N THR G 67 -14.84 -18.92 41.39
CA THR G 67 -13.49 -19.44 41.59
C THR G 67 -13.46 -20.90 41.23
N ASN G 68 -14.47 -21.32 40.50
CA ASN G 68 -14.51 -22.67 39.97
C ASN G 68 -14.36 -22.62 38.46
N ILE G 69 -13.40 -23.37 37.94
CA ILE G 69 -13.04 -23.29 36.53
C ILE G 69 -14.12 -23.84 35.58
N ALA G 70 -15.25 -24.30 36.11
CA ALA G 70 -16.29 -24.86 35.24
C ALA G 70 -16.69 -23.86 34.15
N TYR G 71 -16.82 -22.58 34.49
CA TYR G 71 -17.24 -21.62 33.50
C TYR G 71 -16.17 -21.40 32.45
N LEU G 72 -14.92 -21.37 32.89
CA LEU G 72 -13.81 -21.30 31.96
C LEU G 72 -13.91 -22.53 31.05
N HIS G 73 -14.15 -23.68 31.65
CA HIS G 73 -14.19 -24.90 30.87
C HIS G 73 -15.33 -24.89 29.83
N GLU G 74 -16.48 -24.36 30.21
CA GLU G 74 -17.59 -24.14 29.27
C GLU G 74 -17.16 -23.44 27.98
N ASN G 75 -16.34 -22.42 28.12
CA ASN G 75 -15.94 -21.59 27.00
C ASN G 75 -14.56 -21.95 26.52
N ASN G 76 -14.13 -23.18 26.79
CA ASN G 76 -12.85 -23.66 26.29
C ASN G 76 -11.66 -22.85 26.72
N VAL G 77 -11.65 -22.44 27.98
CA VAL G 77 -10.51 -21.70 28.49
C VAL G 77 -9.84 -22.59 29.54
N THR G 78 -8.57 -22.91 29.35
CA THR G 78 -7.92 -23.90 30.20
C THR G 78 -6.79 -23.40 31.09
N ILE G 79 -6.64 -22.08 31.18
CA ILE G 79 -5.44 -21.53 31.76
C ILE G 79 -5.33 -21.80 33.27
N TRP G 80 -6.43 -22.15 33.93
CA TRP G 80 -6.38 -22.47 35.37
C TRP G 80 -6.40 -23.96 35.66
N ASP G 81 -6.20 -24.76 34.61
CA ASP G 81 -6.39 -26.19 34.77
C ASP G 81 -5.45 -26.78 35.82
N GLU G 82 -4.17 -26.41 35.72
CA GLU G 82 -3.10 -27.04 36.47
C GLU G 82 -3.31 -26.94 37.97
N TRP G 83 -4.13 -25.99 38.43
CA TRP G 83 -4.27 -25.75 39.87
C TRP G 83 -5.63 -26.07 40.42
N ALA G 84 -6.61 -26.39 39.58
CA ALA G 84 -7.92 -26.67 40.14
C ALA G 84 -7.91 -28.04 40.82
N ASP G 85 -8.69 -28.19 41.90
CA ASP G 85 -8.83 -29.50 42.53
C ASP G 85 -9.82 -30.39 41.74
N GLU G 86 -10.21 -31.51 42.32
CA GLU G 86 -11.06 -32.48 41.66
C GLU G 86 -12.42 -31.92 41.26
N ASN G 87 -12.88 -30.91 41.98
CA ASN G 87 -14.21 -30.33 41.75
C ASN G 87 -14.10 -29.08 40.89
N GLY G 88 -12.91 -28.79 40.41
CA GLY G 88 -12.64 -27.57 39.66
C GLY G 88 -12.40 -26.34 40.53
N ASP G 89 -12.23 -26.54 41.83
CA ASP G 89 -12.12 -25.37 42.73
C ASP G 89 -10.68 -24.89 42.89
N LEU G 90 -10.54 -23.56 42.99
CA LEU G 90 -9.25 -22.92 43.21
C LEU G 90 -9.15 -22.31 44.59
N GLY G 91 -10.21 -22.45 45.37
CA GLY G 91 -10.26 -21.86 46.69
C GLY G 91 -10.58 -20.39 46.50
N PRO G 92 -10.38 -19.58 47.56
CA PRO G 92 -10.91 -18.21 47.53
C PRO G 92 -10.00 -17.19 46.84
N VAL G 93 -9.77 -17.42 45.56
CA VAL G 93 -8.93 -16.52 44.76
C VAL G 93 -9.68 -15.29 44.20
N TYR G 94 -9.03 -14.57 43.27
CA TYR G 94 -9.46 -13.24 42.87
C TYR G 94 -10.98 -13.02 42.85
N GLY G 95 -11.70 -13.82 42.09
CA GLY G 95 -13.14 -13.64 42.05
C GLY G 95 -13.74 -13.50 43.44
N LYS G 96 -13.35 -14.41 44.33
CA LYS G 96 -13.93 -14.47 45.67
C LYS G 96 -13.60 -13.17 46.40
N GLN G 97 -12.34 -12.79 46.37
CA GLN G 97 -11.90 -11.58 47.07
C GLN G 97 -12.52 -10.34 46.47
N TRP G 98 -12.64 -10.27 45.14
CA TRP G 98 -13.14 -9.06 44.52
C TRP G 98 -14.58 -8.82 44.90
N ARG G 99 -15.35 -9.90 44.97
CA ARG G 99 -16.79 -9.78 45.11
C ARG G 99 -17.27 -10.07 46.51
N ALA G 100 -16.51 -10.86 47.26
CA ALA G 100 -17.01 -11.32 48.55
C ALA G 100 -15.91 -11.54 49.57
N TRP G 101 -15.10 -10.52 49.76
CA TRP G 101 -14.08 -10.56 50.80
C TRP G 101 -14.80 -10.90 52.08
N PRO G 102 -14.45 -12.03 52.71
CA PRO G 102 -15.20 -12.39 53.91
C PRO G 102 -14.72 -11.62 55.17
N THR G 103 -15.67 -11.09 55.90
CA THR G 103 -15.37 -10.42 57.15
C THR G 103 -15.78 -11.30 58.33
N PRO G 104 -14.90 -11.42 59.33
CA PRO G 104 -15.28 -12.10 60.58
C PRO G 104 -16.46 -11.33 61.15
N ASP G 105 -17.62 -11.96 61.22
CA ASP G 105 -18.85 -11.20 61.33
C ASP G 105 -19.96 -11.96 60.60
N GLY G 106 -19.57 -12.71 59.58
CA GLY G 106 -20.51 -13.45 58.75
C GLY G 106 -20.75 -12.76 57.42
N ARG G 107 -20.56 -11.44 57.43
CA ARG G 107 -20.77 -10.58 56.27
C ARG G 107 -19.89 -10.99 55.07
N HIS G 108 -19.93 -10.20 54.00
CA HIS G 108 -18.96 -10.28 52.92
C HIS G 108 -18.84 -8.85 52.41
N ILE G 109 -17.71 -8.54 51.79
CA ILE G 109 -17.53 -7.23 51.18
C ILE G 109 -17.31 -7.34 49.69
N ASP G 110 -18.06 -6.56 48.93
CA ASP G 110 -17.98 -6.58 47.46
C ASP G 110 -17.15 -5.39 47.01
N GLN G 111 -15.86 -5.61 46.81
CA GLN G 111 -14.95 -4.51 46.48
C GLN G 111 -15.25 -3.88 45.10
N ILE G 112 -15.72 -4.67 44.14
CA ILE G 112 -15.91 -4.11 42.83
C ILE G 112 -17.06 -3.11 42.85
N THR G 113 -18.17 -3.52 43.45
CA THR G 113 -19.31 -2.64 43.64
C THR G 113 -18.86 -1.42 44.46
N THR G 114 -18.07 -1.65 45.50
CA THR G 114 -17.65 -0.50 46.31
C THR G 114 -16.86 0.49 45.42
N VAL G 115 -16.02 -0.03 44.52
CA VAL G 115 -15.18 0.85 43.69
C VAL G 115 -16.01 1.62 42.69
N LEU G 116 -16.99 0.95 42.08
CA LEU G 116 -17.84 1.61 41.12
C LEU G 116 -18.60 2.73 41.78
N ASN G 117 -19.11 2.45 42.97
CA ASN G 117 -19.79 3.47 43.74
C ASN G 117 -18.87 4.67 44.00
N GLN G 118 -17.60 4.43 44.33
CA GLN G 118 -16.68 5.54 44.61
C GLN G 118 -16.39 6.35 43.36
N LEU G 119 -16.15 5.67 42.26
CA LEU G 119 -15.91 6.34 41.00
C LEU G 119 -17.08 7.25 40.62
N LYS G 120 -18.30 6.78 40.91
CA LYS G 120 -19.50 7.53 40.53
C LYS G 120 -19.74 8.70 41.47
N ASN G 121 -19.53 8.45 42.75
CA ASN G 121 -20.01 9.35 43.80
C ASN G 121 -18.91 10.16 44.45
N ASP G 122 -17.68 9.68 44.39
CA ASP G 122 -16.54 10.32 45.05
C ASP G 122 -15.24 9.99 44.31
N PRO G 123 -15.16 10.38 43.01
CA PRO G 123 -14.07 9.99 42.12
C PRO G 123 -12.68 10.52 42.53
N ASP G 124 -12.64 11.52 43.41
CA ASP G 124 -11.37 12.09 43.81
C ASP G 124 -10.71 11.32 44.96
N SER G 125 -11.45 10.39 45.57
CA SER G 125 -10.89 9.56 46.62
C SER G 125 -9.56 8.94 46.21
N ARG G 126 -8.63 8.89 47.15
CA ARG G 126 -7.34 8.29 46.90
C ARG G 126 -7.32 6.90 47.52
N ARG G 127 -8.50 6.38 47.86
CA ARG G 127 -8.61 5.02 48.38
C ARG G 127 -9.56 4.16 47.52
N ILE G 128 -9.53 4.38 46.22
CA ILE G 128 -10.35 3.57 45.31
C ILE G 128 -9.53 2.30 44.99
N ILE G 129 -9.69 1.32 45.85
CA ILE G 129 -8.82 0.18 45.79
C ILE G 129 -9.56 -1.14 45.88
N VAL G 130 -9.01 -2.09 45.14
CA VAL G 130 -9.38 -3.47 45.29
C VAL G 130 -8.16 -4.25 45.66
N SER G 131 -8.31 -5.14 46.62
CA SER G 131 -7.24 -6.01 46.96
C SER G 131 -7.66 -7.46 46.93
N ALA G 132 -6.82 -8.31 46.34
CA ALA G 132 -7.03 -9.74 46.40
C ALA G 132 -6.19 -10.40 47.50
N TRP G 133 -5.42 -9.60 48.24
CA TRP G 133 -4.48 -10.19 49.19
C TRP G 133 -5.11 -10.31 50.53
N ASN G 134 -6.04 -11.26 50.63
CA ASN G 134 -6.62 -11.59 51.91
C ASN G 134 -5.70 -12.56 52.66
N VAL G 135 -4.87 -12.00 53.53
CA VAL G 135 -3.89 -12.76 54.30
C VAL G 135 -4.57 -13.92 55.03
N GLY G 136 -5.79 -13.69 55.50
CA GLY G 136 -6.47 -14.70 56.28
C GLY G 136 -6.95 -15.87 55.49
N GLU G 137 -6.73 -15.83 54.17
CA GLU G 137 -7.24 -16.86 53.28
C GLU G 137 -6.17 -17.43 52.37
N LEU G 138 -4.95 -16.90 52.43
CA LEU G 138 -3.91 -17.31 51.50
C LEU G 138 -3.77 -18.84 51.47
N ASP G 139 -3.79 -19.45 52.65
CA ASP G 139 -3.50 -20.87 52.79
C ASP G 139 -4.59 -21.73 52.12
N LYS G 140 -5.78 -21.17 51.93
CA LYS G 140 -6.87 -21.89 51.25
C LYS G 140 -6.78 -21.80 49.72
N MET G 141 -5.93 -20.92 49.17
CA MET G 141 -5.95 -20.69 47.72
C MET G 141 -4.97 -21.60 47.02
N ALA G 142 -5.36 -22.03 45.81
CA ALA G 142 -4.55 -22.87 44.95
C ALA G 142 -3.23 -22.18 44.67
N LEU G 143 -3.32 -20.86 44.56
CA LEU G 143 -2.16 -20.04 44.29
C LEU G 143 -2.34 -18.74 45.03
N ALA G 144 -1.23 -18.23 45.55
CA ALA G 144 -1.21 -16.88 46.10
C ALA G 144 -1.45 -15.85 44.99
N PRO G 145 -2.34 -14.87 45.25
CA PRO G 145 -2.69 -13.79 44.30
C PRO G 145 -1.47 -13.10 43.70
N CYS G 146 -1.38 -12.99 42.38
CA CYS G 146 -0.23 -12.36 41.71
C CYS G 146 -0.60 -10.93 41.47
N HIS G 147 -1.65 -10.72 40.67
CA HIS G 147 -2.23 -9.40 40.49
C HIS G 147 -3.10 -9.07 41.72
N ALA G 148 -2.43 -8.54 42.73
CA ALA G 148 -2.93 -8.59 44.09
C ALA G 148 -3.66 -7.35 44.55
N PHE G 149 -3.37 -6.20 43.95
CA PHE G 149 -3.75 -4.92 44.54
C PHE G 149 -3.82 -3.90 43.44
N PHE G 150 -4.95 -3.25 43.29
CA PHE G 150 -5.02 -2.26 42.24
C PHE G 150 -5.83 -1.06 42.68
N GLN G 151 -5.54 0.05 42.02
CA GLN G 151 -6.03 1.33 42.45
C GLN G 151 -6.48 2.11 41.22
N PHE G 152 -7.63 2.77 41.36
CA PHE G 152 -8.16 3.63 40.33
C PHE G 152 -7.98 5.05 40.69
N TYR G 153 -8.03 5.87 39.65
CA TYR G 153 -7.72 7.27 39.71
C TYR G 153 -8.56 7.94 38.63
N VAL G 154 -9.13 9.08 38.92
CA VAL G 154 -9.95 9.79 37.94
C VAL G 154 -9.35 11.19 37.81
N ALA G 155 -9.17 11.65 36.59
CA ALA G 155 -8.71 13.04 36.36
C ALA G 155 -9.08 13.44 34.96
N ASP G 156 -9.52 14.68 34.76
CA ASP G 156 -9.86 15.12 33.40
C ASP G 156 -10.85 14.17 32.72
N GLY G 157 -11.74 13.55 33.48
CA GLY G 157 -12.82 12.75 32.90
C GLY G 157 -12.35 11.39 32.42
N LYS G 158 -11.13 11.01 32.82
CA LYS G 158 -10.59 9.71 32.42
C LYS G 158 -10.44 8.83 33.62
N LEU G 159 -10.55 7.52 33.40
CA LEU G 159 -10.35 6.54 34.45
C LEU G 159 -9.00 5.87 34.24
N SER G 160 -8.16 5.86 35.28
CA SER G 160 -6.85 5.18 35.20
C SER G 160 -6.80 4.15 36.29
N CYS G 161 -5.86 3.21 36.16
CA CYS G 161 -5.74 2.10 37.07
C CYS G 161 -4.26 1.75 37.19
N GLN G 162 -3.82 1.39 38.38
CA GLN G 162 -2.47 0.92 38.63
C GLN G 162 -2.60 -0.42 39.32
N LEU G 163 -1.89 -1.41 38.79
CA LEU G 163 -1.85 -2.75 39.36
C LEU G 163 -0.48 -2.97 39.98
N TYR G 164 -0.49 -3.47 41.22
CA TYR G 164 0.70 -4.02 41.82
C TYR G 164 0.65 -5.56 41.64
N GLN G 165 1.59 -6.04 40.84
CA GLN G 165 1.70 -7.48 40.59
C GLN G 165 2.96 -8.02 41.24
N ARG G 166 2.81 -8.85 42.26
CA ARG G 166 3.94 -9.18 43.13
C ARG G 166 4.94 -10.11 42.43
N SER G 167 4.48 -10.69 41.31
CA SER G 167 5.21 -11.75 40.69
C SER G 167 4.77 -11.84 39.25
N CYS G 168 5.72 -11.79 38.33
CA CYS G 168 5.36 -11.71 36.94
C CYS G 168 6.22 -12.59 36.03
N ASP G 169 5.59 -13.57 35.41
CA ASP G 169 6.19 -14.36 34.34
C ASP G 169 6.11 -13.49 33.12
N VAL G 170 7.22 -12.94 32.66
CA VAL G 170 7.17 -11.89 31.64
C VAL G 170 6.59 -12.44 30.34
N PHE G 171 6.93 -13.68 30.10
CA PHE G 171 6.59 -14.28 28.83
C PHE G 171 5.14 -14.75 28.79
N LEU G 172 4.75 -15.61 29.74
CA LEU G 172 3.40 -16.18 29.75
C LEU G 172 2.34 -15.30 30.36
N GLY G 173 2.60 -14.80 31.57
CA GLY G 173 1.58 -14.15 32.36
C GLY G 173 1.35 -12.72 32.01
N LEU G 174 2.43 -11.97 31.87
CA LEU G 174 2.36 -10.54 31.77
C LEU G 174 1.48 -10.06 30.61
N PRO G 175 1.58 -10.66 29.40
CA PRO G 175 0.71 -10.17 28.32
C PRO G 175 -0.76 -10.34 28.67
N PHE G 176 -1.12 -11.39 29.41
CA PHE G 176 -2.50 -11.57 29.87
C PHE G 176 -2.89 -10.54 30.92
N ASN G 177 -2.00 -10.32 31.86
CA ASN G 177 -2.30 -9.39 32.94
C ASN G 177 -2.51 -7.99 32.38
N ILE G 178 -1.64 -7.55 31.48
CA ILE G 178 -1.77 -6.22 30.91
C ILE G 178 -3.12 -6.09 30.21
N ALA G 179 -3.41 -7.03 29.33
CA ALA G 179 -4.65 -6.96 28.55
C ALA G 179 -5.86 -7.05 29.44
N SER G 180 -5.80 -7.88 30.44
CA SER G 180 -6.92 -8.04 31.35
C SER G 180 -7.25 -6.72 32.05
N TYR G 181 -6.25 -6.08 32.65
CA TYR G 181 -6.55 -4.85 33.34
C TYR G 181 -6.92 -3.71 32.42
N ALA G 182 -6.30 -3.66 31.25
CA ALA G 182 -6.71 -2.67 30.27
C ALA G 182 -8.19 -2.86 29.91
N LEU G 183 -8.63 -4.10 29.74
CA LEU G 183 -10.03 -4.34 29.45
C LEU G 183 -10.92 -3.87 30.61
N LEU G 184 -10.47 -4.11 31.82
CA LEU G 184 -11.21 -3.74 33.02
C LEU G 184 -11.43 -2.25 33.07
N VAL G 185 -10.39 -1.50 32.75
CA VAL G 185 -10.45 -0.04 32.77
C VAL G 185 -11.53 0.38 31.78
N HIS G 186 -11.56 -0.24 30.61
CA HIS G 186 -12.56 0.12 29.57
C HIS G 186 -13.99 -0.15 30.02
N MET G 187 -14.24 -1.29 30.64
CA MET G 187 -15.56 -1.64 31.13
C MET G 187 -15.98 -0.74 32.31
N MET G 188 -15.07 -0.55 33.26
CA MET G 188 -15.30 0.34 34.39
C MET G 188 -15.68 1.72 33.95
N ALA G 189 -14.86 2.22 33.04
CA ALA G 189 -15.05 3.56 32.54
C ALA G 189 -16.44 3.73 31.86
N GLN G 190 -16.79 2.76 31.01
CA GLN G 190 -18.08 2.77 30.34
C GLN G 190 -19.24 2.72 31.35
N GLN G 191 -19.05 2.00 32.45
CA GLN G 191 -20.12 1.91 33.42
C GLN G 191 -20.22 3.23 34.19
N CYS G 192 -19.12 3.97 34.24
CA CYS G 192 -19.07 5.25 34.97
C CYS G 192 -19.22 6.44 34.02
N ASP G 193 -19.57 6.19 32.76
CA ASP G 193 -19.60 7.27 31.77
C ASP G 193 -18.28 8.08 31.82
N LEU G 194 -17.15 7.39 31.84
CA LEU G 194 -15.82 7.99 31.84
C LEU G 194 -15.03 7.55 30.61
N GLU G 195 -14.12 8.41 30.17
CA GLU G 195 -13.16 8.00 29.14
C GLU G 195 -12.05 7.20 29.77
N VAL G 196 -11.41 6.34 28.98
CA VAL G 196 -10.27 5.56 29.47
C VAL G 196 -8.99 6.41 29.60
N GLY G 197 -8.28 6.17 30.70
CA GLY G 197 -7.04 6.89 31.00
C GLY G 197 -5.78 6.09 30.75
N ASP G 198 -4.98 5.85 31.79
CA ASP G 198 -3.75 5.04 31.67
C ASP G 198 -3.88 3.74 32.44
N PHE G 199 -3.17 2.70 32.00
CA PHE G 199 -2.95 1.52 32.83
C PHE G 199 -1.50 1.49 33.22
N VAL G 200 -1.24 1.60 34.51
CA VAL G 200 0.11 1.54 35.00
C VAL G 200 0.36 0.20 35.61
N TRP G 201 1.40 -0.48 35.15
CA TRP G 201 1.70 -1.80 35.62
C TRP G 201 2.96 -1.73 36.44
N THR G 202 2.86 -2.20 37.68
CA THR G 202 4.00 -2.28 38.59
C THR G 202 4.25 -3.71 39.02
N GLY G 203 5.49 -4.15 38.89
CA GLY G 203 5.82 -5.51 39.25
C GLY G 203 6.77 -5.54 40.41
N GLY G 204 6.67 -6.61 41.19
CA GLY G 204 7.67 -6.98 42.16
C GLY G 204 8.70 -7.83 41.45
N ASP G 205 8.69 -9.13 41.72
CA ASP G 205 9.68 -10.04 41.17
C ASP G 205 9.28 -10.35 39.74
N THR G 206 9.96 -9.69 38.79
CA THR G 206 9.61 -9.72 37.37
C THR G 206 10.69 -10.53 36.65
N HIS G 207 10.28 -11.59 35.96
CA HIS G 207 11.23 -12.61 35.53
C HIS G 207 10.91 -13.31 34.22
N LEU G 208 11.96 -13.92 33.67
CA LEU G 208 11.89 -14.77 32.51
C LEU G 208 12.38 -16.13 32.97
N TYR G 209 11.58 -17.17 32.75
CA TYR G 209 12.01 -18.52 33.08
C TYR G 209 13.11 -18.99 32.13
N SER G 210 14.03 -19.79 32.68
CA SER G 210 15.13 -20.39 31.94
C SER G 210 14.66 -21.05 30.66
N ASN G 211 13.52 -21.72 30.71
CA ASN G 211 13.08 -22.46 29.55
C ASN G 211 12.08 -21.69 28.67
N HIS G 212 12.16 -20.37 28.76
CA HIS G 212 11.44 -19.48 27.86
C HIS G 212 12.43 -18.59 27.09
N MET G 213 13.73 -18.86 27.21
CA MET G 213 14.71 -17.96 26.61
C MET G 213 14.63 -18.00 25.08
N ASP G 214 14.59 -19.20 24.51
CA ASP G 214 14.44 -19.33 23.06
C ASP G 214 13.28 -18.47 22.60
N GLN G 215 12.15 -18.66 23.25
CA GLN G 215 10.92 -17.97 22.90
C GLN G 215 11.10 -16.48 22.96
N THR G 216 11.81 -16.03 24.01
CA THR G 216 12.05 -14.63 24.26
C THR G 216 12.97 -14.03 23.20
N HIS G 217 14.07 -14.70 22.93
CA HIS G 217 14.95 -14.29 21.85
C HIS G 217 14.15 -14.25 20.55
N LEU G 218 13.29 -15.23 20.34
CA LEU G 218 12.43 -15.18 19.18
C LEU G 218 11.66 -13.87 19.17
N GLN G 219 10.89 -13.66 20.24
CA GLN G 219 10.01 -12.50 20.31
C GLN G 219 10.76 -11.16 20.21
N LEU G 220 11.92 -11.05 20.85
CA LEU G 220 12.67 -9.80 20.80
C LEU G 220 13.09 -9.49 19.36
N SER G 221 13.24 -10.53 18.56
CA SER G 221 13.64 -10.37 17.16
C SER G 221 12.50 -9.90 16.26
N ARG G 222 11.32 -9.74 16.84
CA ARG G 222 10.15 -9.31 16.09
C ARG G 222 9.81 -7.85 16.36
N GLU G 223 9.44 -7.12 15.31
CA GLU G 223 9.04 -5.73 15.45
C GLU G 223 7.54 -5.65 15.72
N PRO G 224 7.14 -4.89 16.74
CA PRO G 224 5.76 -4.64 17.12
C PRO G 224 4.94 -3.99 16.02
N ARG G 225 3.68 -4.40 15.89
CA ARG G 225 2.75 -3.75 14.97
C ARG G 225 1.80 -2.80 15.72
N PRO G 226 1.01 -2.00 14.97
CA PRO G 226 0.08 -1.06 15.59
C PRO G 226 -0.80 -1.77 16.60
N LEU G 227 -1.11 -1.10 17.70
CA LEU G 227 -1.99 -1.68 18.67
C LEU G 227 -3.36 -1.74 18.06
N PRO G 228 -4.10 -2.80 18.37
CA PRO G 228 -5.50 -2.88 17.95
C PRO G 228 -6.38 -1.90 18.70
N LYS G 229 -7.64 -1.83 18.33
CA LYS G 229 -8.61 -1.04 19.06
C LYS G 229 -9.67 -1.92 19.70
N LEU G 230 -10.02 -1.59 20.92
CA LEU G 230 -11.10 -2.28 21.57
C LEU G 230 -12.41 -1.58 21.25
N ILE G 231 -13.40 -2.34 20.75
CA ILE G 231 -14.73 -1.80 20.62
C ILE G 231 -15.61 -2.55 21.58
N ILE G 232 -16.42 -1.81 22.33
CA ILE G 232 -17.48 -2.44 23.09
C ILE G 232 -18.79 -2.24 22.32
N LYS G 233 -19.45 -3.34 21.99
CA LYS G 233 -20.54 -3.32 21.03
C LYS G 233 -21.84 -2.89 21.70
N ARG G 234 -21.93 -3.12 23.00
CA ARG G 234 -23.08 -2.64 23.76
C ARG G 234 -22.64 -2.28 25.18
N LYS G 235 -23.37 -1.37 25.82
CA LYS G 235 -23.14 -1.05 27.23
C LYS G 235 -24.15 -1.80 28.08
N PRO G 236 -23.74 -2.89 28.74
CA PRO G 236 -24.68 -3.55 29.67
C PRO G 236 -25.18 -2.61 30.79
N GLU G 237 -26.03 -3.17 31.65
CA GLU G 237 -26.68 -2.40 32.69
C GLU G 237 -25.76 -2.20 33.87
N SER G 238 -24.88 -3.18 34.11
CA SER G 238 -23.88 -3.06 35.16
C SER G 238 -22.59 -3.74 34.74
N ILE G 239 -21.53 -3.40 35.47
CA ILE G 239 -20.23 -4.00 35.29
C ILE G 239 -20.30 -5.54 35.28
N PHE G 240 -21.37 -6.10 35.83
CA PHE G 240 -21.42 -7.53 36.09
C PHE G 240 -22.13 -8.30 34.98
N ASP G 241 -22.62 -7.60 33.96
CA ASP G 241 -23.49 -8.22 32.96
C ASP G 241 -22.91 -8.26 31.54
N TYR G 242 -21.60 -8.11 31.44
CA TYR G 242 -20.91 -8.24 30.15
C TYR G 242 -20.84 -9.66 29.68
N ARG G 243 -20.78 -9.81 28.35
CA ARG G 243 -20.59 -11.09 27.69
C ARG G 243 -19.43 -10.98 26.70
N PHE G 244 -18.79 -12.10 26.44
CA PHE G 244 -17.66 -12.14 25.53
C PHE G 244 -17.99 -11.41 24.22
N GLU G 245 -19.22 -11.59 23.75
CA GLU G 245 -19.60 -11.05 22.45
C GLU G 245 -19.69 -9.52 22.46
N ASP G 246 -19.74 -8.90 23.63
CA ASP G 246 -19.74 -7.43 23.69
C ASP G 246 -18.45 -6.82 23.12
N PHE G 247 -17.38 -7.60 23.11
CA PHE G 247 -16.06 -7.07 22.75
C PHE G 247 -15.61 -7.48 21.36
N GLU G 248 -15.03 -6.52 20.66
CA GLU G 248 -14.32 -6.84 19.45
C GLU G 248 -13.00 -6.11 19.48
N ILE G 249 -11.97 -6.81 19.00
CA ILE G 249 -10.64 -6.27 18.94
C ILE G 249 -10.40 -6.00 17.47
N GLU G 250 -10.04 -4.79 17.13
CA GLU G 250 -9.97 -4.39 15.73
C GLU G 250 -8.54 -4.21 15.35
N GLY G 251 -8.15 -4.76 14.22
CA GLY G 251 -6.82 -4.52 13.71
C GLY G 251 -5.72 -5.22 14.47
N TYR G 252 -6.01 -6.42 14.97
CA TYR G 252 -4.98 -7.17 15.66
C TYR G 252 -4.27 -8.04 14.64
N ASP G 253 -3.00 -7.73 14.44
CA ASP G 253 -2.24 -8.34 13.39
C ASP G 253 -0.94 -8.79 13.97
N PRO G 254 -1.02 -9.79 14.83
CA PRO G 254 0.15 -10.28 15.55
C PRO G 254 1.07 -11.18 14.76
N HIS G 255 2.30 -11.30 15.25
CA HIS G 255 3.18 -12.38 14.87
C HIS G 255 2.62 -13.69 15.42
N PRO G 256 3.00 -14.80 14.80
CA PRO G 256 2.50 -16.12 15.19
C PRO G 256 2.66 -16.36 16.66
N GLY G 257 1.77 -17.15 17.26
CA GLY G 257 1.94 -17.55 18.63
C GLY G 257 3.30 -18.19 18.83
N ILE G 258 3.81 -18.05 20.05
CA ILE G 258 4.97 -18.77 20.50
C ILE G 258 4.58 -19.62 21.71
N LYS G 259 4.61 -20.93 21.55
CA LYS G 259 4.28 -21.82 22.66
C LYS G 259 5.41 -21.79 23.67
N ALA G 260 5.03 -22.06 24.92
CA ALA G 260 5.94 -22.11 26.06
C ALA G 260 5.21 -22.80 27.22
N PRO G 261 5.89 -23.70 27.93
CA PRO G 261 5.29 -24.42 29.05
C PRO G 261 5.20 -23.57 30.32
N VAL G 262 4.06 -23.68 30.99
CA VAL G 262 3.89 -23.02 32.29
C VAL G 262 4.57 -23.82 33.37
N ALA G 263 5.32 -23.13 34.21
CA ALA G 263 5.94 -23.77 35.37
C ALA G 263 4.88 -24.12 36.42
N ILE G 264 4.70 -25.40 36.69
CA ILE G 264 3.71 -25.82 37.67
C ILE G 264 4.32 -25.92 39.06
N LYS H 2 17.79 13.58 44.61
CA LYS H 2 17.50 13.84 43.21
C LYS H 2 16.15 13.26 42.77
N GLN H 3 15.94 11.99 43.10
CA GLN H 3 14.67 11.31 42.77
C GLN H 3 13.50 12.04 43.39
N TYR H 4 13.69 12.46 44.66
CA TYR H 4 12.63 13.10 45.40
C TYR H 4 12.30 14.46 44.80
N LEU H 5 13.32 15.24 44.43
CA LEU H 5 13.07 16.57 43.87
C LEU H 5 12.44 16.43 42.50
N GLU H 6 12.96 15.49 41.73
CA GLU H 6 12.41 15.19 40.42
C GLU H 6 10.92 14.93 40.48
N LEU H 7 10.52 14.13 41.47
CA LEU H 7 9.13 13.82 41.70
C LEU H 7 8.38 15.09 42.10
N MET H 8 8.96 15.81 43.07
CA MET H 8 8.35 17.04 43.50
C MET H 8 8.07 17.91 42.29
N GLN H 9 9.04 18.01 41.36
CA GLN H 9 8.86 18.89 40.22
C GLN H 9 7.89 18.25 39.23
N LYS H 10 7.95 16.93 39.08
CA LYS H 10 7.03 16.25 38.20
C LYS H 10 5.59 16.53 38.64
N VAL H 11 5.37 16.75 39.93
CA VAL H 11 4.02 17.02 40.41
C VAL H 11 3.63 18.46 40.09
N LEU H 12 4.57 19.38 40.21
CA LEU H 12 4.30 20.74 39.78
C LEU H 12 4.04 20.78 38.27
N ASP H 13 4.89 20.07 37.51
CA ASP H 13 4.83 20.09 36.04
C ASP H 13 3.51 19.53 35.53
N GLU H 14 3.10 18.38 36.08
CA GLU H 14 2.11 17.53 35.44
C GLU H 14 0.88 17.24 36.30
N GLY H 15 0.95 17.64 37.56
CA GLY H 15 -0.15 17.42 38.47
C GLY H 15 -1.40 18.09 37.95
N THR H 16 -2.54 17.52 38.30
CA THR H 16 -3.81 18.18 38.06
C THR H 16 -4.40 18.70 39.36
N GLN H 17 -4.96 19.91 39.29
CA GLN H 17 -5.63 20.49 40.42
C GLN H 17 -6.82 19.62 40.80
N LYS H 18 -6.74 19.02 41.98
CA LYS H 18 -7.66 17.99 42.40
C LYS H 18 -8.28 18.32 43.76
N ASN H 19 -9.58 18.03 43.88
CA ASN H 19 -10.27 18.02 45.17
C ASN H 19 -9.75 16.92 46.06
N ASP H 20 -9.81 17.11 47.37
CA ASP H 20 -9.39 16.07 48.29
C ASP H 20 -10.24 16.05 49.56
N ARG H 21 -10.27 14.88 50.17
CA ARG H 21 -10.94 14.62 51.42
C ARG H 21 -10.94 15.83 52.37
N THR H 22 -9.82 16.52 52.46
CA THR H 22 -9.61 17.55 53.50
C THR H 22 -10.01 18.99 53.10
N GLY H 23 -10.49 19.16 51.87
CA GLY H 23 -10.95 20.45 51.41
C GLY H 23 -9.80 21.34 50.96
N THR H 24 -8.59 20.93 51.29
CA THR H 24 -7.40 21.70 50.97
C THR H 24 -7.14 21.82 49.48
N GLY H 25 -7.41 20.75 48.74
CA GLY H 25 -7.06 20.72 47.33
C GLY H 25 -5.60 20.36 47.16
N THR H 26 -5.30 19.70 46.03
CA THR H 26 -3.96 19.20 45.78
C THR H 26 -3.62 19.35 44.29
N LEU H 27 -2.33 19.33 43.98
CA LEU H 27 -1.89 19.01 42.60
C LEU H 27 -1.53 17.56 42.66
N SER H 28 -1.93 16.80 41.64
CA SER H 28 -1.87 15.36 41.76
C SER H 28 -1.44 14.66 40.47
N ILE H 29 -0.60 13.64 40.62
CA ILE H 29 -0.34 12.72 39.50
C ILE H 29 -0.61 11.31 39.99
N PHE H 30 -0.71 10.36 39.08
CA PHE H 30 -1.02 8.99 39.46
C PHE H 30 -0.02 8.03 38.85
N GLY H 31 0.59 7.22 39.70
CA GLY H 31 1.64 6.29 39.31
C GLY H 31 3.01 6.92 39.19
N HIS H 32 3.93 6.41 39.99
CA HIS H 32 5.30 6.82 39.98
C HIS H 32 6.12 5.73 40.63
N GLN H 33 7.39 5.70 40.31
CA GLN H 33 8.29 4.76 40.97
C GLN H 33 9.68 5.37 41.09
N MET H 34 10.27 5.22 42.27
CA MET H 34 11.67 5.57 42.55
C MET H 34 12.38 4.33 43.10
N ARG H 35 13.69 4.34 42.98
CA ARG H 35 14.55 3.27 43.48
C ARG H 35 15.70 3.93 44.23
N PHE H 36 15.94 3.44 45.44
CA PHE H 36 17.08 3.89 46.21
C PHE H 36 17.99 2.71 46.47
N ASN H 37 19.18 2.77 45.88
CA ASN H 37 20.24 1.86 46.25
C ASN H 37 20.65 2.22 47.67
N LEU H 38 20.35 1.35 48.63
CA LEU H 38 20.63 1.71 50.02
C LEU H 38 22.11 1.50 50.34
N GLN H 39 22.87 1.02 49.35
CA GLN H 39 24.31 0.89 49.50
C GLN H 39 24.99 2.21 49.10
N ASP H 40 24.22 3.13 48.51
CA ASP H 40 24.74 4.44 48.11
C ASP H 40 24.63 5.51 49.22
N GLY H 41 23.87 5.20 50.26
CA GLY H 41 23.52 6.17 51.28
C GLY H 41 22.13 5.89 51.81
N PHE H 42 21.88 6.32 53.04
CA PHE H 42 20.56 6.13 53.63
C PHE H 42 19.69 7.28 53.14
N PRO H 43 18.55 6.95 52.53
CA PRO H 43 17.83 7.98 51.77
C PRO H 43 16.94 8.87 52.68
N LEU H 44 17.64 9.75 53.39
CA LEU H 44 16.98 10.77 54.16
C LEU H 44 17.18 12.12 53.47
N VAL H 45 16.06 12.67 53.01
CA VAL H 45 16.01 13.95 52.33
C VAL H 45 16.94 14.97 52.98
N THR H 46 17.65 15.71 52.15
CA THR H 46 18.66 16.65 52.62
C THR H 46 18.40 18.08 52.14
N THR H 47 17.33 18.29 51.38
CA THR H 47 16.96 19.63 50.95
C THR H 47 16.06 20.30 52.00
N LYS H 48 15.81 19.57 53.09
CA LYS H 48 15.28 20.10 54.33
C LYS H 48 15.72 19.09 55.37
N ARG H 49 15.79 19.53 56.62
CA ARG H 49 16.15 18.65 57.72
C ARG H 49 14.93 17.83 58.08
N CYS H 50 15.14 16.53 58.25
CA CYS H 50 14.04 15.62 58.57
C CYS H 50 14.18 15.06 59.97
N HIS H 51 13.05 15.00 60.65
CA HIS H 51 12.99 14.54 62.03
C HIS H 51 13.05 13.01 62.08
N LEU H 52 14.27 12.47 62.02
CA LEU H 52 14.46 11.03 62.10
C LEU H 52 13.95 10.37 63.38
N ARG H 53 13.93 11.09 64.49
CA ARG H 53 13.50 10.47 65.74
C ARG H 53 12.04 10.01 65.67
N SER H 54 11.20 10.78 64.99
CA SER H 54 9.77 10.44 64.87
C SER H 54 9.63 9.17 63.98
N ILE H 55 10.43 9.12 62.92
CA ILE H 55 10.41 7.95 62.01
C ILE H 55 10.72 6.66 62.74
N ILE H 56 11.79 6.71 63.51
CA ILE H 56 12.25 5.54 64.24
C ILE H 56 11.22 5.12 65.27
N HIS H 57 10.71 6.05 66.06
CA HIS H 57 9.74 5.70 67.08
C HIS H 57 8.46 5.11 66.48
N GLU H 58 8.01 5.67 65.35
CA GLU H 58 6.81 5.19 64.66
C GLU H 58 7.05 3.77 64.18
N LEU H 59 8.24 3.50 63.69
CA LEU H 59 8.49 2.16 63.15
C LEU H 59 8.48 1.16 64.30
N LEU H 60 9.22 1.49 65.35
CA LEU H 60 9.23 0.63 66.53
C LEU H 60 7.79 0.40 67.04
N TRP H 61 6.99 1.44 66.99
CA TRP H 61 5.61 1.35 67.44
C TRP H 61 4.83 0.42 66.49
N PHE H 62 5.09 0.52 65.18
CA PHE H 62 4.44 -0.40 64.23
C PHE H 62 4.82 -1.84 64.62
N LEU H 63 6.12 -2.09 64.70
CA LEU H 63 6.62 -3.45 64.89
C LEU H 63 6.07 -4.11 66.15
N GLN H 64 5.79 -3.32 67.19
CA GLN H 64 5.20 -3.88 68.41
C GLN H 64 3.70 -4.13 68.27
N GLY H 65 3.14 -3.80 67.12
CA GLY H 65 1.75 -4.13 66.85
C GLY H 65 0.80 -3.20 67.60
N ASP H 66 1.40 -2.15 68.15
CA ASP H 66 0.69 -1.14 68.92
C ASP H 66 -0.12 -0.24 68.00
N THR H 67 -1.32 0.13 68.44
CA THR H 67 -2.11 1.13 67.70
C THR H 67 -2.57 2.21 68.66
N ASN H 68 -2.05 2.18 69.88
CA ASN H 68 -2.34 3.29 70.79
C ASN H 68 -1.14 4.22 70.77
N ILE H 69 -1.39 5.52 70.66
CA ILE H 69 -0.30 6.47 70.50
C ILE H 69 0.40 6.83 71.82
N ALA H 70 -0.01 6.20 72.93
CA ALA H 70 0.61 6.48 74.22
C ALA H 70 2.12 6.36 74.14
N TYR H 71 2.60 5.36 73.40
CA TYR H 71 4.05 5.17 73.28
C TYR H 71 4.71 6.36 72.59
N LEU H 72 4.09 6.83 71.50
CA LEU H 72 4.61 7.97 70.76
C LEU H 72 4.64 9.23 71.66
N HIS H 73 3.52 9.47 72.34
CA HIS H 73 3.45 10.57 73.29
C HIS H 73 4.50 10.53 74.39
N GLU H 74 4.68 9.37 75.02
CA GLU H 74 5.72 9.22 76.03
C GLU H 74 7.04 9.72 75.46
N ASN H 75 7.20 9.62 74.15
CA ASN H 75 8.45 9.97 73.52
C ASN H 75 8.35 11.26 72.70
N ASN H 76 7.41 12.12 73.07
CA ASN H 76 7.17 13.37 72.36
C ASN H 76 7.16 13.21 70.86
N VAL H 77 6.46 12.18 70.37
CA VAL H 77 6.22 11.99 68.93
C VAL H 77 4.75 12.29 68.68
N THR H 78 4.49 13.35 67.94
CA THR H 78 3.13 13.89 67.86
C THR H 78 2.54 13.76 66.46
N ILE H 79 3.20 13.04 65.56
CA ILE H 79 2.78 12.99 64.17
C ILE H 79 1.38 12.39 64.01
N TRP H 80 0.95 11.55 64.94
CA TRP H 80 -0.39 10.96 64.84
C TRP H 80 -1.45 11.67 65.67
N ASP H 81 -1.11 12.78 66.33
CA ASP H 81 -2.03 13.36 67.32
C ASP H 81 -3.42 13.70 66.75
N GLU H 82 -3.46 14.31 65.57
CA GLU H 82 -4.72 14.74 64.96
C GLU H 82 -5.81 13.68 64.80
N TRP H 83 -5.45 12.40 64.75
CA TRP H 83 -6.42 11.36 64.37
C TRP H 83 -6.72 10.39 65.51
N ALA H 84 -5.98 10.51 66.62
CA ALA H 84 -6.14 9.56 67.68
C ALA H 84 -7.37 9.95 68.48
N ASP H 85 -8.00 8.97 69.11
CA ASP H 85 -9.12 9.29 69.95
C ASP H 85 -8.56 9.73 71.31
N GLU H 86 -9.43 9.79 72.30
CA GLU H 86 -9.09 10.48 73.52
C GLU H 86 -8.46 9.47 74.44
N ASN H 87 -8.68 8.20 74.14
CA ASN H 87 -7.97 7.12 74.80
C ASN H 87 -6.59 6.92 74.16
N GLY H 88 -6.30 7.66 73.09
CA GLY H 88 -5.04 7.49 72.38
C GLY H 88 -5.12 6.51 71.23
N ASP H 89 -6.31 5.94 71.01
CA ASP H 89 -6.49 4.87 70.06
C ASP H 89 -6.69 5.35 68.63
N LEU H 90 -6.18 4.56 67.68
CA LEU H 90 -6.34 4.83 66.26
C LEU H 90 -7.06 3.66 65.61
N GLY H 91 -7.32 2.62 66.37
CA GLY H 91 -7.90 1.43 65.80
C GLY H 91 -6.88 0.57 65.09
N PRO H 92 -7.37 -0.38 64.27
CA PRO H 92 -6.47 -1.44 63.82
C PRO H 92 -5.61 -1.02 62.61
N VAL H 93 -4.89 0.09 62.72
CA VAL H 93 -4.04 0.57 61.64
C VAL H 93 -2.80 -0.33 61.49
N TYR H 94 -1.81 0.13 60.77
CA TYR H 94 -0.62 -0.65 60.44
C TYR H 94 -0.19 -1.72 61.46
N GLY H 95 0.14 -1.31 62.68
CA GLY H 95 0.73 -2.24 63.63
C GLY H 95 -0.17 -3.44 63.86
N LYS H 96 -1.45 -3.16 63.97
CA LYS H 96 -2.39 -4.19 64.26
C LYS H 96 -2.38 -5.21 63.11
N GLN H 97 -2.35 -4.70 61.89
CA GLN H 97 -2.37 -5.57 60.73
C GLN H 97 -1.03 -6.29 60.61
N TRP H 98 0.05 -5.55 60.82
CA TRP H 98 1.38 -6.11 60.68
C TRP H 98 1.64 -7.34 61.56
N ARG H 99 1.17 -7.28 62.80
CA ARG H 99 1.49 -8.32 63.78
C ARG H 99 0.34 -9.26 64.07
N ALA H 100 -0.88 -8.81 63.76
CA ALA H 100 -2.06 -9.49 64.28
C ALA H 100 -3.25 -9.25 63.38
N TRP H 101 -3.05 -9.47 62.08
CA TRP H 101 -4.13 -9.46 61.13
C TRP H 101 -5.19 -10.49 61.52
N PRO H 102 -6.45 -10.03 61.66
CA PRO H 102 -7.56 -10.87 62.11
C PRO H 102 -8.19 -11.56 60.94
N THR H 103 -8.55 -12.82 61.13
CA THR H 103 -9.24 -13.60 60.12
C THR H 103 -10.66 -13.79 60.63
N PRO H 104 -11.46 -14.65 59.97
CA PRO H 104 -12.79 -14.99 60.51
C PRO H 104 -12.82 -16.16 61.51
N ASP H 105 -11.85 -16.19 62.42
CA ASP H 105 -11.75 -17.29 63.37
C ASP H 105 -11.34 -16.81 64.77
N GLY H 106 -11.09 -15.52 64.92
CA GLY H 106 -10.39 -15.01 66.08
C GLY H 106 -8.91 -15.24 65.89
N ARG H 107 -8.55 -15.74 64.73
CA ARG H 107 -7.17 -16.04 64.42
C ARG H 107 -6.45 -14.74 64.13
N HIS H 108 -5.15 -14.70 64.39
CA HIS H 108 -4.34 -13.56 64.04
C HIS H 108 -3.09 -14.06 63.30
N ILE H 109 -2.73 -13.38 62.22
CA ILE H 109 -1.49 -13.70 61.52
C ILE H 109 -0.48 -12.59 61.76
N ASP H 110 0.72 -12.98 62.17
CA ASP H 110 1.81 -12.06 62.45
C ASP H 110 2.62 -12.01 61.18
N GLN H 111 2.29 -11.06 60.32
CA GLN H 111 2.89 -11.01 58.98
C GLN H 111 4.39 -10.74 59.06
N ILE H 112 4.80 -10.04 60.12
CA ILE H 112 6.21 -9.68 60.24
C ILE H 112 7.01 -10.94 60.50
N THR H 113 6.51 -11.80 61.37
CA THR H 113 7.23 -13.02 61.67
C THR H 113 7.26 -13.93 60.46
N THR H 114 6.10 -14.07 59.83
CA THR H 114 6.01 -14.89 58.65
C THR H 114 7.10 -14.44 57.68
N VAL H 115 7.19 -13.12 57.50
CA VAL H 115 8.16 -12.52 56.59
C VAL H 115 9.60 -12.88 56.94
N LEU H 116 9.97 -12.68 58.19
CA LEU H 116 11.31 -13.04 58.65
C LEU H 116 11.60 -14.51 58.37
N ASN H 117 10.63 -15.37 58.63
CA ASN H 117 10.82 -16.79 58.41
C ASN H 117 11.13 -17.04 56.97
N GLN H 118 10.34 -16.43 56.08
CA GLN H 118 10.56 -16.62 54.66
C GLN H 118 11.95 -16.14 54.23
N LEU H 119 12.40 -15.00 54.76
CA LEU H 119 13.74 -14.49 54.40
C LEU H 119 14.89 -15.38 54.92
N LYS H 120 14.71 -16.03 56.08
CA LYS H 120 15.74 -16.90 56.61
C LYS H 120 15.66 -18.29 55.97
N ASN H 121 14.48 -18.62 55.46
CA ASN H 121 14.18 -19.98 54.99
C ASN H 121 13.80 -20.11 53.53
N ASP H 122 13.19 -19.08 52.97
CA ASP H 122 12.66 -19.14 51.61
C ASP H 122 12.91 -17.85 50.83
N PRO H 123 14.19 -17.42 50.78
CA PRO H 123 14.64 -16.15 50.20
C PRO H 123 14.34 -16.01 48.71
N ASP H 124 14.13 -17.12 48.01
CA ASP H 124 13.75 -17.06 46.59
C ASP H 124 12.26 -16.69 46.43
N SER H 125 11.50 -16.88 47.52
CA SER H 125 10.04 -16.72 47.47
C SER H 125 9.56 -15.38 46.93
N ARG H 126 8.59 -15.45 46.05
CA ARG H 126 8.08 -14.28 45.41
C ARG H 126 6.83 -13.78 46.11
N ARG H 127 6.53 -14.32 47.29
CA ARG H 127 5.38 -13.81 48.02
C ARG H 127 5.71 -13.45 49.45
N ILE H 128 6.82 -12.75 49.63
CA ILE H 128 7.17 -12.26 50.95
C ILE H 128 6.50 -10.89 51.12
N ILE H 129 5.27 -10.92 51.63
CA ILE H 129 4.36 -9.80 51.53
C ILE H 129 3.73 -9.41 52.87
N VAL H 130 3.69 -8.11 53.15
CA VAL H 130 2.85 -7.58 54.20
C VAL H 130 1.79 -6.65 53.65
N SER H 131 0.54 -6.85 54.05
CA SER H 131 -0.53 -5.93 53.68
C SER H 131 -1.11 -5.35 54.95
N ALA H 132 -1.44 -4.06 54.87
CA ALA H 132 -2.18 -3.36 55.91
C ALA H 132 -3.60 -3.17 55.40
N TRP H 133 -3.82 -3.55 54.15
CA TRP H 133 -5.10 -3.25 53.52
C TRP H 133 -6.11 -4.33 53.85
N ASN H 134 -6.51 -4.36 55.12
CA ASN H 134 -7.47 -5.33 55.57
C ASN H 134 -8.87 -4.77 55.41
N VAL H 135 -9.45 -5.16 54.28
CA VAL H 135 -10.70 -4.62 53.77
C VAL H 135 -11.80 -4.69 54.82
N GLY H 136 -11.79 -5.74 55.63
CA GLY H 136 -12.85 -5.96 56.59
C GLY H 136 -12.74 -5.04 57.80
N GLU H 137 -11.64 -4.29 57.89
CA GLU H 137 -11.31 -3.52 59.10
C GLU H 137 -11.04 -2.04 58.83
N LEU H 138 -11.09 -1.67 57.55
CA LEU H 138 -10.82 -0.31 57.13
C LEU H 138 -11.63 0.71 57.89
N ASP H 139 -12.92 0.42 58.06
CA ASP H 139 -13.87 1.38 58.61
C ASP H 139 -13.59 1.62 60.10
N LYS H 140 -12.92 0.66 60.72
CA LYS H 140 -12.49 0.77 62.11
C LYS H 140 -11.21 1.60 62.27
N MET H 141 -10.62 2.07 61.19
CA MET H 141 -9.34 2.75 61.26
C MET H 141 -9.51 4.26 61.22
N ALA H 142 -8.64 4.97 61.94
CA ALA H 142 -8.67 6.42 61.94
C ALA H 142 -8.32 7.02 60.58
N LEU H 143 -7.46 6.33 59.84
CA LEU H 143 -7.06 6.73 58.51
C LEU H 143 -6.86 5.46 57.69
N ALA H 144 -7.14 5.54 56.40
CA ALA H 144 -6.92 4.41 55.49
C ALA H 144 -5.42 4.17 55.33
N PRO H 145 -5.00 2.90 55.31
CA PRO H 145 -3.55 2.74 55.18
C PRO H 145 -2.99 3.43 53.90
N CYS H 146 -2.05 4.38 54.03
CA CYS H 146 -1.34 4.95 52.89
C CYS H 146 -0.25 4.01 52.39
N HIS H 147 0.67 3.64 53.28
CA HIS H 147 1.71 2.70 52.92
C HIS H 147 1.13 1.29 53.12
N ALA H 148 0.43 0.80 52.10
CA ALA H 148 -0.57 -0.24 52.33
C ALA H 148 -0.10 -1.67 52.09
N PHE H 149 0.92 -1.84 51.26
CA PHE H 149 1.26 -3.16 50.75
C PHE H 149 2.75 -3.19 50.45
N PHE H 150 3.50 -4.13 51.02
CA PHE H 150 4.91 -4.22 50.66
C PHE H 150 5.46 -5.63 50.53
N GLN H 151 6.55 -5.70 49.80
CA GLN H 151 7.09 -6.98 49.38
C GLN H 151 8.60 -6.93 49.50
N PHE H 152 9.19 -8.02 49.98
CA PHE H 152 10.64 -8.14 50.05
C PHE H 152 11.15 -9.07 48.96
N TYR H 153 12.45 -8.96 48.69
CA TYR H 153 13.08 -9.66 47.57
C TYR H 153 14.55 -9.78 47.89
N VAL H 154 15.08 -10.98 47.69
CA VAL H 154 16.46 -11.28 48.00
C VAL H 154 17.13 -11.84 46.75
N ALA H 155 18.21 -11.18 46.32
CA ALA H 155 19.03 -11.65 45.21
C ALA H 155 20.49 -11.30 45.47
N ASP H 156 21.38 -12.27 45.32
CA ASP H 156 22.80 -12.01 45.46
C ASP H 156 23.11 -11.57 46.89
N GLY H 157 22.43 -12.17 47.86
CA GLY H 157 22.67 -11.88 49.26
C GLY H 157 22.10 -10.56 49.75
N LYS H 158 21.60 -9.74 48.82
CA LYS H 158 21.17 -8.39 49.17
C LYS H 158 19.65 -8.30 49.24
N LEU H 159 19.17 -7.55 50.24
CA LEU H 159 17.74 -7.46 50.49
C LEU H 159 17.14 -6.21 49.91
N SER H 160 16.01 -6.39 49.25
CA SER H 160 15.27 -5.29 48.66
C SER H 160 13.83 -5.31 49.14
N CYS H 161 13.22 -4.14 49.02
CA CYS H 161 11.86 -3.97 49.46
C CYS H 161 11.19 -3.02 48.50
N GLN H 162 9.96 -3.38 48.13
CA GLN H 162 9.13 -2.47 47.37
C GLN H 162 7.87 -2.22 48.16
N LEU H 163 7.56 -0.95 48.30
CA LEU H 163 6.34 -0.52 48.96
C LEU H 163 5.37 -0.02 47.94
N TYR H 164 4.11 -0.42 48.04
CA TYR H 164 3.04 0.27 47.36
C TYR H 164 2.31 1.24 48.30
N GLN H 165 2.50 2.52 48.00
CA GLN H 165 1.86 3.61 48.71
C GLN H 165 0.75 4.24 47.85
N ARG H 166 -0.49 4.07 48.26
CA ARG H 166 -1.61 4.43 47.41
C ARG H 166 -1.82 5.92 47.37
N SER H 167 -1.28 6.61 48.35
CA SER H 167 -1.59 8.02 48.50
C SER H 167 -0.36 8.63 49.12
N CYS H 168 0.12 9.71 48.54
CA CYS H 168 1.39 10.27 48.99
C CYS H 168 1.43 11.79 49.03
N ASP H 169 1.53 12.32 50.26
CA ASP H 169 1.79 13.73 50.48
C ASP H 169 3.29 13.91 50.26
N VAL H 170 3.67 14.39 49.08
CA VAL H 170 5.07 14.44 48.66
C VAL H 170 5.94 15.29 49.60
N PHE H 171 5.35 16.39 50.08
CA PHE H 171 6.12 17.30 50.95
C PHE H 171 6.29 16.75 52.36
N LEU H 172 5.19 16.42 53.02
CA LEU H 172 5.28 16.04 54.42
C LEU H 172 5.61 14.57 54.58
N GLY H 173 4.82 13.71 53.94
CA GLY H 173 4.82 12.30 54.25
C GLY H 173 5.95 11.53 53.60
N LEU H 174 6.19 11.77 52.32
CA LEU H 174 7.07 10.90 51.57
C LEU H 174 8.48 10.76 52.15
N PRO H 175 9.08 11.88 52.62
CA PRO H 175 10.43 11.69 53.15
C PRO H 175 10.43 10.74 54.38
N PHE H 176 9.37 10.83 55.18
CA PHE H 176 9.19 9.93 56.31
C PHE H 176 9.01 8.48 55.86
N ASN H 177 8.18 8.27 54.84
CA ASN H 177 7.91 6.94 54.38
C ASN H 177 9.16 6.25 53.86
N ILE H 178 9.95 7.00 53.11
CA ILE H 178 11.11 6.41 52.49
C ILE H 178 12.08 6.00 53.59
N ALA H 179 12.35 6.92 54.53
CA ALA H 179 13.30 6.63 55.59
C ALA H 179 12.82 5.45 56.43
N SER H 180 11.53 5.39 56.70
CA SER H 180 10.95 4.34 57.53
C SER H 180 11.14 2.94 56.96
N TYR H 181 10.80 2.79 55.69
CA TYR H 181 11.02 1.53 55.01
C TYR H 181 12.50 1.29 54.83
N ALA H 182 13.25 2.32 54.44
CA ALA H 182 14.71 2.16 54.33
C ALA H 182 15.22 1.61 55.62
N LEU H 183 14.69 2.13 56.74
CA LEU H 183 15.15 1.72 58.03
C LEU H 183 14.69 0.29 58.32
N LEU H 184 13.48 -0.04 57.91
CA LEU H 184 13.00 -1.42 58.04
C LEU H 184 13.92 -2.41 57.31
N VAL H 185 14.30 -2.04 56.09
CA VAL H 185 15.15 -2.90 55.26
C VAL H 185 16.51 -3.14 55.90
N HIS H 186 17.08 -2.09 56.50
CA HIS H 186 18.36 -2.23 57.19
C HIS H 186 18.26 -3.14 58.40
N MET H 187 17.09 -3.13 59.03
CA MET H 187 16.82 -3.93 60.21
C MET H 187 16.63 -5.38 59.87
N MET H 188 15.84 -5.57 58.83
CA MET H 188 15.53 -6.88 58.32
C MET H 188 16.78 -7.56 57.75
N ALA H 189 17.59 -6.77 57.04
CA ALA H 189 18.85 -7.26 56.48
C ALA H 189 19.78 -7.70 57.60
N GLN H 190 19.84 -6.88 58.64
CA GLN H 190 20.66 -7.21 59.78
C GLN H 190 20.21 -8.56 60.34
N GLN H 191 18.91 -8.69 60.56
CA GLN H 191 18.35 -9.89 61.17
C GLN H 191 18.44 -11.13 60.29
N CYS H 192 18.49 -10.93 58.97
CA CYS H 192 18.59 -12.07 58.04
C CYS H 192 19.98 -12.25 57.45
N ASP H 193 20.97 -11.60 58.05
CA ASP H 193 22.35 -11.73 57.59
C ASP H 193 22.48 -11.39 56.10
N LEU H 194 21.76 -10.36 55.67
CA LEU H 194 21.83 -9.88 54.29
C LEU H 194 22.48 -8.49 54.19
N GLU H 195 22.82 -8.10 52.96
CA GLU H 195 23.25 -6.74 52.70
C GLU H 195 22.02 -6.00 52.18
N VAL H 196 22.08 -4.67 52.22
CA VAL H 196 20.96 -3.85 51.80
C VAL H 196 20.98 -3.74 50.28
N GLY H 197 19.82 -3.90 49.66
CA GLY H 197 19.74 -3.78 48.23
C GLY H 197 19.06 -2.48 47.89
N ASP H 198 17.94 -2.61 47.19
CA ASP H 198 17.14 -1.47 46.77
C ASP H 198 15.92 -1.27 47.69
N PHE H 199 15.57 -0.01 47.93
CA PHE H 199 14.23 0.27 48.36
C PHE H 199 13.51 0.79 47.15
N VAL H 200 12.48 0.09 46.70
CA VAL H 200 11.73 0.61 45.57
C VAL H 200 10.45 1.18 46.11
N TRP H 201 10.21 2.44 45.80
CA TRP H 201 9.00 3.10 46.22
C TRP H 201 8.07 3.28 45.04
N THR H 202 6.84 2.78 45.17
CA THR H 202 5.84 2.98 44.17
C THR H 202 4.63 3.72 44.69
N GLY H 203 4.23 4.77 44.00
CA GLY H 203 3.11 5.57 44.44
C GLY H 203 1.88 5.52 43.55
N GLY H 204 0.73 5.61 44.20
CA GLY H 204 -0.54 5.79 43.56
C GLY H 204 -0.80 7.28 43.41
N ASP H 205 -1.83 7.80 44.08
CA ASP H 205 -2.12 9.25 44.05
C ASP H 205 -1.02 10.00 44.78
N THR H 206 -0.17 10.66 44.02
CA THR H 206 1.03 11.26 44.56
C THR H 206 0.93 12.76 44.41
N HIS H 207 0.90 13.50 45.53
CA HIS H 207 0.46 14.87 45.38
C HIS H 207 1.11 15.88 46.27
N LEU H 208 0.91 17.15 45.89
CA LEU H 208 1.31 18.29 46.71
C LEU H 208 0.08 19.09 47.12
N TYR H 209 -0.08 19.34 48.42
CA TYR H 209 -1.21 20.14 48.87
C TYR H 209 -1.07 21.59 48.44
N SER H 210 -2.20 22.22 48.14
CA SER H 210 -2.18 23.55 47.53
C SER H 210 -1.48 24.55 48.47
N ASN H 211 -1.42 24.22 49.75
CA ASN H 211 -0.83 25.15 50.72
C ASN H 211 0.60 24.72 51.13
N HIS H 212 1.21 23.84 50.33
CA HIS H 212 2.62 23.47 50.50
C HIS H 212 3.47 23.95 49.33
N MET H 213 2.92 24.85 48.53
CA MET H 213 3.60 25.27 47.32
C MET H 213 4.79 26.21 47.63
N ASP H 214 4.67 27.06 48.66
CA ASP H 214 5.79 27.96 48.97
C ASP H 214 6.97 27.09 49.37
N GLN H 215 6.69 26.18 50.28
CA GLN H 215 7.66 25.27 50.83
C GLN H 215 8.30 24.44 49.72
N THR H 216 7.48 24.01 48.77
CA THR H 216 7.96 23.22 47.65
C THR H 216 8.94 24.04 46.79
N HIS H 217 8.54 25.26 46.42
CA HIS H 217 9.36 26.05 45.55
C HIS H 217 10.67 26.34 46.26
N LEU H 218 10.58 26.67 47.54
CA LEU H 218 11.76 26.83 48.37
C LEU H 218 12.66 25.58 48.29
N GLN H 219 12.10 24.41 48.59
CA GLN H 219 12.93 23.23 48.69
C GLN H 219 13.54 22.93 47.33
N LEU H 220 12.72 23.03 46.28
CA LEU H 220 13.22 22.85 44.92
C LEU H 220 14.38 23.77 44.56
N SER H 221 14.58 24.85 45.29
CA SER H 221 15.62 25.79 44.91
C SER H 221 16.96 25.36 45.48
N ARG H 222 16.94 24.27 46.26
CA ARG H 222 18.11 23.82 47.01
C ARG H 222 18.76 22.64 46.32
N GLU H 223 20.09 22.64 46.25
CA GLU H 223 20.83 21.52 45.65
C GLU H 223 20.95 20.44 46.69
N PRO H 224 20.68 19.18 46.32
CA PRO H 224 20.82 18.11 47.32
C PRO H 224 22.27 17.94 47.77
N ARG H 225 22.43 17.45 49.00
CA ARG H 225 23.74 17.07 49.52
C ARG H 225 23.95 15.54 49.50
N PRO H 226 25.19 15.09 49.79
CA PRO H 226 25.49 13.66 49.88
C PRO H 226 24.67 13.01 50.97
N LEU H 227 24.27 11.77 50.75
CA LEU H 227 23.47 11.06 51.73
C LEU H 227 24.29 10.65 52.96
N PRO H 228 23.63 10.63 54.13
CA PRO H 228 24.21 10.20 55.41
C PRO H 228 24.33 8.68 55.45
N LYS H 229 24.98 8.16 56.49
CA LYS H 229 25.14 6.72 56.65
C LYS H 229 24.44 6.27 57.94
N LEU H 230 23.62 5.24 57.81
CA LEU H 230 22.88 4.70 58.94
C LEU H 230 23.76 3.75 59.73
N ILE H 231 23.84 3.96 61.03
CA ILE H 231 24.54 3.03 61.88
C ILE H 231 23.60 2.43 62.92
N ILE H 232 23.57 1.11 62.99
CA ILE H 232 22.92 0.42 64.09
C ILE H 232 24.01 -0.05 65.03
N LYS H 233 23.97 0.38 66.28
CA LYS H 233 25.09 0.16 67.20
C LYS H 233 25.18 -1.28 67.70
N ARG H 234 24.05 -1.96 67.79
CA ARG H 234 24.04 -3.35 68.24
C ARG H 234 23.10 -4.23 67.40
N LYS H 235 23.39 -5.54 67.35
CA LYS H 235 22.49 -6.49 66.73
C LYS H 235 21.60 -7.14 67.79
N PRO H 236 20.32 -6.75 67.82
CA PRO H 236 19.34 -7.22 68.80
C PRO H 236 18.82 -8.66 68.56
N GLU H 237 18.13 -9.18 69.56
CA GLU H 237 17.68 -10.58 69.60
C GLU H 237 16.71 -10.96 68.49
N SER H 238 15.88 -10.00 68.08
CA SER H 238 14.90 -10.21 67.01
C SER H 238 14.54 -8.89 66.37
N ILE H 239 13.71 -8.95 65.33
CA ILE H 239 13.25 -7.74 64.68
C ILE H 239 12.44 -6.87 65.66
N PHE H 240 12.00 -7.46 66.78
CA PHE H 240 11.10 -6.79 67.72
C PHE H 240 11.84 -6.18 68.91
N ASP H 241 13.17 -6.29 68.89
CA ASP H 241 13.97 -5.98 70.06
C ASP H 241 14.83 -4.74 69.85
N TYR H 242 14.57 -4.00 68.78
CA TYR H 242 15.31 -2.76 68.55
C TYR H 242 14.87 -1.68 69.55
N ARG H 243 15.83 -0.90 70.02
CA ARG H 243 15.53 0.27 70.82
C ARG H 243 16.02 1.50 70.11
N PHE H 244 15.29 2.59 70.33
CA PHE H 244 15.56 3.86 69.69
C PHE H 244 17.03 4.26 69.75
N GLU H 245 17.70 3.93 70.85
CA GLU H 245 19.13 4.24 71.01
C GLU H 245 20.04 3.44 70.07
N ASP H 246 19.49 2.42 69.43
CA ASP H 246 20.28 1.53 68.59
C ASP H 246 20.74 2.22 67.30
N PHE H 247 20.07 3.29 66.93
CA PHE H 247 20.29 3.84 65.61
C PHE H 247 21.06 5.15 65.73
N GLU H 248 22.04 5.34 64.86
CA GLU H 248 22.74 6.61 64.78
C GLU H 248 22.89 6.99 63.31
N ILE H 249 22.64 8.24 63.01
CA ILE H 249 22.84 8.72 61.66
C ILE H 249 24.16 9.48 61.63
N GLU H 250 24.95 9.26 60.59
CA GLU H 250 26.24 9.92 60.43
C GLU H 250 26.29 10.75 59.16
N GLY H 251 26.89 11.92 59.24
CA GLY H 251 27.11 12.74 58.07
C GLY H 251 25.84 13.32 57.49
N TYR H 252 24.81 13.45 58.30
CA TYR H 252 23.60 14.14 57.86
C TYR H 252 23.77 15.67 57.92
N ASP H 253 23.88 16.31 56.76
CA ASP H 253 24.05 17.77 56.69
C ASP H 253 22.93 18.41 55.87
N PRO H 254 21.70 18.40 56.39
CA PRO H 254 20.60 18.90 55.58
C PRO H 254 20.54 20.42 55.52
N HIS H 255 19.92 20.94 54.45
CA HIS H 255 19.43 22.30 54.45
C HIS H 255 18.46 22.44 55.63
N PRO H 256 18.13 23.68 55.99
CA PRO H 256 17.21 23.95 57.10
C PRO H 256 15.84 23.28 56.96
N GLY H 257 15.19 23.01 58.08
CA GLY H 257 13.84 22.50 58.04
C GLY H 257 12.90 23.50 57.41
N ILE H 258 11.82 23.00 56.81
CA ILE H 258 10.79 23.83 56.21
C ILE H 258 9.49 23.48 56.91
N LYS H 259 8.92 24.45 57.60
CA LYS H 259 7.64 24.26 58.28
C LYS H 259 6.52 24.15 57.27
N ALA H 260 5.68 23.14 57.44
CA ALA H 260 4.47 23.02 56.63
C ALA H 260 3.33 22.38 57.38
N PRO H 261 2.10 22.84 57.10
CA PRO H 261 0.89 22.45 57.83
C PRO H 261 0.25 21.13 57.29
N VAL H 262 -0.12 20.22 58.18
CA VAL H 262 -0.72 18.96 57.73
C VAL H 262 -2.23 19.06 57.54
N ALA H 263 -2.69 18.82 56.32
CA ALA H 263 -4.11 18.86 56.03
C ALA H 263 -4.85 17.78 56.81
N ILE H 264 -5.80 18.17 57.66
CA ILE H 264 -6.53 17.21 58.47
C ILE H 264 -7.83 16.77 57.80
#